data_3R1B
#
_entry.id   3R1B
#
_cell.length_a   193.924
_cell.length_b   153.691
_cell.length_c   129.665
_cell.angle_alpha   90.00
_cell.angle_beta   122.22
_cell.angle_gamma   90.00
#
_symmetry.space_group_name_H-M   'C 1 2 1'
#
loop_
_entity.id
_entity.type
_entity.pdbx_description
1 polymer 'Cytochrome P450 2B4'
2 branched beta-D-fructofuranose-(2-1)-alpha-D-glucopyranose
3 non-polymer 'PROTOPORPHYRIN IX CONTAINING FE'
4 non-polymer (4-tert-butylphenyl)acetaldehyde
5 non-polymer 5-CYCLOHEXYL-1-PENTYL-BETA-D-MALTOSIDE
#
_entity_poly.entity_id   1
_entity_poly.type   'polypeptide(L)'
_entity_poly.pdbx_seq_one_letter_code
;MAKKTSSKGKLPPGPSPLPVLGNLLQMDRKGLLRSFLRLREKYGDVFTVYLGSRPVVVLCGTDAIREALVDQAEAFSGRG
KIAVVDPIFQGYGVIFANGERWRALRRFSLATMRDFGMGKRSVEERIQEEARCLVEELRKSKGALLDNTLLFHSITSNII
CSIVFGKRFDYKDPVFLRLLDLFFQSFSLISSFSSQVFELFSGFLKYFPGTHRQIYRNLQEINTFIGQSVEKHRATLDPS
NPRDFIDVYLLRMEKDKSDPSSEFHHQNLILTVLSLFFAGTETTSTTLRYGFLLMLKYPHVTERVQKEIEQVIGSHRPPA
LDDRAKMPYTDAVIHEIQRLGDLIPFGVPHTVTKDTQFRGYVIPKNTEVFPVLSSALHDPRYFETPNTFNPGHFLDANGA
LKRNEGFMPFSLGKRICLGEGIARTELFLFFTTILQNFSIASPVPPEDIDLTPRESGVGNVPPSYQIRFLARHHHH
;
_entity_poly.pdbx_strand_id   A,B,C,D
#
loop_
_chem_comp.id
_chem_comp.type
_chem_comp.name
_chem_comp.formula
CM5 non-polymer 5-CYCLOHEXYL-1-PENTYL-BETA-D-MALTOSIDE 'C23 H42 O11'
FRU D-saccharide, beta linking beta-D-fructofuranose 'C6 H12 O6'
GLC D-saccharide, alpha linking alpha-D-glucopyranose 'C6 H12 O6'
HEM non-polymer 'PROTOPORPHYRIN IX CONTAINING FE' 'C34 H32 Fe N4 O4'
TB2 non-polymer (4-tert-butylphenyl)acetaldehyde 'C12 H16 O'
#
# COMPACT_ATOMS: atom_id res chain seq x y z
N GLY A 9 5.17 -16.49 -38.94
CA GLY A 9 6.34 -15.83 -38.40
C GLY A 9 6.04 -14.40 -38.00
N LYS A 10 5.15 -14.23 -37.04
CA LYS A 10 4.78 -12.91 -36.57
C LYS A 10 5.49 -12.57 -35.25
N LEU A 11 6.00 -11.34 -35.17
CA LEU A 11 6.57 -10.85 -33.93
C LEU A 11 5.46 -10.67 -32.90
N PRO A 12 5.83 -10.45 -31.63
CA PRO A 12 4.83 -10.25 -30.58
C PRO A 12 4.06 -8.95 -30.74
N PRO A 13 2.88 -8.86 -30.11
CA PRO A 13 2.04 -7.66 -30.06
C PRO A 13 2.86 -6.38 -29.86
N GLY A 14 2.39 -5.27 -30.40
CA GLY A 14 3.11 -4.00 -30.26
C GLY A 14 2.34 -2.81 -30.80
N PRO A 15 2.82 -1.60 -30.48
CA PRO A 15 2.22 -0.34 -30.94
C PRO A 15 2.58 -0.02 -32.38
N SER A 16 2.16 1.15 -32.84
CA SER A 16 2.42 1.58 -34.20
C SER A 16 3.61 2.52 -34.30
N PRO A 17 4.54 2.21 -35.21
CA PRO A 17 5.74 3.04 -35.44
C PRO A 17 5.37 4.38 -36.07
N LEU A 18 6.23 5.37 -35.88
CA LEU A 18 6.03 6.65 -36.49
C LEU A 18 7.34 6.69 -37.31
N PRO A 19 7.27 7.22 -38.53
CA PRO A 19 8.32 7.15 -39.54
C PRO A 19 9.45 8.14 -39.24
N VAL A 20 10.55 7.60 -38.74
CA VAL A 20 11.86 8.24 -38.85
C VAL A 20 12.02 9.50 -38.00
N LEU A 21 10.97 9.92 -37.30
CA LEU A 21 11.10 10.96 -36.29
C LEU A 21 11.03 10.40 -34.86
N GLY A 22 10.03 9.57 -34.63
CA GLY A 22 9.89 8.90 -33.35
C GLY A 22 8.57 9.14 -32.65
N ASN A 23 7.69 8.16 -32.76
CA ASN A 23 6.43 8.17 -32.02
C ASN A 23 6.67 8.60 -30.58
N LEU A 24 7.60 7.93 -29.92
CA LEU A 24 7.92 8.20 -28.52
C LEU A 24 9.41 8.52 -28.34
N LEU A 25 9.97 9.26 -29.29
CA LEU A 25 11.39 9.58 -29.25
C LEU A 25 11.71 10.87 -28.49
N GLN A 26 12.49 10.73 -27.42
CA GLN A 26 12.93 11.88 -26.65
C GLN A 26 12.28 11.98 -25.28
N MET A 27 11.52 10.96 -24.91
CA MET A 27 10.81 10.96 -23.63
C MET A 27 11.80 10.85 -22.47
N ASP A 28 11.35 11.27 -21.28
CA ASP A 28 12.21 11.27 -20.10
C ASP A 28 11.79 10.09 -19.24
N ARG A 29 12.66 9.70 -18.31
CA ARG A 29 12.47 8.50 -17.50
C ARG A 29 11.03 8.40 -16.98
N LYS A 30 10.53 9.48 -16.38
CA LYS A 30 9.20 9.49 -15.78
C LYS A 30 8.11 9.27 -16.81
N GLY A 31 8.19 9.99 -17.93
CA GLY A 31 7.22 9.86 -18.99
C GLY A 31 7.20 8.45 -19.57
N LEU A 32 8.38 7.87 -19.75
CA LEU A 32 8.52 6.52 -20.28
C LEU A 32 8.00 5.46 -19.31
N LEU A 33 8.33 5.61 -18.04
CA LEU A 33 7.81 4.71 -17.02
C LEU A 33 6.29 4.65 -17.14
N ARG A 34 5.68 5.81 -17.36
CA ARG A 34 4.24 5.90 -17.57
C ARG A 34 3.85 5.18 -18.85
N SER A 35 4.63 5.38 -19.91
CA SER A 35 4.38 4.74 -21.19
C SER A 35 4.58 3.22 -21.10
N PHE A 36 5.60 2.82 -20.35
CA PHE A 36 5.94 1.41 -20.22
C PHE A 36 4.85 0.63 -19.49
N LEU A 37 4.33 1.20 -18.41
CA LEU A 37 3.25 0.58 -17.66
C LEU A 37 2.03 0.39 -18.54
N ARG A 38 1.82 1.31 -19.47
CA ARG A 38 0.69 1.26 -20.38
C ARG A 38 0.87 0.17 -21.43
N LEU A 39 2.01 0.19 -22.12
CA LEU A 39 2.33 -0.82 -23.12
C LEU A 39 2.16 -2.23 -22.56
N ARG A 40 2.84 -2.50 -21.45
CA ARG A 40 2.74 -3.76 -20.76
C ARG A 40 1.29 -4.12 -20.47
N GLU A 41 0.50 -3.11 -20.13
CA GLU A 41 -0.91 -3.31 -19.81
C GLU A 41 -1.70 -3.61 -21.08
N LYS A 42 -1.33 -2.96 -22.17
CA LYS A 42 -2.05 -3.10 -23.44
C LYS A 42 -1.74 -4.43 -24.13
N TYR A 43 -0.48 -4.83 -24.11
CA TYR A 43 -0.03 -5.97 -24.91
C TYR A 43 0.39 -7.20 -24.10
N GLY A 44 0.85 -6.98 -22.87
CA GLY A 44 1.30 -8.07 -22.04
C GLY A 44 2.78 -7.98 -21.71
N ASP A 45 3.34 -9.06 -21.19
CA ASP A 45 4.72 -9.06 -20.73
C ASP A 45 5.74 -9.13 -21.86
N VAL A 46 5.31 -9.62 -23.01
CA VAL A 46 6.18 -9.65 -24.18
C VAL A 46 5.58 -8.82 -25.30
N PHE A 47 6.13 -7.64 -25.53
CA PHE A 47 5.66 -6.79 -26.62
C PHE A 47 6.78 -6.29 -27.51
N THR A 48 6.43 -5.89 -28.73
CA THR A 48 7.39 -5.37 -29.69
C THR A 48 7.22 -3.87 -29.85
N VAL A 49 8.33 -3.13 -29.81
CA VAL A 49 8.29 -1.70 -30.07
C VAL A 49 9.17 -1.40 -31.28
N TYR A 50 8.69 -0.50 -32.14
CA TYR A 50 9.36 -0.22 -33.40
C TYR A 50 10.17 1.07 -33.40
N LEU A 51 11.44 0.96 -33.73
CA LEU A 51 12.34 2.10 -33.75
C LEU A 51 13.36 2.16 -34.88
N GLY A 52 13.45 3.30 -35.55
CA GLY A 52 14.39 3.50 -36.64
C GLY A 52 14.45 2.28 -37.56
N SER A 53 13.31 1.88 -38.10
CA SER A 53 13.22 0.78 -39.06
C SER A 53 13.49 -0.63 -38.49
N ARG A 54 13.49 -0.76 -37.17
CA ARG A 54 13.88 -2.01 -36.51
C ARG A 54 12.94 -2.22 -35.31
N PRO A 55 12.56 -3.49 -35.07
CA PRO A 55 11.75 -3.87 -33.92
C PRO A 55 12.62 -4.41 -32.78
N VAL A 56 12.40 -3.93 -31.57
CA VAL A 56 13.06 -4.50 -30.40
C VAL A 56 12.03 -5.19 -29.51
N VAL A 57 12.29 -6.43 -29.16
CA VAL A 57 11.36 -7.20 -28.32
C VAL A 57 11.61 -6.89 -26.85
N VAL A 58 10.54 -6.58 -26.12
CA VAL A 58 10.65 -6.21 -24.72
C VAL A 58 10.06 -7.28 -23.79
N LEU A 59 10.90 -7.79 -22.89
CA LEU A 59 10.48 -8.81 -21.94
C LEU A 59 10.24 -8.22 -20.56
N CYS A 60 9.09 -8.53 -19.98
CA CYS A 60 8.70 -7.91 -18.72
C CYS A 60 8.42 -8.92 -17.61
N GLY A 61 8.96 -8.64 -16.42
CA GLY A 61 8.72 -9.46 -15.26
C GLY A 61 9.63 -10.65 -15.12
N THR A 62 9.43 -11.41 -14.05
CA THR A 62 10.25 -12.57 -13.73
C THR A 62 10.13 -13.68 -14.77
N ASP A 63 8.91 -14.11 -15.06
CA ASP A 63 8.66 -15.25 -15.93
C ASP A 63 9.21 -15.06 -17.34
N ALA A 64 8.73 -14.05 -18.05
CA ALA A 64 9.15 -13.80 -19.43
C ALA A 64 10.67 -13.76 -19.57
N ILE A 65 11.33 -13.01 -18.69
CA ILE A 65 12.78 -12.91 -18.72
C ILE A 65 13.44 -14.27 -18.54
N ARG A 66 12.99 -15.02 -17.54
CA ARG A 66 13.55 -16.35 -17.25
C ARG A 66 13.33 -17.33 -18.39
N GLU A 67 12.17 -17.26 -19.02
CA GLU A 67 11.87 -18.09 -20.18
C GLU A 67 12.89 -17.83 -21.28
N ALA A 68 13.33 -16.58 -21.40
CA ALA A 68 14.25 -16.20 -22.46
C ALA A 68 15.70 -16.49 -22.09
N LEU A 69 16.18 -15.86 -21.02
CA LEU A 69 17.59 -15.93 -20.66
C LEU A 69 17.98 -17.35 -20.24
N VAL A 70 17.11 -18.01 -19.49
CA VAL A 70 17.44 -19.32 -18.94
C VAL A 70 16.95 -20.59 -19.66
N ASP A 71 15.69 -20.60 -20.07
CA ASP A 71 15.12 -21.77 -20.73
C ASP A 71 15.57 -21.78 -22.20
N GLN A 72 15.98 -20.64 -22.71
CA GLN A 72 16.56 -20.56 -24.06
C GLN A 72 17.81 -19.69 -24.04
N ALA A 73 18.73 -20.03 -23.14
CA ALA A 73 19.93 -19.24 -22.88
C ALA A 73 20.74 -18.92 -24.14
N GLU A 74 21.12 -19.95 -24.89
CA GLU A 74 21.91 -19.76 -26.09
C GLU A 74 21.20 -18.86 -27.10
N ALA A 75 19.94 -19.19 -27.39
CA ALA A 75 19.15 -18.40 -28.31
C ALA A 75 19.21 -16.91 -27.97
N PHE A 76 19.31 -16.61 -26.68
CA PHE A 76 19.31 -15.22 -26.22
C PHE A 76 20.68 -14.75 -25.72
N SER A 77 21.74 -15.45 -26.12
CA SER A 77 23.07 -15.16 -25.59
C SER A 77 23.78 -14.03 -26.32
N GLY A 78 23.17 -13.54 -27.41
CA GLY A 78 23.75 -12.46 -28.18
C GLY A 78 23.75 -11.13 -27.43
N ARG A 79 24.85 -10.41 -27.52
CA ARG A 79 24.98 -9.10 -26.89
C ARG A 79 24.61 -7.99 -27.86
N GLY A 80 23.90 -6.98 -27.37
CA GLY A 80 23.46 -5.86 -28.20
C GLY A 80 24.53 -5.33 -29.12
N LYS A 81 24.21 -5.27 -30.41
CA LYS A 81 25.15 -4.78 -31.41
C LYS A 81 25.42 -3.28 -31.24
N ILE A 82 26.63 -2.86 -31.60
CA ILE A 82 27.02 -1.47 -31.48
C ILE A 82 27.57 -0.93 -32.80
N ALA A 83 26.74 -0.21 -33.55
CA ALA A 83 27.11 0.24 -34.88
C ALA A 83 27.23 1.76 -35.00
N VAL A 84 28.47 2.25 -34.99
CA VAL A 84 28.76 3.65 -35.25
C VAL A 84 30.14 3.75 -35.89
N VAL A 85 30.40 4.83 -36.63
CA VAL A 85 31.74 5.06 -37.18
C VAL A 85 32.39 6.26 -36.52
N ASP A 86 33.51 6.01 -35.86
CA ASP A 86 34.32 7.04 -35.22
C ASP A 86 35.75 6.54 -35.27
N PRO A 87 36.70 7.34 -34.77
CA PRO A 87 37.96 6.69 -34.45
C PRO A 87 37.98 5.79 -33.22
N ILE A 88 37.64 6.34 -32.06
CA ILE A 88 37.59 5.60 -30.79
C ILE A 88 36.65 4.39 -30.89
N PHE A 89 35.48 4.58 -31.49
CA PHE A 89 34.48 3.52 -31.58
C PHE A 89 34.95 2.36 -32.46
N GLN A 90 35.60 2.68 -33.57
CA GLN A 90 36.07 1.68 -34.51
C GLN A 90 37.07 0.70 -33.90
N GLY A 91 38.18 1.23 -33.40
CA GLY A 91 39.23 0.41 -32.84
C GLY A 91 38.77 -0.47 -31.69
N TYR A 92 38.00 0.11 -30.76
CA TYR A 92 37.59 -0.60 -29.56
C TYR A 92 36.31 -1.41 -29.81
N GLY A 93 35.30 -0.74 -30.35
CA GLY A 93 34.04 -1.39 -30.64
C GLY A 93 34.23 -2.73 -31.32
N VAL A 94 35.11 -2.77 -32.31
CA VAL A 94 35.42 -4.01 -33.01
C VAL A 94 35.92 -5.08 -32.06
N ILE A 95 36.95 -4.74 -31.29
CA ILE A 95 37.57 -5.67 -30.35
C ILE A 95 36.53 -6.50 -29.58
N PHE A 96 35.42 -5.87 -29.21
CA PHE A 96 34.38 -6.56 -28.45
C PHE A 96 33.03 -6.64 -29.15
N ALA A 97 33.03 -6.43 -30.47
CA ALA A 97 31.81 -6.54 -31.24
C ALA A 97 31.35 -7.99 -31.29
N ASN A 98 32.31 -8.91 -31.36
CA ASN A 98 32.02 -10.33 -31.46
C ASN A 98 31.58 -10.94 -30.13
N GLY A 99 30.68 -11.92 -30.20
CA GLY A 99 30.25 -12.63 -29.01
C GLY A 99 31.34 -13.53 -28.46
N GLU A 100 32.16 -14.07 -29.35
CA GLU A 100 33.26 -14.94 -28.96
C GLU A 100 34.25 -14.22 -28.05
N ARG A 101 34.50 -12.95 -28.36
CA ARG A 101 35.42 -12.14 -27.58
C ARG A 101 34.95 -11.99 -26.12
N TRP A 102 33.64 -11.81 -25.94
CA TRP A 102 33.08 -11.73 -24.59
C TRP A 102 33.37 -13.00 -23.81
N ARG A 103 33.05 -14.14 -24.43
CA ARG A 103 33.33 -15.43 -23.82
C ARG A 103 34.80 -15.53 -23.44
N ALA A 104 35.67 -15.12 -24.35
CA ALA A 104 37.12 -15.14 -24.11
C ALA A 104 37.49 -14.40 -22.83
N LEU A 105 36.80 -13.30 -22.56
CA LEU A 105 37.08 -12.52 -21.37
C LEU A 105 36.78 -13.33 -20.11
N ARG A 106 35.64 -14.02 -20.11
CA ARG A 106 35.27 -14.89 -18.99
C ARG A 106 36.28 -16.03 -18.89
N ARG A 107 36.44 -16.74 -20.00
CA ARG A 107 37.29 -17.92 -20.06
C ARG A 107 38.69 -17.66 -19.50
N PHE A 108 39.14 -16.41 -19.63
CA PHE A 108 40.46 -16.03 -19.13
C PHE A 108 40.44 -15.71 -17.63
N SER A 109 39.39 -15.03 -17.20
CA SER A 109 39.30 -14.58 -15.81
C SER A 109 39.10 -15.75 -14.84
N LEU A 110 38.32 -16.73 -15.26
CA LEU A 110 38.04 -17.90 -14.43
C LEU A 110 39.26 -18.81 -14.32
N ALA A 111 39.87 -19.09 -15.46
CA ALA A 111 41.04 -19.96 -15.50
C ALA A 111 42.23 -19.32 -14.81
N THR A 112 42.44 -18.03 -15.06
CA THR A 112 43.52 -17.29 -14.42
C THR A 112 43.33 -17.26 -12.91
N MET A 113 42.08 -17.08 -12.49
CA MET A 113 41.76 -17.01 -11.07
C MET A 113 42.04 -18.35 -10.40
N ARG A 114 41.92 -19.42 -11.18
CA ARG A 114 42.05 -20.77 -10.66
C ARG A 114 43.50 -21.22 -10.58
N ASP A 115 44.23 -21.04 -11.68
CA ASP A 115 45.58 -21.60 -11.82
C ASP A 115 46.69 -20.72 -11.24
N PHE A 116 46.41 -19.44 -11.03
CA PHE A 116 47.47 -18.49 -10.69
C PHE A 116 47.25 -17.67 -9.45
N GLY A 117 46.90 -18.30 -8.33
CA GLY A 117 46.69 -17.56 -7.09
C GLY A 117 47.85 -16.60 -6.85
N MET A 118 47.75 -15.42 -7.45
CA MET A 118 48.89 -14.52 -7.59
C MET A 118 49.10 -13.57 -6.43
N GLY A 119 49.96 -13.97 -5.48
CA GLY A 119 50.40 -13.05 -4.44
C GLY A 119 50.02 -13.29 -2.99
N LYS A 120 50.07 -14.55 -2.56
CA LYS A 120 50.03 -14.89 -1.14
C LYS A 120 48.72 -14.49 -0.46
N ARG A 121 47.71 -14.12 -1.26
CA ARG A 121 46.41 -13.76 -0.69
C ARG A 121 45.28 -13.92 -1.71
N SER A 122 44.22 -14.61 -1.30
CA SER A 122 43.05 -14.87 -2.14
C SER A 122 42.18 -13.63 -2.28
N VAL A 123 41.22 -13.68 -3.20
CA VAL A 123 40.29 -12.56 -3.39
C VAL A 123 39.62 -12.17 -2.09
N GLU A 124 38.91 -13.11 -1.46
CA GLU A 124 38.28 -12.84 -0.18
C GLU A 124 39.26 -12.18 0.79
N GLU A 125 40.53 -12.53 0.65
CA GLU A 125 41.55 -12.04 1.55
C GLU A 125 41.88 -10.58 1.28
N ARG A 126 42.02 -10.22 0.01
CA ARG A 126 42.36 -8.86 -0.37
C ARG A 126 41.23 -7.92 0.02
N ILE A 127 40.02 -8.47 0.11
CA ILE A 127 38.85 -7.69 0.49
C ILE A 127 38.78 -7.50 2.00
N GLN A 128 39.16 -8.53 2.74
CA GLN A 128 39.25 -8.44 4.19
C GLN A 128 40.27 -7.40 4.60
N GLU A 129 41.34 -7.30 3.80
CA GLU A 129 42.39 -6.32 4.02
C GLU A 129 41.90 -4.91 3.72
N GLU A 130 41.31 -4.75 2.54
CA GLU A 130 40.81 -3.45 2.11
C GLU A 130 39.82 -2.90 3.14
N ALA A 131 38.95 -3.77 3.63
CA ALA A 131 38.02 -3.40 4.68
C ALA A 131 38.80 -2.91 5.89
N ARG A 132 39.92 -3.56 6.16
CA ARG A 132 40.75 -3.22 7.32
C ARG A 132 41.36 -1.83 7.20
N CYS A 133 41.77 -1.47 5.98
CA CYS A 133 42.29 -0.13 5.73
C CYS A 133 41.15 0.89 5.74
N LEU A 134 39.96 0.45 5.35
CA LEU A 134 38.78 1.30 5.39
C LEU A 134 38.44 1.67 6.83
N VAL A 135 38.48 0.68 7.72
CA VAL A 135 38.21 0.93 9.13
C VAL A 135 39.30 1.81 9.73
N GLU A 136 40.51 1.68 9.19
CA GLU A 136 41.63 2.49 9.63
C GLU A 136 41.47 3.92 9.14
N GLU A 137 40.93 4.05 7.93
CA GLU A 137 40.73 5.36 7.32
C GLU A 137 39.51 6.06 7.88
N LEU A 138 38.49 5.28 8.22
CA LEU A 138 37.21 5.83 8.67
C LEU A 138 37.34 6.48 10.04
N ARG A 139 38.32 6.03 10.82
CA ARG A 139 38.60 6.64 12.11
C ARG A 139 39.33 7.98 11.98
N LYS A 140 40.10 8.11 10.90
CA LYS A 140 40.89 9.32 10.66
C LYS A 140 39.99 10.52 10.43
N SER A 141 38.68 10.28 10.32
CA SER A 141 37.76 11.36 10.11
C SER A 141 37.40 11.89 11.51
N LYS A 142 37.38 10.97 12.49
CA LYS A 142 36.94 11.34 13.80
C LYS A 142 35.51 11.87 13.85
N GLY A 143 34.57 11.11 13.30
CA GLY A 143 33.16 11.47 13.37
C GLY A 143 32.61 12.67 12.63
N ALA A 144 33.31 13.08 11.58
CA ALA A 144 32.93 14.27 10.83
C ALA A 144 31.86 13.83 9.83
N LEU A 145 31.33 14.81 9.08
CA LEU A 145 30.40 14.52 7.99
C LEU A 145 31.17 14.53 6.67
N LEU A 146 31.15 13.39 5.99
CA LEU A 146 31.84 13.28 4.71
C LEU A 146 30.91 12.72 3.65
N ASP A 147 31.45 12.54 2.45
CA ASP A 147 30.67 11.95 1.37
C ASP A 147 31.28 10.61 0.98
N ASN A 148 30.61 9.53 1.38
CA ASN A 148 31.07 8.17 1.11
C ASN A 148 31.38 7.91 -0.36
N THR A 149 30.85 8.76 -1.23
CA THR A 149 30.99 8.57 -2.67
C THR A 149 32.41 8.23 -3.12
N LEU A 150 33.38 9.01 -2.64
CA LEU A 150 34.77 8.81 -3.05
C LEU A 150 35.41 7.61 -2.33
N LEU A 151 35.15 7.50 -1.02
CA LEU A 151 35.66 6.37 -0.25
C LEU A 151 35.22 5.06 -0.88
N PHE A 152 33.92 4.89 -1.05
CA PHE A 152 33.37 3.68 -1.64
C PHE A 152 33.89 3.46 -3.06
N HIS A 153 34.20 4.55 -3.74
CA HIS A 153 34.83 4.47 -5.05
C HIS A 153 36.25 3.94 -4.91
N SER A 154 36.93 4.36 -3.85
CA SER A 154 38.31 3.94 -3.58
C SER A 154 38.39 2.45 -3.28
N ILE A 155 37.66 1.99 -2.28
CA ILE A 155 37.79 0.61 -1.79
C ILE A 155 37.48 -0.44 -2.87
N THR A 156 36.38 -0.26 -3.59
CA THR A 156 36.00 -1.23 -4.61
C THR A 156 36.99 -1.26 -5.78
N SER A 157 37.56 -0.10 -6.11
CA SER A 157 38.53 -0.01 -7.19
C SER A 157 39.86 -0.65 -6.81
N ASN A 158 40.30 -0.40 -5.58
CA ASN A 158 41.53 -1.00 -5.07
C ASN A 158 41.59 -2.50 -5.36
N ILE A 159 40.46 -3.17 -5.18
CA ILE A 159 40.38 -4.61 -5.42
C ILE A 159 40.75 -4.96 -6.85
N ILE A 160 40.12 -4.29 -7.81
CA ILE A 160 40.44 -4.50 -9.21
C ILE A 160 41.90 -4.15 -9.49
N CYS A 161 42.39 -3.12 -8.80
CA CYS A 161 43.78 -2.71 -8.92
C CYS A 161 44.72 -3.81 -8.46
N SER A 162 44.46 -4.33 -7.27
CA SER A 162 45.25 -5.42 -6.71
C SER A 162 45.33 -6.60 -7.69
N ILE A 163 44.17 -7.08 -8.12
CA ILE A 163 44.09 -8.24 -9.00
C ILE A 163 44.72 -8.04 -10.37
N VAL A 164 44.75 -6.79 -10.84
CA VAL A 164 45.25 -6.51 -12.18
C VAL A 164 46.65 -5.90 -12.21
N PHE A 165 46.89 -4.91 -11.35
CA PHE A 165 48.18 -4.20 -11.35
C PHE A 165 49.13 -4.73 -10.29
N GLY A 166 48.64 -5.60 -9.42
CA GLY A 166 49.48 -6.26 -8.43
C GLY A 166 49.69 -5.47 -7.16
N LYS A 167 48.92 -4.40 -6.99
CA LYS A 167 49.02 -3.60 -5.77
C LYS A 167 47.74 -2.81 -5.51
N ARG A 168 47.61 -2.30 -4.30
CA ARG A 168 46.51 -1.39 -3.97
C ARG A 168 47.09 -0.03 -3.62
N PHE A 169 46.36 1.03 -3.96
CA PHE A 169 46.82 2.39 -3.68
C PHE A 169 46.33 2.88 -2.33
N ASP A 170 47.03 3.86 -1.77
CA ASP A 170 46.59 4.49 -0.55
C ASP A 170 45.59 5.59 -0.89
N TYR A 171 44.56 5.73 -0.08
CA TYR A 171 43.45 6.62 -0.38
C TYR A 171 43.88 8.06 -0.68
N LYS A 172 45.04 8.46 -0.17
CA LYS A 172 45.54 9.82 -0.37
C LYS A 172 46.49 9.92 -1.56
N ASP A 173 47.14 8.80 -1.89
CA ASP A 173 48.04 8.75 -3.04
C ASP A 173 47.41 9.43 -4.25
N PRO A 174 48.11 10.42 -4.82
CA PRO A 174 47.63 11.19 -5.98
C PRO A 174 47.45 10.33 -7.23
N VAL A 175 48.43 9.47 -7.53
CA VAL A 175 48.34 8.61 -8.70
C VAL A 175 46.99 7.91 -8.71
N PHE A 176 46.48 7.62 -7.51
CA PHE A 176 45.21 6.94 -7.34
C PHE A 176 44.05 7.94 -7.33
N LEU A 177 44.13 8.93 -6.45
CA LEU A 177 43.09 9.96 -6.35
C LEU A 177 42.76 10.57 -7.70
N ARG A 178 43.75 10.60 -8.59
CA ARG A 178 43.57 11.19 -9.91
C ARG A 178 43.02 10.20 -10.91
N LEU A 179 43.41 8.93 -10.76
CA LEU A 179 42.89 7.88 -11.61
C LEU A 179 41.41 7.67 -11.32
N LEU A 180 41.04 7.83 -10.05
CA LEU A 180 39.65 7.72 -9.63
C LEU A 180 38.78 8.74 -10.33
N ASP A 181 39.31 9.94 -10.52
CA ASP A 181 38.59 11.00 -11.21
C ASP A 181 38.50 10.74 -12.70
N LEU A 182 39.61 10.29 -13.29
CA LEU A 182 39.65 9.94 -14.70
C LEU A 182 38.48 9.03 -15.09
N PHE A 183 38.14 8.10 -14.19
CA PHE A 183 37.12 7.11 -14.47
C PHE A 183 35.74 7.48 -13.95
N PHE A 184 35.68 8.08 -12.77
CA PHE A 184 34.42 8.15 -12.03
C PHE A 184 33.81 9.53 -11.84
N GLN A 185 34.61 10.59 -11.94
CA GLN A 185 34.06 11.94 -11.81
C GLN A 185 33.33 12.36 -13.08
N SER A 186 32.24 13.08 -12.91
CA SER A 186 31.42 13.50 -14.04
C SER A 186 31.89 14.83 -14.63
N PHE A 187 31.75 14.97 -15.93
CA PHE A 187 32.12 16.22 -16.58
C PHE A 187 30.90 16.82 -17.22
N SER A 188 30.63 18.07 -16.88
CA SER A 188 29.50 18.81 -17.44
C SER A 188 29.79 19.16 -18.89
N LEU A 189 28.77 19.07 -19.74
CA LEU A 189 28.93 19.45 -21.12
C LEU A 189 28.05 20.67 -21.38
N ILE A 190 28.66 21.74 -21.87
CA ILE A 190 27.92 22.97 -22.11
C ILE A 190 27.78 23.27 -23.59
N SER A 191 26.55 23.41 -24.05
CA SER A 191 26.28 23.70 -25.44
C SER A 191 24.96 24.43 -25.60
N SER A 192 24.81 25.13 -26.72
CA SER A 192 23.58 25.85 -27.04
C SER A 192 23.19 25.67 -28.50
N PHE A 193 21.89 25.54 -28.76
CA PHE A 193 21.38 25.38 -30.12
C PHE A 193 22.16 26.21 -31.13
N SER A 194 22.41 27.46 -30.76
CA SER A 194 23.24 28.34 -31.58
C SER A 194 24.57 27.68 -31.86
N SER A 195 25.38 27.55 -30.81
CA SER A 195 26.70 26.92 -30.89
C SER A 195 26.66 25.57 -31.62
N GLN A 196 25.67 24.75 -31.29
CA GLN A 196 25.54 23.43 -31.91
C GLN A 196 25.33 23.56 -33.42
N VAL A 197 24.46 24.48 -33.82
CA VAL A 197 24.21 24.73 -35.23
C VAL A 197 25.49 25.17 -35.94
N PHE A 198 26.23 26.07 -35.30
CA PHE A 198 27.47 26.56 -35.88
C PHE A 198 28.47 25.43 -36.03
N GLU A 199 28.56 24.59 -35.01
CA GLU A 199 29.48 23.48 -35.04
C GLU A 199 29.14 22.51 -36.16
N LEU A 200 27.85 22.26 -36.36
CA LEU A 200 27.47 21.30 -37.37
C LEU A 200 27.88 21.72 -38.77
N PHE A 201 27.61 22.96 -39.15
CA PHE A 201 28.00 23.42 -40.49
C PHE A 201 29.52 23.70 -40.68
N SER A 202 30.03 24.36 -39.72
CA SER A 202 31.48 24.70 -39.74
C SER A 202 32.23 24.18 -38.53
N GLY A 203 31.52 23.51 -37.71
CA GLY A 203 32.03 23.01 -36.45
C GLY A 203 33.05 21.90 -36.57
N PHE A 204 33.05 21.22 -37.69
CA PHE A 204 33.89 20.05 -37.78
C PHE A 204 33.33 19.16 -36.70
N LEU A 205 32.01 19.18 -36.62
CA LEU A 205 31.29 18.39 -35.64
C LEU A 205 31.51 16.92 -35.95
N LYS A 206 31.69 16.59 -37.22
CA LYS A 206 31.97 15.21 -37.57
C LYS A 206 33.20 14.69 -36.81
N TYR A 207 33.97 15.62 -36.24
CA TYR A 207 35.27 15.31 -35.64
C TYR A 207 35.20 15.16 -34.12
N PHE A 208 34.46 16.05 -33.47
CA PHE A 208 34.30 16.01 -32.01
C PHE A 208 32.83 15.91 -31.62
N PRO A 209 32.09 14.98 -32.23
CA PRO A 209 30.65 14.91 -31.93
C PRO A 209 30.41 14.59 -30.46
N GLY A 210 29.54 15.35 -29.83
CA GLY A 210 29.18 15.11 -28.44
C GLY A 210 30.35 15.03 -27.48
N THR A 211 30.48 13.87 -26.84
CA THR A 211 31.36 13.72 -25.68
C THR A 211 32.84 13.49 -25.99
N HIS A 212 33.17 13.25 -27.26
CA HIS A 212 34.55 13.01 -27.64
C HIS A 212 35.47 14.08 -27.06
N ARG A 213 35.02 15.32 -27.13
CA ARG A 213 35.77 16.46 -26.62
C ARG A 213 36.36 16.16 -25.24
N GLN A 214 35.52 15.61 -24.36
CA GLN A 214 35.93 15.36 -22.97
C GLN A 214 36.70 14.05 -22.79
N ILE A 215 36.15 12.96 -23.32
CA ILE A 215 36.75 11.64 -23.15
C ILE A 215 38.24 11.61 -23.50
N TYR A 216 38.59 12.11 -24.68
CA TYR A 216 39.96 12.07 -25.19
C TYR A 216 40.99 12.63 -24.20
N ARG A 217 40.57 13.56 -23.34
CA ARG A 217 41.45 14.13 -22.33
C ARG A 217 41.71 13.13 -21.22
N ASN A 218 40.70 12.32 -20.91
CA ASN A 218 40.85 11.22 -19.97
C ASN A 218 41.48 10.01 -20.64
N LEU A 219 40.97 9.68 -21.82
CA LEU A 219 41.42 8.51 -22.57
C LEU A 219 42.94 8.50 -22.78
N GLN A 220 43.50 9.65 -23.13
CA GLN A 220 44.94 9.78 -23.36
C GLN A 220 45.70 9.65 -22.05
N GLU A 221 45.19 10.29 -21.01
CA GLU A 221 45.81 10.24 -19.69
C GLU A 221 45.79 8.80 -19.15
N ILE A 222 44.70 8.08 -19.43
CA ILE A 222 44.56 6.69 -19.00
C ILE A 222 45.46 5.74 -19.80
N ASN A 223 45.34 5.81 -21.12
CA ASN A 223 46.16 4.98 -22.00
C ASN A 223 47.63 5.09 -21.59
N THR A 224 47.99 6.24 -21.02
CA THR A 224 49.32 6.45 -20.47
C THR A 224 49.69 5.62 -19.25
N PHE A 225 48.85 5.68 -18.21
CA PHE A 225 49.11 4.93 -16.98
C PHE A 225 49.20 3.43 -17.25
N ILE A 226 48.20 2.90 -17.96
CA ILE A 226 48.22 1.50 -18.35
C ILE A 226 49.50 1.20 -19.13
N GLY A 227 49.70 1.93 -20.22
CA GLY A 227 50.85 1.75 -21.07
C GLY A 227 52.17 1.72 -20.32
N GLN A 228 52.30 2.58 -19.30
CA GLN A 228 53.54 2.64 -18.53
C GLN A 228 53.56 1.59 -17.44
N SER A 229 52.38 1.15 -17.02
CA SER A 229 52.27 0.11 -16.00
C SER A 229 52.59 -1.25 -16.63
N VAL A 230 52.06 -1.47 -17.83
CA VAL A 230 52.41 -2.65 -18.60
C VAL A 230 53.92 -2.71 -18.75
N GLU A 231 54.53 -1.57 -18.96
CA GLU A 231 55.96 -1.49 -19.20
C GLU A 231 56.78 -1.85 -17.95
N LYS A 232 56.47 -1.19 -16.85
CA LYS A 232 57.12 -1.51 -15.58
C LYS A 232 56.98 -3.00 -15.27
N HIS A 233 55.82 -3.55 -15.62
CA HIS A 233 55.55 -4.97 -15.41
C HIS A 233 56.44 -5.86 -16.28
N ARG A 234 56.38 -5.65 -17.59
CA ARG A 234 57.07 -6.50 -18.56
C ARG A 234 58.57 -6.64 -18.28
N ALA A 235 59.15 -5.68 -17.56
CA ALA A 235 60.58 -5.63 -17.36
C ALA A 235 61.03 -6.41 -16.13
N THR A 236 60.08 -6.71 -15.25
CA THR A 236 60.37 -7.38 -13.98
C THR A 236 59.64 -8.71 -13.92
N LEU A 237 59.17 -9.16 -15.07
CA LEU A 237 58.32 -10.34 -15.18
C LEU A 237 59.06 -11.66 -14.96
N ASP A 238 58.90 -12.24 -13.78
CA ASP A 238 59.38 -13.58 -13.53
C ASP A 238 58.36 -14.55 -14.10
N PRO A 239 58.75 -15.31 -15.13
CA PRO A 239 57.84 -16.23 -15.83
C PRO A 239 57.41 -17.40 -14.96
N SER A 240 58.13 -17.63 -13.86
CA SER A 240 57.78 -18.71 -12.94
C SER A 240 56.85 -18.21 -11.85
N ASN A 241 56.86 -16.90 -11.64
CA ASN A 241 55.97 -16.26 -10.67
C ASN A 241 55.24 -15.00 -11.10
N PRO A 242 54.09 -15.18 -11.78
CA PRO A 242 53.22 -14.05 -12.11
C PRO A 242 52.67 -13.42 -10.84
N ARG A 243 52.32 -12.14 -10.91
CA ARG A 243 51.90 -11.40 -9.73
C ARG A 243 50.45 -10.95 -9.83
N ASP A 244 49.96 -10.84 -11.06
CA ASP A 244 48.64 -10.27 -11.31
C ASP A 244 48.17 -10.57 -12.73
N PHE A 245 46.97 -10.11 -13.05
CA PHE A 245 46.40 -10.35 -14.38
C PHE A 245 47.34 -9.94 -15.50
N ILE A 246 48.01 -8.80 -15.34
CA ILE A 246 48.89 -8.28 -16.38
C ILE A 246 50.04 -9.22 -16.72
N ASP A 247 50.76 -9.69 -15.71
CA ASP A 247 51.83 -10.67 -15.91
C ASP A 247 51.32 -11.85 -16.73
N VAL A 248 50.25 -12.44 -16.25
CA VAL A 248 49.68 -13.63 -16.87
C VAL A 248 49.27 -13.37 -18.33
N TYR A 249 49.07 -12.11 -18.68
CA TYR A 249 48.77 -11.76 -20.06
C TYR A 249 50.04 -11.50 -20.86
N LEU A 250 51.02 -10.87 -20.21
CA LEU A 250 52.31 -10.64 -20.84
C LEU A 250 52.92 -11.96 -21.29
N LEU A 251 52.94 -12.94 -20.39
CA LEU A 251 53.47 -14.27 -20.67
C LEU A 251 52.80 -14.87 -21.91
N ARG A 252 51.66 -14.30 -22.28
CA ARG A 252 50.83 -14.84 -23.34
C ARG A 252 51.20 -14.18 -24.67
N MET A 253 51.56 -12.90 -24.61
CA MET A 253 51.89 -12.13 -25.82
C MET A 253 53.38 -11.99 -26.01
N GLU A 254 54.15 -12.73 -25.21
CA GLU A 254 55.61 -12.74 -25.36
C GLU A 254 56.00 -13.41 -26.68
N LYS A 255 55.14 -14.29 -27.15
CA LYS A 255 55.29 -14.90 -28.47
C LYS A 255 55.05 -13.89 -29.58
N ASP A 256 54.03 -13.06 -29.38
CA ASP A 256 53.61 -12.07 -30.35
C ASP A 256 54.50 -10.84 -30.38
N LYS A 257 55.55 -10.87 -29.56
CA LYS A 257 56.47 -9.74 -29.49
C LYS A 257 57.13 -9.86 -30.85
N SER A 258 57.92 -8.86 -31.21
CA SER A 258 58.49 -8.82 -32.55
C SER A 258 57.44 -8.62 -33.62
N ASP A 259 56.32 -8.00 -33.22
CA ASP A 259 55.23 -7.69 -34.14
C ASP A 259 54.59 -6.34 -33.69
N PRO A 260 54.00 -5.75 -34.61
CA PRO A 260 53.33 -4.41 -34.32
C PRO A 260 51.93 -4.61 -33.70
N SER A 261 51.57 -5.87 -33.53
CA SER A 261 50.29 -6.26 -32.95
C SER A 261 50.23 -5.77 -31.52
N SER A 262 51.38 -5.47 -30.95
CA SER A 262 51.46 -5.04 -29.57
C SER A 262 50.61 -3.80 -29.33
N GLU A 263 50.62 -2.88 -30.30
CA GLU A 263 49.79 -1.69 -30.17
C GLU A 263 48.34 -2.13 -30.10
N PHE A 264 47.99 -3.11 -30.93
CA PHE A 264 46.67 -3.71 -30.91
C PHE A 264 46.39 -4.38 -29.56
N HIS A 265 47.37 -5.14 -29.06
CA HIS A 265 47.29 -5.77 -27.74
C HIS A 265 46.98 -4.72 -26.66
N HIS A 266 47.92 -3.82 -26.43
CA HIS A 266 47.81 -2.83 -25.37
C HIS A 266 46.42 -2.19 -25.29
N GLN A 267 45.84 -1.91 -26.46
CA GLN A 267 44.50 -1.33 -26.60
C GLN A 267 43.43 -2.34 -26.20
N ASN A 268 43.53 -3.55 -26.72
CA ASN A 268 42.70 -4.64 -26.23
C ASN A 268 42.66 -4.57 -24.72
N LEU A 269 43.84 -4.50 -24.11
CA LEU A 269 43.96 -4.49 -22.66
C LEU A 269 43.25 -3.30 -22.01
N ILE A 270 43.57 -2.08 -22.41
CA ILE A 270 43.01 -0.90 -21.75
C ILE A 270 41.50 -0.96 -21.53
N LEU A 271 40.73 -1.20 -22.58
CA LEU A 271 39.29 -1.22 -22.39
C LEU A 271 38.88 -2.34 -21.44
N THR A 272 39.34 -3.56 -21.70
CA THR A 272 38.99 -4.69 -20.84
C THR A 272 39.05 -4.33 -19.36
N VAL A 273 40.15 -3.71 -18.97
CA VAL A 273 40.37 -3.26 -17.62
C VAL A 273 39.41 -2.16 -17.23
N LEU A 274 39.20 -1.19 -18.11
CA LEU A 274 38.26 -0.13 -17.81
C LEU A 274 36.84 -0.67 -17.76
N SER A 275 36.50 -1.53 -18.70
CA SER A 275 35.18 -2.12 -18.73
C SER A 275 35.01 -2.95 -17.49
N LEU A 276 36.03 -3.74 -17.19
CA LEU A 276 36.04 -4.55 -15.98
C LEU A 276 36.09 -3.60 -14.81
N PHE A 277 36.96 -2.62 -14.94
CA PHE A 277 37.27 -1.67 -13.89
C PHE A 277 36.18 -0.72 -13.45
N PHE A 278 35.49 -0.12 -14.40
CA PHE A 278 34.55 0.93 -14.03
C PHE A 278 33.11 0.48 -13.94
N ALA A 279 32.63 -0.21 -14.97
CA ALA A 279 31.23 -0.56 -14.95
C ALA A 279 30.91 -1.47 -13.79
N GLY A 280 31.73 -2.49 -13.56
CA GLY A 280 31.47 -3.35 -12.43
C GLY A 280 31.71 -2.65 -11.12
N THR A 281 32.83 -1.96 -11.02
CA THR A 281 33.21 -1.26 -9.81
C THR A 281 32.29 -0.09 -9.47
N GLU A 282 31.92 0.68 -10.46
CA GLU A 282 31.05 1.81 -10.25
C GLU A 282 29.69 1.32 -9.77
N THR A 283 29.22 0.23 -10.36
CA THR A 283 27.94 -0.32 -9.99
C THR A 283 27.99 -0.77 -8.54
N THR A 284 29.09 -1.42 -8.17
CA THR A 284 29.27 -1.88 -6.80
C THR A 284 29.35 -0.75 -5.79
N SER A 285 30.08 0.31 -6.15
CA SER A 285 30.24 1.44 -5.27
C SER A 285 28.89 2.11 -5.01
N THR A 286 28.10 2.21 -6.07
CA THR A 286 26.77 2.77 -6.00
C THR A 286 25.87 1.91 -5.11
N THR A 287 25.94 0.60 -5.32
CA THR A 287 25.16 -0.34 -4.53
C THR A 287 25.43 -0.18 -3.03
N LEU A 288 26.71 -0.09 -2.68
CA LEU A 288 27.09 0.13 -1.29
C LEU A 288 26.50 1.45 -0.80
N ARG A 289 26.76 2.51 -1.54
CA ARG A 289 26.25 3.83 -1.19
C ARG A 289 24.75 3.76 -0.94
N TYR A 290 24.01 3.34 -1.95
CA TYR A 290 22.58 3.19 -1.81
C TYR A 290 22.26 2.39 -0.56
N GLY A 291 23.06 1.36 -0.31
CA GLY A 291 22.88 0.51 0.85
C GLY A 291 22.86 1.29 2.14
N PHE A 292 23.79 2.23 2.27
CA PHE A 292 23.90 3.00 3.51
C PHE A 292 22.88 4.12 3.63
N LEU A 293 22.33 4.57 2.50
CA LEU A 293 21.23 5.51 2.54
C LEU A 293 20.04 4.82 3.17
N LEU A 294 19.80 3.58 2.74
CA LEU A 294 18.76 2.75 3.34
C LEU A 294 19.01 2.53 4.83
N MET A 295 20.24 2.17 5.17
CA MET A 295 20.62 1.92 6.55
C MET A 295 20.28 3.12 7.44
N LEU A 296 20.41 4.32 6.89
CA LEU A 296 20.06 5.53 7.62
C LEU A 296 18.56 5.64 7.83
N LYS A 297 17.80 5.36 6.79
CA LYS A 297 16.34 5.51 6.83
C LYS A 297 15.68 4.48 7.74
N TYR A 298 16.14 3.23 7.67
CA TYR A 298 15.56 2.16 8.46
C TYR A 298 16.54 1.70 9.53
N PRO A 299 16.58 2.42 10.65
CA PRO A 299 17.51 2.18 11.76
C PRO A 299 17.19 0.86 12.44
N HIS A 300 15.90 0.53 12.49
CA HIS A 300 15.46 -0.72 13.09
C HIS A 300 16.22 -1.89 12.49
N VAL A 301 16.19 -1.98 11.16
CA VAL A 301 16.85 -3.08 10.46
C VAL A 301 18.36 -2.99 10.54
N THR A 302 18.90 -1.79 10.65
CA THR A 302 20.34 -1.61 10.83
C THR A 302 20.82 -2.22 12.14
N GLU A 303 19.98 -2.13 13.17
CA GLU A 303 20.32 -2.68 14.47
C GLU A 303 20.39 -4.21 14.43
N ARG A 304 19.36 -4.84 13.88
CA ARG A 304 19.35 -6.29 13.74
C ARG A 304 20.63 -6.75 13.04
N VAL A 305 20.97 -6.10 11.94
CA VAL A 305 22.20 -6.40 11.22
C VAL A 305 23.37 -6.38 12.20
N GLN A 306 23.48 -5.32 12.97
CA GLN A 306 24.54 -5.19 13.96
C GLN A 306 24.47 -6.28 15.04
N LYS A 307 23.28 -6.49 15.58
CA LYS A 307 23.08 -7.52 16.60
C LYS A 307 23.48 -8.91 16.09
N GLU A 308 23.19 -9.18 14.82
CA GLU A 308 23.52 -10.47 14.23
C GLU A 308 25.03 -10.62 14.04
N ILE A 309 25.66 -9.57 13.53
CA ILE A 309 27.11 -9.54 13.41
C ILE A 309 27.73 -9.93 14.74
N GLU A 310 27.14 -9.42 15.81
CA GLU A 310 27.66 -9.60 17.16
C GLU A 310 27.55 -11.04 17.66
N GLN A 311 26.53 -11.76 17.19
CA GLN A 311 26.25 -13.11 17.66
C GLN A 311 27.01 -14.18 16.87
N VAL A 312 27.58 -13.78 15.73
CA VAL A 312 28.22 -14.74 14.84
C VAL A 312 29.70 -14.41 14.66
N ILE A 313 30.03 -13.12 14.70
CA ILE A 313 31.39 -12.67 14.46
C ILE A 313 32.00 -12.05 15.70
N GLY A 314 31.16 -11.45 16.54
CA GLY A 314 31.65 -10.77 17.72
C GLY A 314 32.09 -9.36 17.40
N SER A 315 32.82 -8.73 18.32
CA SER A 315 33.23 -7.34 18.18
C SER A 315 34.64 -7.17 17.64
N HIS A 316 35.37 -8.28 17.48
CA HIS A 316 36.79 -8.17 17.16
C HIS A 316 37.25 -8.93 15.90
N ARG A 317 36.87 -10.20 15.78
CA ARG A 317 37.24 -10.94 14.58
C ARG A 317 36.76 -10.24 13.31
N PRO A 318 37.68 -9.96 12.39
CA PRO A 318 37.31 -9.44 11.08
C PRO A 318 36.31 -10.38 10.40
N PRO A 319 35.23 -9.83 9.83
CA PRO A 319 34.21 -10.64 9.17
C PRO A 319 34.79 -11.39 7.98
N ALA A 320 34.28 -12.59 7.72
CA ALA A 320 34.76 -13.40 6.60
C ALA A 320 33.60 -13.93 5.76
N LEU A 321 33.92 -14.35 4.54
CA LEU A 321 32.91 -14.80 3.58
C LEU A 321 32.12 -16.01 4.07
N ASP A 322 32.58 -16.63 5.15
CA ASP A 322 31.92 -17.82 5.67
C ASP A 322 30.79 -17.48 6.64
N ASP A 323 30.79 -16.26 7.15
CA ASP A 323 29.75 -15.84 8.07
C ASP A 323 28.43 -15.58 7.34
N ARG A 324 28.54 -15.24 6.06
CA ARG A 324 27.38 -14.91 5.25
C ARG A 324 26.33 -16.01 5.30
N ALA A 325 26.80 -17.26 5.42
CA ALA A 325 25.90 -18.41 5.46
C ALA A 325 25.32 -18.61 6.85
N LYS A 326 25.93 -17.98 7.85
CA LYS A 326 25.46 -18.08 9.23
C LYS A 326 24.72 -16.81 9.65
N MET A 327 24.52 -15.91 8.70
CA MET A 327 23.81 -14.66 8.95
C MET A 327 22.73 -14.44 7.90
N PRO A 328 21.60 -15.17 8.02
CA PRO A 328 20.52 -15.08 7.03
C PRO A 328 19.98 -13.67 6.91
N TYR A 329 19.81 -12.99 8.04
CA TYR A 329 19.17 -11.68 8.04
C TYR A 329 20.02 -10.62 7.33
N THR A 330 21.29 -10.51 7.70
CA THR A 330 22.18 -9.56 7.06
C THR A 330 22.27 -9.86 5.57
N ASP A 331 22.23 -11.14 5.24
CA ASP A 331 22.28 -11.56 3.84
C ASP A 331 20.99 -11.15 3.13
N ALA A 332 19.88 -11.16 3.87
CA ALA A 332 18.59 -10.76 3.33
C ALA A 332 18.55 -9.25 3.09
N VAL A 333 19.18 -8.48 3.98
CA VAL A 333 19.26 -7.04 3.84
C VAL A 333 20.04 -6.66 2.59
N ILE A 334 21.07 -7.45 2.28
CA ILE A 334 21.90 -7.18 1.12
C ILE A 334 21.20 -7.51 -0.19
N HIS A 335 20.36 -8.54 -0.17
CA HIS A 335 19.53 -8.86 -1.33
C HIS A 335 18.53 -7.73 -1.59
N GLU A 336 17.92 -7.24 -0.52
CA GLU A 336 16.93 -6.18 -0.61
C GLU A 336 17.57 -4.91 -1.15
N ILE A 337 18.74 -4.57 -0.61
CA ILE A 337 19.49 -3.39 -1.07
C ILE A 337 19.74 -3.45 -2.58
N GLN A 338 20.02 -4.63 -3.09
CA GLN A 338 20.26 -4.79 -4.52
C GLN A 338 18.96 -4.70 -5.30
N ARG A 339 17.90 -5.22 -4.71
CA ARG A 339 16.59 -5.22 -5.36
C ARG A 339 16.07 -3.79 -5.45
N LEU A 340 16.35 -2.98 -4.44
CA LEU A 340 15.88 -1.60 -4.41
C LEU A 340 16.84 -0.60 -5.02
N GLY A 341 18.14 -0.83 -4.87
CA GLY A 341 19.12 0.01 -5.53
C GLY A 341 18.76 0.00 -7.01
N ASP A 342 18.56 -1.21 -7.53
CA ASP A 342 18.08 -1.39 -8.90
C ASP A 342 18.79 -0.55 -9.95
N LEU A 343 20.12 -0.55 -9.89
CA LEU A 343 20.93 0.35 -10.71
C LEU A 343 20.89 0.15 -12.23
N ILE A 344 20.23 -0.92 -12.67
CA ILE A 344 20.22 -1.26 -14.09
C ILE A 344 18.80 -1.59 -14.56
N PRO A 345 17.91 -0.59 -14.54
CA PRO A 345 16.46 -0.69 -14.75
C PRO A 345 16.06 -1.44 -16.02
N PHE A 346 16.66 -1.07 -17.15
CA PHE A 346 16.33 -1.71 -18.42
C PHE A 346 17.25 -2.90 -18.66
N GLY A 347 18.45 -2.81 -18.11
CA GLY A 347 19.43 -3.87 -18.26
C GLY A 347 19.99 -3.90 -19.68
N VAL A 348 21.26 -4.28 -19.79
CA VAL A 348 21.91 -4.45 -21.07
C VAL A 348 20.98 -5.19 -22.03
N PRO A 349 20.94 -4.76 -23.30
CA PRO A 349 20.06 -5.41 -24.28
C PRO A 349 20.72 -6.65 -24.88
N HIS A 350 19.91 -7.61 -25.31
CA HIS A 350 20.42 -8.81 -25.96
C HIS A 350 20.02 -8.86 -27.42
N THR A 351 20.61 -9.80 -28.16
CA THR A 351 20.17 -10.08 -29.53
C THR A 351 20.03 -11.59 -29.66
N VAL A 352 18.85 -12.03 -30.11
CA VAL A 352 18.60 -13.46 -30.26
C VAL A 352 19.37 -14.03 -31.46
N THR A 353 20.24 -14.99 -31.18
CA THR A 353 21.21 -15.48 -32.16
C THR A 353 20.60 -16.27 -33.33
N LYS A 354 19.32 -16.59 -33.25
CA LYS A 354 18.67 -17.34 -34.33
C LYS A 354 17.16 -17.12 -34.31
N ASP A 355 16.48 -17.59 -35.35
CA ASP A 355 15.02 -17.47 -35.41
C ASP A 355 14.50 -18.28 -34.23
N THR A 356 13.87 -17.57 -33.29
CA THR A 356 13.48 -18.16 -32.02
C THR A 356 11.99 -18.04 -31.79
N GLN A 357 11.32 -19.18 -31.62
CA GLN A 357 9.93 -19.17 -31.17
C GLN A 357 9.90 -18.81 -29.69
N PHE A 358 8.96 -17.96 -29.32
CA PHE A 358 8.84 -17.52 -27.94
C PHE A 358 7.38 -17.25 -27.63
N ARG A 359 6.77 -18.11 -26.82
CA ARG A 359 5.35 -18.00 -26.50
C ARG A 359 4.48 -17.96 -27.75
N GLY A 360 4.95 -18.62 -28.81
CA GLY A 360 4.18 -18.72 -30.04
C GLY A 360 4.68 -17.78 -31.12
N TYR A 361 5.14 -16.59 -30.71
CA TYR A 361 5.65 -15.60 -31.64
C TYR A 361 7.03 -16.04 -32.13
N VAL A 362 7.59 -15.31 -33.11
CA VAL A 362 8.87 -15.69 -33.68
C VAL A 362 9.84 -14.53 -33.82
N ILE A 363 10.90 -14.55 -33.02
CA ILE A 363 11.88 -13.48 -33.00
C ILE A 363 13.08 -13.84 -33.89
N PRO A 364 13.26 -13.09 -34.99
CA PRO A 364 14.30 -13.36 -36.00
C PRO A 364 15.70 -13.10 -35.49
N LYS A 365 16.68 -13.77 -36.09
CA LYS A 365 18.08 -13.62 -35.70
C LYS A 365 18.40 -12.13 -35.61
N ASN A 366 19.17 -11.76 -34.58
CA ASN A 366 19.62 -10.39 -34.35
C ASN A 366 18.48 -9.39 -34.14
N THR A 367 17.39 -9.83 -33.51
CA THR A 367 16.33 -8.91 -33.14
C THR A 367 16.73 -8.57 -31.71
N GLU A 368 17.04 -7.30 -31.47
CA GLU A 368 17.47 -6.87 -30.14
C GLU A 368 16.35 -7.01 -29.13
N VAL A 369 16.63 -7.74 -28.05
CA VAL A 369 15.65 -7.96 -26.99
C VAL A 369 16.05 -7.19 -25.73
N PHE A 370 15.06 -6.62 -25.05
CA PHE A 370 15.30 -5.90 -23.81
C PHE A 370 14.70 -6.67 -22.63
N PRO A 371 15.56 -7.21 -21.76
CA PRO A 371 15.13 -7.88 -20.53
C PRO A 371 15.10 -6.81 -19.45
N VAL A 372 13.90 -6.26 -19.18
CA VAL A 372 13.78 -5.14 -18.25
C VAL A 372 13.88 -5.76 -16.86
N LEU A 373 15.04 -5.62 -16.24
CA LEU A 373 15.31 -6.24 -14.95
C LEU A 373 14.45 -5.60 -13.87
N SER A 374 14.30 -4.28 -13.93
CA SER A 374 13.51 -3.58 -12.94
C SER A 374 12.13 -4.20 -12.79
N SER A 375 11.56 -4.64 -13.91
CA SER A 375 10.22 -5.23 -13.90
C SER A 375 10.19 -6.58 -13.19
N ALA A 376 11.38 -7.13 -12.92
CA ALA A 376 11.50 -8.36 -12.16
C ALA A 376 11.81 -8.02 -10.71
N LEU A 377 12.81 -7.15 -10.53
CA LEU A 377 13.17 -6.67 -9.20
C LEU A 377 11.95 -6.19 -8.42
N HIS A 378 10.97 -5.66 -9.13
CA HIS A 378 9.76 -5.14 -8.50
C HIS A 378 8.53 -5.98 -8.83
N ASP A 379 8.76 -7.15 -9.43
CA ASP A 379 7.67 -8.03 -9.84
C ASP A 379 6.77 -8.41 -8.67
N PRO A 380 5.50 -7.96 -8.72
CA PRO A 380 4.51 -8.17 -7.66
C PRO A 380 4.15 -9.65 -7.47
N ARG A 381 4.38 -10.46 -8.49
CA ARG A 381 4.08 -11.89 -8.41
C ARG A 381 5.10 -12.61 -7.52
N TYR A 382 6.17 -11.92 -7.15
CA TYR A 382 7.26 -12.55 -6.42
C TYR A 382 7.72 -11.77 -5.19
N PHE A 383 7.27 -10.53 -5.05
CA PHE A 383 7.59 -9.74 -3.87
C PHE A 383 6.33 -9.22 -3.19
N GLU A 384 6.20 -9.54 -1.89
CA GLU A 384 5.04 -9.10 -1.12
C GLU A 384 4.84 -7.60 -1.19
N THR A 385 5.86 -6.84 -0.80
CA THR A 385 5.80 -5.38 -0.88
C THR A 385 6.85 -4.87 -1.87
N PRO A 386 6.50 -4.90 -3.17
CA PRO A 386 7.39 -4.64 -4.31
C PRO A 386 8.13 -3.31 -4.28
N ASN A 387 7.64 -2.33 -3.53
CA ASN A 387 8.29 -1.02 -3.49
C ASN A 387 8.75 -0.59 -2.10
N THR A 388 8.74 -1.54 -1.17
CA THR A 388 9.08 -1.26 0.22
C THR A 388 10.25 -2.13 0.68
N PHE A 389 11.24 -1.51 1.31
CA PHE A 389 12.37 -2.25 1.86
C PHE A 389 11.88 -3.29 2.86
N ASN A 390 12.06 -4.56 2.53
CA ASN A 390 11.53 -5.66 3.33
C ASN A 390 12.41 -6.90 3.26
N PRO A 391 13.30 -7.08 4.23
CA PRO A 391 14.24 -8.20 4.25
C PRO A 391 13.50 -9.54 4.25
N GLY A 392 12.20 -9.51 4.50
CA GLY A 392 11.39 -10.71 4.51
C GLY A 392 11.21 -11.31 3.13
N HIS A 393 11.50 -10.50 2.10
CA HIS A 393 11.41 -10.98 0.72
C HIS A 393 12.34 -12.18 0.50
N PHE A 394 13.27 -12.40 1.42
CA PHE A 394 14.29 -13.44 1.25
C PHE A 394 14.44 -14.36 2.46
N LEU A 395 13.47 -14.35 3.36
CA LEU A 395 13.53 -15.22 4.54
C LEU A 395 12.33 -16.18 4.59
N ASP A 396 12.61 -17.46 4.79
CA ASP A 396 11.55 -18.46 4.86
C ASP A 396 10.89 -18.44 6.24
N ALA A 397 9.97 -19.36 6.46
CA ALA A 397 9.18 -19.39 7.68
C ALA A 397 10.05 -19.45 8.94
N ASN A 398 11.20 -20.12 8.84
CA ASN A 398 12.04 -20.36 10.00
C ASN A 398 13.20 -19.36 10.13
N GLY A 399 13.04 -18.19 9.53
CA GLY A 399 14.05 -17.16 9.60
C GLY A 399 15.30 -17.49 8.80
N ALA A 400 15.20 -18.47 7.92
CA ALA A 400 16.32 -18.89 7.08
C ALA A 400 16.24 -18.25 5.71
N LEU A 401 17.38 -18.21 5.00
CA LEU A 401 17.44 -17.53 3.71
C LEU A 401 16.90 -18.39 2.57
N LYS A 402 15.73 -18.05 2.07
CA LYS A 402 15.21 -18.69 0.87
C LYS A 402 15.55 -17.81 -0.33
N ARG A 403 15.72 -18.44 -1.49
CA ARG A 403 16.03 -17.68 -2.70
C ARG A 403 14.73 -17.18 -3.32
N ASN A 404 14.78 -15.97 -3.87
CA ASN A 404 13.61 -15.44 -4.56
C ASN A 404 13.79 -15.52 -6.07
N GLU A 405 12.81 -16.14 -6.72
CA GLU A 405 12.92 -16.44 -8.14
C GLU A 405 13.01 -15.18 -8.99
N GLY A 406 12.63 -14.04 -8.42
CA GLY A 406 12.62 -12.78 -9.14
C GLY A 406 13.80 -11.89 -8.84
N PHE A 407 14.83 -12.43 -8.19
CA PHE A 407 16.01 -11.64 -7.84
C PHE A 407 17.17 -11.75 -8.82
N MET A 408 17.21 -10.85 -9.79
CA MET A 408 18.21 -10.91 -10.85
C MET A 408 18.86 -9.56 -11.15
N PRO A 409 19.63 -9.02 -10.18
CA PRO A 409 20.30 -7.73 -10.36
C PRO A 409 21.49 -7.88 -11.31
N PHE A 410 22.00 -9.11 -11.43
CA PHE A 410 23.14 -9.39 -12.29
C PHE A 410 22.69 -10.00 -13.61
N SER A 411 21.39 -9.89 -13.91
CA SER A 411 20.83 -10.57 -15.06
C SER A 411 20.97 -12.08 -14.89
N LEU A 412 20.72 -12.84 -15.94
CA LEU A 412 20.81 -14.29 -15.88
C LEU A 412 21.41 -14.88 -17.14
N GLY A 413 21.46 -16.21 -17.20
CA GLY A 413 21.87 -16.92 -18.39
C GLY A 413 23.35 -16.86 -18.69
N LYS A 414 23.71 -17.28 -19.90
CA LYS A 414 25.09 -17.27 -20.36
C LYS A 414 25.72 -15.89 -20.20
N ARG A 415 24.88 -14.86 -20.21
CA ARG A 415 25.35 -13.49 -20.29
C ARG A 415 25.46 -12.82 -18.93
N ILE A 416 25.21 -13.59 -17.87
CA ILE A 416 25.20 -13.05 -16.51
C ILE A 416 26.49 -12.30 -16.18
N CYS A 417 26.44 -11.44 -15.17
CA CYS A 417 27.57 -10.60 -14.82
C CYS A 417 28.84 -11.40 -14.47
N LEU A 418 29.91 -11.12 -15.21
CA LEU A 418 31.17 -11.81 -15.03
C LEU A 418 31.78 -11.49 -13.67
N GLY A 419 31.20 -10.53 -12.96
CA GLY A 419 31.71 -10.13 -11.66
C GLY A 419 30.70 -10.32 -10.54
N GLU A 420 29.61 -11.02 -10.85
CA GLU A 420 28.52 -11.20 -9.89
C GLU A 420 29.02 -11.73 -8.55
N GLY A 421 29.89 -12.73 -8.60
CA GLY A 421 30.45 -13.30 -7.39
C GLY A 421 31.35 -12.34 -6.63
N ILE A 422 32.39 -11.86 -7.30
CA ILE A 422 33.35 -10.96 -6.67
C ILE A 422 32.66 -9.72 -6.10
N ALA A 423 31.55 -9.33 -6.73
CA ALA A 423 30.79 -8.17 -6.27
C ALA A 423 30.09 -8.44 -4.95
N ARG A 424 29.32 -9.52 -4.90
CA ARG A 424 28.58 -9.88 -3.68
C ARG A 424 29.50 -10.08 -2.48
N THR A 425 30.71 -10.58 -2.73
CA THR A 425 31.68 -10.72 -1.65
C THR A 425 32.06 -9.34 -1.13
N GLU A 426 32.33 -8.41 -2.06
CA GLU A 426 32.65 -7.04 -1.69
C GLU A 426 31.51 -6.45 -0.85
N LEU A 427 30.28 -6.64 -1.30
CA LEU A 427 29.12 -6.12 -0.61
C LEU A 427 29.01 -6.63 0.82
N PHE A 428 29.19 -7.93 1.03
CA PHE A 428 29.02 -8.50 2.36
C PHE A 428 30.13 -8.13 3.33
N LEU A 429 31.38 -8.22 2.89
CA LEU A 429 32.51 -7.89 3.74
C LEU A 429 32.51 -6.41 4.10
N PHE A 430 32.44 -5.55 3.08
CA PHE A 430 32.41 -4.11 3.28
C PHE A 430 31.26 -3.67 4.20
N PHE A 431 30.11 -4.31 4.03
CA PHE A 431 28.94 -3.96 4.82
C PHE A 431 29.10 -4.38 6.28
N THR A 432 29.36 -5.67 6.50
CA THR A 432 29.46 -6.20 7.87
C THR A 432 30.63 -5.60 8.64
N THR A 433 31.75 -5.38 7.96
CA THR A 433 32.93 -4.78 8.59
C THR A 433 32.61 -3.37 9.09
N ILE A 434 32.22 -2.50 8.18
CA ILE A 434 31.83 -1.13 8.53
C ILE A 434 30.85 -1.09 9.70
N LEU A 435 29.84 -1.95 9.65
CA LEU A 435 28.79 -1.95 10.67
C LEU A 435 29.22 -2.65 11.98
N GLN A 436 30.23 -3.51 11.91
CA GLN A 436 30.76 -4.13 13.11
C GLN A 436 31.54 -3.11 13.92
N ASN A 437 32.17 -2.18 13.23
CA ASN A 437 33.06 -1.21 13.86
C ASN A 437 32.42 0.16 14.11
N PHE A 438 31.65 0.64 13.15
CA PHE A 438 31.09 1.99 13.26
C PHE A 438 29.57 2.02 13.38
N SER A 439 29.08 3.11 13.97
CA SER A 439 27.66 3.40 14.03
C SER A 439 27.40 4.59 13.10
N ILE A 440 26.28 4.56 12.39
CA ILE A 440 26.01 5.56 11.36
C ILE A 440 24.95 6.57 11.76
N ALA A 441 25.15 7.83 11.36
CA ALA A 441 24.22 8.90 11.67
C ALA A 441 24.22 9.97 10.58
N SER A 442 23.16 10.77 10.54
CA SER A 442 23.01 11.80 9.52
C SER A 442 22.19 12.98 10.03
N PRO A 443 22.42 14.17 9.47
CA PRO A 443 21.62 15.35 9.80
C PRO A 443 20.12 15.11 9.57
N VAL A 444 19.77 14.49 8.45
CA VAL A 444 18.38 14.23 8.11
C VAL A 444 17.79 13.12 8.98
N PRO A 445 16.56 13.33 9.46
CA PRO A 445 15.83 12.27 10.18
C PRO A 445 15.44 11.16 9.22
N PRO A 446 15.45 9.91 9.69
CA PRO A 446 15.11 8.74 8.86
C PRO A 446 13.81 8.93 8.11
N GLU A 447 12.79 9.47 8.77
CA GLU A 447 11.47 9.61 8.17
C GLU A 447 11.39 10.71 7.11
N ASP A 448 12.50 11.42 6.90
CA ASP A 448 12.54 12.46 5.87
C ASP A 448 13.61 12.20 4.81
N ILE A 449 14.38 11.13 4.99
CA ILE A 449 15.32 10.68 3.97
C ILE A 449 14.52 10.28 2.73
N ASP A 450 14.81 10.91 1.60
CA ASP A 450 14.16 10.51 0.36
C ASP A 450 15.04 9.54 -0.41
N LEU A 451 14.49 8.37 -0.71
CA LEU A 451 15.23 7.32 -1.40
C LEU A 451 15.13 7.48 -2.91
N THR A 452 14.22 8.34 -3.35
CA THR A 452 14.00 8.56 -4.77
C THR A 452 15.33 8.84 -5.46
N PRO A 453 15.67 8.02 -6.46
CA PRO A 453 16.95 8.20 -7.14
C PRO A 453 16.95 9.43 -8.03
N ARG A 454 18.00 10.23 -7.95
CA ARG A 454 18.23 11.21 -9.00
C ARG A 454 18.28 10.35 -10.26
N GLU A 455 17.46 10.70 -11.25
CA GLU A 455 17.36 9.88 -12.46
C GLU A 455 17.58 10.71 -13.72
N SER A 456 18.79 11.22 -13.88
CA SER A 456 19.17 11.84 -15.14
C SER A 456 18.72 10.93 -16.27
N GLY A 457 18.91 9.62 -16.09
CA GLY A 457 18.45 8.64 -17.04
C GLY A 457 19.45 7.52 -17.26
N VAL A 458 18.98 6.42 -17.85
CA VAL A 458 19.79 5.25 -18.19
C VAL A 458 20.39 4.51 -16.99
N GLY A 459 19.85 4.75 -15.81
CA GLY A 459 20.33 4.10 -14.60
C GLY A 459 19.99 4.83 -13.32
N ASN A 460 19.62 4.07 -12.30
CA ASN A 460 19.28 4.65 -11.00
C ASN A 460 20.52 4.91 -10.16
N VAL A 461 20.64 6.14 -9.68
CA VAL A 461 21.76 6.52 -8.82
C VAL A 461 21.25 7.41 -7.70
N PRO A 462 21.52 7.02 -6.45
CA PRO A 462 20.89 7.66 -5.29
C PRO A 462 21.27 9.13 -5.16
N PRO A 463 20.44 9.92 -4.47
CA PRO A 463 20.75 11.33 -4.21
C PRO A 463 22.00 11.46 -3.36
N SER A 464 22.72 12.56 -3.49
CA SER A 464 23.88 12.80 -2.64
C SER A 464 23.44 12.94 -1.19
N TYR A 465 24.32 12.58 -0.26
CA TYR A 465 24.01 12.68 1.16
C TYR A 465 25.27 12.63 2.02
N GLN A 466 25.21 13.33 3.15
CA GLN A 466 26.28 13.27 4.12
C GLN A 466 26.04 12.09 5.03
N ILE A 467 27.11 11.55 5.60
CA ILE A 467 26.98 10.48 6.57
C ILE A 467 28.04 10.59 7.64
N ARG A 468 27.75 10.05 8.82
CA ARG A 468 28.65 10.16 9.96
C ARG A 468 29.00 8.78 10.50
N PHE A 469 30.28 8.48 10.59
CA PHE A 469 30.73 7.20 11.12
C PHE A 469 31.28 7.34 12.54
N LEU A 470 30.61 6.68 13.49
CA LEU A 470 30.97 6.75 14.89
C LEU A 470 31.48 5.38 15.36
N ALA A 471 32.75 5.31 15.74
CA ALA A 471 33.31 4.06 16.24
C ALA A 471 32.62 3.66 17.54
N ARG A 472 31.95 2.51 17.54
CA ARG A 472 31.28 2.04 18.75
C ARG A 472 32.32 1.81 19.85
N HIS A 473 33.53 1.43 19.44
CA HIS A 473 34.69 1.32 20.31
C HIS A 473 35.51 0.08 19.99
N GLY B 9 -8.36 -51.57 15.82
CA GLY B 9 -7.94 -50.71 16.91
C GLY B 9 -8.94 -49.61 17.20
N LYS B 10 -9.97 -49.94 17.98
CA LYS B 10 -11.03 -48.98 18.28
C LYS B 10 -10.51 -47.75 19.01
N LEU B 11 -11.40 -46.79 19.26
CA LEU B 11 -11.09 -45.63 20.07
C LEU B 11 -10.77 -46.08 21.49
N PRO B 12 -10.28 -45.16 22.34
CA PRO B 12 -9.99 -45.47 23.74
C PRO B 12 -11.26 -45.66 24.55
N PRO B 13 -11.12 -46.05 25.84
CA PRO B 13 -12.23 -46.25 26.78
C PRO B 13 -13.24 -45.11 27.00
N GLY B 14 -14.53 -45.40 26.91
CA GLY B 14 -15.57 -44.42 27.14
C GLY B 14 -16.93 -45.01 27.48
N PRO B 15 -17.77 -44.23 28.18
CA PRO B 15 -19.15 -44.61 28.52
C PRO B 15 -20.08 -44.50 27.29
N SER B 16 -21.38 -44.70 27.53
CA SER B 16 -22.34 -44.85 26.44
C SER B 16 -22.97 -43.55 25.96
N PRO B 17 -23.29 -43.50 24.66
CA PRO B 17 -24.04 -42.39 24.04
C PRO B 17 -25.50 -42.72 23.67
N LEU B 18 -26.44 -42.44 24.57
CA LEU B 18 -27.77 -42.71 24.23
C LEU B 18 -27.85 -41.65 23.09
N PRO B 19 -28.85 -41.87 22.17
CA PRO B 19 -28.90 -41.35 20.78
C PRO B 19 -29.35 -39.88 20.73
N VAL B 20 -29.24 -39.30 19.53
CA VAL B 20 -29.73 -38.01 19.13
C VAL B 20 -28.96 -36.77 19.67
N LEU B 21 -28.74 -36.72 20.99
CA LEU B 21 -27.89 -35.67 21.64
C LEU B 21 -26.59 -35.96 22.25
N GLY B 22 -26.01 -37.13 21.99
CA GLY B 22 -24.80 -37.59 22.64
C GLY B 22 -25.32 -38.33 23.86
N ASN B 23 -24.45 -38.60 24.82
CA ASN B 23 -24.90 -39.31 26.00
C ASN B 23 -25.51 -38.42 27.08
N LEU B 24 -24.76 -37.41 27.49
CA LEU B 24 -25.25 -36.46 28.50
C LEU B 24 -24.55 -35.13 28.22
N LEU B 25 -25.33 -34.09 27.99
CA LEU B 25 -24.78 -32.77 27.75
C LEU B 25 -25.47 -31.88 28.78
N GLN B 26 -26.47 -32.44 29.44
CA GLN B 26 -27.28 -31.71 30.40
C GLN B 26 -26.72 -30.81 31.48
N MET B 27 -25.67 -31.24 32.17
CA MET B 27 -25.12 -30.41 33.24
C MET B 27 -23.92 -29.58 32.79
N ASP B 28 -24.14 -28.28 32.67
CA ASP B 28 -23.10 -27.34 32.27
C ASP B 28 -21.96 -27.15 33.28
N ARG B 29 -22.28 -27.10 34.57
CA ARG B 29 -21.27 -26.89 35.59
C ARG B 29 -21.03 -27.73 36.83
N LYS B 30 -22.11 -28.30 37.36
CA LYS B 30 -22.02 -29.22 38.48
C LYS B 30 -21.99 -30.67 38.03
N GLY B 31 -22.57 -30.93 36.87
CA GLY B 31 -22.65 -32.27 36.32
C GLY B 31 -21.32 -32.51 35.61
N LEU B 32 -20.82 -31.46 34.97
CA LEU B 32 -19.53 -31.53 34.30
C LEU B 32 -18.44 -32.00 35.26
N LEU B 33 -18.32 -31.30 36.38
CA LEU B 33 -17.31 -31.61 37.38
C LEU B 33 -17.45 -33.04 37.89
N ARG B 34 -18.68 -33.42 38.22
CA ARG B 34 -18.97 -34.77 38.68
C ARG B 34 -18.44 -35.80 37.69
N SER B 35 -18.66 -35.54 36.41
CA SER B 35 -18.17 -36.42 35.35
C SER B 35 -16.66 -36.59 35.22
N PHE B 36 -15.95 -35.47 35.05
CA PHE B 36 -14.53 -35.47 34.74
C PHE B 36 -13.74 -36.19 35.85
N LEU B 37 -14.12 -35.95 37.10
CA LEU B 37 -13.45 -36.58 38.23
C LEU B 37 -13.63 -38.10 38.23
N ARG B 38 -14.88 -38.54 38.18
CA ARG B 38 -15.19 -39.96 38.25
C ARG B 38 -14.73 -40.73 37.01
N LEU B 39 -15.04 -40.19 35.83
CA LEU B 39 -14.67 -40.82 34.58
C LEU B 39 -13.18 -41.10 34.53
N ARG B 40 -12.39 -40.06 34.75
CA ARG B 40 -10.93 -40.16 34.74
C ARG B 40 -10.43 -41.09 35.85
N GLU B 41 -11.33 -41.46 36.76
CA GLU B 41 -10.98 -42.33 37.86
C GLU B 41 -11.28 -43.79 37.54
N LYS B 42 -11.92 -44.03 36.42
CA LYS B 42 -12.27 -45.38 35.99
C LYS B 42 -11.64 -45.76 34.65
N TYR B 43 -11.30 -44.74 33.87
CA TYR B 43 -10.83 -44.96 32.50
C TYR B 43 -9.36 -44.57 32.35
N GLY B 44 -8.92 -43.59 33.14
CA GLY B 44 -7.55 -43.11 33.04
C GLY B 44 -7.52 -41.71 32.44
N ASP B 45 -6.36 -41.33 31.94
CA ASP B 45 -6.15 -39.97 31.44
C ASP B 45 -6.47 -39.84 29.94
N VAL B 46 -6.75 -40.96 29.30
CA VAL B 46 -7.18 -40.93 27.90
C VAL B 46 -8.49 -41.69 27.73
N PHE B 47 -9.55 -40.98 27.38
CA PHE B 47 -10.84 -41.62 27.18
C PHE B 47 -11.70 -40.91 26.12
N THR B 48 -12.54 -41.69 25.45
CA THR B 48 -13.49 -41.14 24.49
C THR B 48 -14.79 -40.74 25.19
N VAL B 49 -15.49 -39.76 24.60
CA VAL B 49 -16.81 -39.33 25.06
C VAL B 49 -17.65 -38.95 23.84
N TYR B 50 -18.95 -39.26 23.87
CA TYR B 50 -19.83 -39.00 22.72
C TYR B 50 -20.71 -37.76 22.94
N LEU B 51 -20.49 -36.75 22.12
CA LEU B 51 -21.29 -35.52 22.13
C LEU B 51 -21.88 -35.30 20.74
N GLY B 52 -23.17 -35.60 20.58
CA GLY B 52 -23.83 -35.54 19.29
C GLY B 52 -23.51 -36.77 18.46
N SER B 53 -23.54 -36.60 17.14
CA SER B 53 -23.19 -37.68 16.23
C SER B 53 -21.71 -38.06 16.40
N ARG B 54 -20.90 -37.07 16.74
CA ARG B 54 -19.45 -37.27 16.84
C ARG B 54 -18.96 -37.52 18.26
N PRO B 55 -17.96 -38.40 18.40
CA PRO B 55 -17.26 -38.66 19.65
C PRO B 55 -16.04 -37.75 19.79
N VAL B 56 -15.57 -37.55 21.02
CA VAL B 56 -14.39 -36.72 21.26
C VAL B 56 -13.46 -37.37 22.28
N VAL B 57 -12.22 -37.59 21.87
CA VAL B 57 -11.21 -38.11 22.78
C VAL B 57 -10.76 -36.98 23.70
N VAL B 58 -10.64 -37.27 24.99
CA VAL B 58 -10.33 -36.25 25.98
C VAL B 58 -9.03 -36.57 26.74
N LEU B 59 -8.04 -35.69 26.60
CA LEU B 59 -6.76 -35.88 27.27
C LEU B 59 -6.72 -35.21 28.63
N CYS B 60 -6.13 -35.89 29.60
CA CYS B 60 -6.06 -35.37 30.97
C CYS B 60 -4.64 -35.43 31.51
N GLY B 61 -4.22 -34.38 32.21
CA GLY B 61 -2.92 -34.34 32.85
C GLY B 61 -1.81 -33.85 31.95
N THR B 62 -0.70 -33.46 32.58
CA THR B 62 0.45 -32.96 31.85
C THR B 62 0.90 -33.96 30.79
N ASP B 63 1.27 -35.16 31.24
CA ASP B 63 1.77 -36.21 30.37
C ASP B 63 0.89 -36.44 29.15
N ALA B 64 -0.34 -36.89 29.37
CA ALA B 64 -1.25 -37.20 28.28
C ALA B 64 -1.31 -36.07 27.25
N ILE B 65 -1.49 -34.85 27.73
CA ILE B 65 -1.53 -33.68 26.85
C ILE B 65 -0.23 -33.52 26.08
N ARG B 66 0.88 -33.50 26.79
CA ARG B 66 2.19 -33.35 26.16
C ARG B 66 2.45 -34.43 25.13
N GLU B 67 2.25 -35.69 25.52
CA GLU B 67 2.44 -36.82 24.62
C GLU B 67 1.65 -36.63 23.32
N ALA B 68 0.63 -35.77 23.37
CA ALA B 68 -0.22 -35.52 22.22
C ALA B 68 0.01 -34.27 21.39
N LEU B 69 0.23 -33.13 22.05
CA LEU B 69 0.33 -31.85 21.38
C LEU B 69 1.80 -31.61 21.05
N VAL B 70 2.69 -32.14 21.87
CA VAL B 70 4.12 -31.99 21.64
C VAL B 70 4.82 -33.12 20.89
N ASP B 71 4.60 -34.35 21.36
CA ASP B 71 5.32 -35.51 20.85
C ASP B 71 4.72 -35.98 19.53
N GLN B 72 3.44 -35.67 19.31
CA GLN B 72 2.79 -36.01 18.04
C GLN B 72 2.11 -34.68 17.73
N ALA B 73 2.91 -33.71 17.28
CA ALA B 73 2.48 -32.34 17.08
C ALA B 73 1.65 -32.11 15.82
N GLU B 74 2.18 -32.52 14.67
CA GLU B 74 1.54 -32.22 13.39
C GLU B 74 0.31 -33.12 13.25
N ALA B 75 0.29 -34.23 13.98
CA ALA B 75 -0.87 -35.12 13.96
C ALA B 75 -2.02 -34.47 14.70
N PHE B 76 -1.72 -33.88 15.84
CA PHE B 76 -2.71 -33.19 16.66
C PHE B 76 -2.80 -31.70 16.32
N SER B 77 -2.23 -31.30 15.19
CA SER B 77 -2.12 -29.89 14.86
C SER B 77 -3.40 -29.32 14.23
N GLY B 78 -4.42 -30.15 14.12
CA GLY B 78 -5.65 -29.74 13.46
C GLY B 78 -6.58 -28.98 14.38
N ARG B 79 -7.41 -28.13 13.78
CA ARG B 79 -8.39 -27.36 14.54
C ARG B 79 -9.80 -27.83 14.23
N GLY B 80 -10.65 -27.85 15.25
CA GLY B 80 -12.05 -28.22 15.07
C GLY B 80 -12.75 -27.22 14.17
N LYS B 81 -13.25 -27.70 13.03
CA LYS B 81 -13.83 -26.82 12.03
C LYS B 81 -14.93 -25.93 12.59
N ILE B 82 -14.87 -24.65 12.25
CA ILE B 82 -15.96 -23.74 12.58
C ILE B 82 -17.14 -24.05 11.66
N ALA B 83 -18.23 -24.54 12.25
CA ALA B 83 -19.41 -24.93 11.48
C ALA B 83 -20.55 -23.95 11.67
N VAL B 84 -21.02 -23.37 10.58
CA VAL B 84 -22.08 -22.37 10.63
C VAL B 84 -22.94 -22.40 9.38
N VAL B 85 -24.21 -22.04 9.54
CA VAL B 85 -25.15 -21.98 8.43
C VAL B 85 -25.99 -20.71 8.53
N ASP B 86 -25.45 -19.62 8.02
CA ASP B 86 -26.07 -18.31 8.16
C ASP B 86 -25.65 -17.41 7.00
N PRO B 87 -26.49 -16.44 6.63
CA PRO B 87 -26.17 -15.51 5.54
C PRO B 87 -24.83 -14.78 5.72
N ILE B 88 -24.57 -14.24 6.91
CA ILE B 88 -23.32 -13.52 7.16
C ILE B 88 -22.13 -14.44 6.94
N PHE B 89 -22.26 -15.70 7.34
CA PHE B 89 -21.21 -16.68 7.15
C PHE B 89 -20.98 -16.95 5.67
N GLN B 90 -22.07 -16.98 4.91
CA GLN B 90 -21.99 -17.14 3.47
C GLN B 90 -21.15 -16.05 2.83
N GLY B 91 -21.32 -14.83 3.33
CA GLY B 91 -20.53 -13.71 2.86
C GLY B 91 -19.07 -13.86 3.23
N TYR B 92 -18.82 -14.38 4.43
CA TYR B 92 -17.45 -14.59 4.90
C TYR B 92 -16.74 -15.70 4.15
N GLY B 93 -17.47 -16.76 3.81
CA GLY B 93 -16.90 -17.89 3.10
C GLY B 93 -16.12 -18.81 4.03
N VAL B 94 -16.22 -18.55 5.33
CA VAL B 94 -15.66 -19.42 6.37
C VAL B 94 -14.23 -19.87 6.08
N ILE B 95 -13.42 -18.98 5.50
CA ILE B 95 -12.06 -19.30 5.07
C ILE B 95 -11.27 -19.91 6.23
N PHE B 96 -11.34 -19.29 7.40
CA PHE B 96 -10.57 -19.70 8.57
C PHE B 96 -10.79 -21.16 8.94
N ALA B 97 -11.79 -21.78 8.33
CA ALA B 97 -12.05 -23.20 8.53
C ALA B 97 -10.82 -24.01 8.17
N ASN B 98 -10.16 -23.63 7.08
CA ASN B 98 -8.94 -24.31 6.65
C ASN B 98 -7.81 -24.06 7.63
N GLY B 99 -6.98 -25.07 7.86
CA GLY B 99 -5.89 -24.96 8.81
C GLY B 99 -4.73 -24.11 8.29
N GLU B 100 -4.58 -24.07 6.98
CA GLU B 100 -3.48 -23.33 6.34
C GLU B 100 -3.55 -21.84 6.64
N ARG B 101 -4.76 -21.29 6.61
CA ARG B 101 -4.98 -19.87 6.83
C ARG B 101 -4.40 -19.42 8.17
N TRP B 102 -4.62 -20.23 9.20
CA TRP B 102 -4.07 -19.94 10.52
C TRP B 102 -2.56 -19.83 10.45
N ARG B 103 -1.92 -20.78 9.80
CA ARG B 103 -0.48 -20.74 9.58
C ARG B 103 -0.10 -19.45 8.87
N ALA B 104 -0.89 -19.11 7.85
CA ALA B 104 -0.66 -17.91 7.06
C ALA B 104 -0.66 -16.64 7.92
N LEU B 105 -1.40 -16.68 9.03
CA LEU B 105 -1.50 -15.53 9.93
C LEU B 105 -0.27 -15.41 10.84
N ARG B 106 0.16 -16.53 11.40
CA ARG B 106 1.36 -16.54 12.23
C ARG B 106 2.50 -15.97 11.42
N ARG B 107 2.69 -16.55 10.23
CA ARG B 107 3.74 -16.12 9.32
C ARG B 107 3.78 -14.61 9.20
N PHE B 108 2.65 -14.02 8.77
CA PHE B 108 2.57 -12.58 8.58
C PHE B 108 2.96 -11.81 9.84
N SER B 109 2.35 -12.18 10.96
CA SER B 109 2.54 -11.46 12.22
C SER B 109 3.98 -11.54 12.71
N LEU B 110 4.55 -12.74 12.66
CA LEU B 110 5.91 -12.96 13.16
C LEU B 110 6.95 -12.27 12.29
N ALA B 111 6.69 -12.22 10.99
CA ALA B 111 7.60 -11.59 10.04
C ALA B 111 7.54 -10.08 10.14
N THR B 112 6.34 -9.53 10.04
CA THR B 112 6.13 -8.09 10.05
C THR B 112 6.70 -7.45 11.31
N MET B 113 6.41 -8.05 12.45
CA MET B 113 6.90 -7.55 13.73
C MET B 113 8.41 -7.42 13.70
N ARG B 114 9.04 -8.26 12.91
CA ARG B 114 10.49 -8.35 12.83
C ARG B 114 11.08 -7.41 11.79
N ASP B 115 10.49 -7.40 10.60
CA ASP B 115 11.06 -6.73 9.45
C ASP B 115 10.83 -5.22 9.39
N PHE B 116 9.73 -4.74 9.96
CA PHE B 116 9.43 -3.32 9.87
C PHE B 116 9.70 -2.41 11.07
N GLY B 117 9.41 -2.89 12.28
CA GLY B 117 9.66 -2.05 13.45
C GLY B 117 8.97 -0.73 13.25
N MET B 118 7.74 -0.80 12.75
CA MET B 118 6.95 0.37 12.45
C MET B 118 6.85 1.24 13.68
N GLY B 119 6.52 2.52 13.46
CA GLY B 119 6.37 3.49 14.53
C GLY B 119 7.55 3.85 15.40
N LYS B 120 8.75 3.44 15.00
CA LYS B 120 9.94 3.78 15.76
C LYS B 120 10.04 3.24 17.19
N ARG B 121 9.17 2.30 17.54
CA ARG B 121 9.23 1.72 18.88
C ARG B 121 9.04 0.21 18.90
N SER B 122 9.73 -0.44 19.83
CA SER B 122 9.64 -1.90 20.00
C SER B 122 8.35 -2.26 20.71
N VAL B 123 7.96 -3.53 20.63
CA VAL B 123 6.74 -3.95 21.30
C VAL B 123 6.93 -3.69 22.78
N GLU B 124 8.11 -4.01 23.29
CA GLU B 124 8.42 -3.71 24.68
C GLU B 124 8.26 -2.22 24.98
N GLU B 125 8.99 -1.39 24.25
CA GLU B 125 8.93 0.05 24.45
C GLU B 125 7.48 0.56 24.38
N ARG B 126 6.73 0.04 23.42
CA ARG B 126 5.33 0.42 23.26
C ARG B 126 4.54 0.06 24.51
N ILE B 127 4.82 -1.11 25.06
CA ILE B 127 4.13 -1.58 26.26
C ILE B 127 4.33 -0.63 27.43
N GLN B 128 5.58 -0.23 27.66
CA GLN B 128 5.89 0.61 28.80
C GLN B 128 5.45 2.07 28.63
N GLU B 129 5.46 2.57 27.40
CA GLU B 129 4.87 3.87 27.13
C GLU B 129 3.42 3.81 27.54
N GLU B 130 2.80 2.64 27.35
CA GLU B 130 1.42 2.41 27.74
C GLU B 130 1.34 2.24 29.25
N ALA B 131 2.35 1.59 29.83
CA ALA B 131 2.43 1.41 31.27
C ALA B 131 2.52 2.76 31.96
N ARG B 132 3.31 3.65 31.36
CA ARG B 132 3.44 5.02 31.85
C ARG B 132 2.09 5.71 31.89
N CYS B 133 1.42 5.73 30.73
CA CYS B 133 0.11 6.34 30.61
C CYS B 133 -0.87 5.79 31.64
N LEU B 134 -0.63 4.56 32.07
CA LEU B 134 -1.48 3.92 33.08
C LEU B 134 -1.20 4.47 34.47
N VAL B 135 0.08 4.57 34.83
CA VAL B 135 0.48 5.15 36.10
C VAL B 135 -0.16 6.52 36.25
N GLU B 136 -0.19 7.26 35.14
CA GLU B 136 -0.78 8.58 35.10
C GLU B 136 -2.27 8.51 35.47
N GLU B 137 -3.04 7.80 34.65
CA GLU B 137 -4.47 7.68 34.86
C GLU B 137 -4.82 7.17 36.25
N LEU B 138 -3.92 6.39 36.83
CA LEU B 138 -4.14 5.86 38.19
C LEU B 138 -4.03 6.95 39.24
N ARG B 139 -2.97 7.75 39.15
CA ARG B 139 -2.73 8.84 40.09
C ARG B 139 -3.83 9.91 40.07
N LYS B 140 -4.61 9.93 39.00
CA LYS B 140 -5.69 10.89 38.87
C LYS B 140 -6.82 10.49 39.83
N SER B 141 -6.66 9.34 40.47
CA SER B 141 -7.64 8.86 41.44
C SER B 141 -7.20 9.21 42.85
N LYS B 142 -5.89 9.33 43.05
CA LYS B 142 -5.33 9.70 44.34
C LYS B 142 -5.96 8.71 45.32
N GLY B 143 -5.88 7.43 44.98
CA GLY B 143 -6.43 6.38 45.84
C GLY B 143 -7.92 6.14 45.96
N ALA B 144 -8.68 6.57 44.95
CA ALA B 144 -10.12 6.37 44.94
C ALA B 144 -10.46 4.89 44.80
N LEU B 145 -11.70 4.53 45.10
CA LEU B 145 -12.16 3.15 44.96
C LEU B 145 -12.69 2.91 43.55
N LEU B 146 -11.97 2.10 42.78
CA LEU B 146 -12.41 1.82 41.41
C LEU B 146 -12.36 0.33 41.05
N ASP B 147 -13.06 -0.01 39.97
CA ASP B 147 -13.06 -1.37 39.43
C ASP B 147 -12.28 -1.38 38.12
N ASN B 148 -11.17 -2.11 38.10
CA ASN B 148 -10.21 -2.03 36.99
C ASN B 148 -10.52 -2.85 35.74
N THR B 149 -11.76 -3.28 35.58
CA THR B 149 -12.14 -4.08 34.41
C THR B 149 -12.01 -3.32 33.09
N LEU B 150 -12.50 -2.09 33.05
CA LEU B 150 -12.41 -1.26 31.86
C LEU B 150 -11.01 -0.66 31.70
N LEU B 151 -10.39 -0.32 32.82
CA LEU B 151 -9.06 0.27 32.80
C LEU B 151 -8.03 -0.71 32.26
N PHE B 152 -8.21 -1.98 32.59
CA PHE B 152 -7.31 -3.03 32.11
C PHE B 152 -7.63 -3.44 30.68
N HIS B 153 -8.90 -3.39 30.31
CA HIS B 153 -9.30 -3.60 28.93
C HIS B 153 -8.59 -2.54 28.07
N SER B 154 -8.44 -1.36 28.64
CA SER B 154 -7.81 -0.25 27.93
C SER B 154 -6.36 -0.54 27.57
N ILE B 155 -5.52 -0.68 28.60
CA ILE B 155 -4.08 -0.79 28.40
C ILE B 155 -3.68 -1.94 27.49
N THR B 156 -4.31 -3.09 27.65
CA THR B 156 -3.99 -4.25 26.84
C THR B 156 -4.47 -4.08 25.40
N SER B 157 -5.60 -3.39 25.23
CA SER B 157 -6.14 -3.13 23.91
C SER B 157 -5.31 -2.09 23.16
N ASN B 158 -4.89 -1.05 23.89
CA ASN B 158 -4.10 0.02 23.29
C ASN B 158 -2.87 -0.52 22.55
N ILE B 159 -2.32 -1.62 23.05
CA ILE B 159 -1.17 -2.25 22.42
C ILE B 159 -1.56 -2.80 21.04
N ILE B 160 -2.72 -3.44 20.97
CA ILE B 160 -3.23 -3.97 19.72
C ILE B 160 -3.58 -2.84 18.75
N CYS B 161 -4.00 -1.70 19.30
CA CYS B 161 -4.34 -0.53 18.49
C CYS B 161 -3.09 0.17 17.99
N SER B 162 -2.10 0.31 18.87
CA SER B 162 -0.83 0.91 18.50
C SER B 162 -0.22 0.13 17.35
N ILE B 163 -0.32 -1.20 17.44
CA ILE B 163 0.33 -2.09 16.48
C ILE B 163 -0.42 -2.24 15.16
N VAL B 164 -1.74 -2.14 15.20
CA VAL B 164 -2.54 -2.34 13.98
C VAL B 164 -2.99 -1.03 13.35
N PHE B 165 -3.40 -0.07 14.17
CA PHE B 165 -3.89 1.21 13.66
C PHE B 165 -2.82 2.29 13.67
N GLY B 166 -1.84 2.15 14.57
CA GLY B 166 -0.68 3.01 14.59
C GLY B 166 -0.67 4.05 15.70
N LYS B 167 -1.60 3.92 16.64
CA LYS B 167 -1.71 4.88 17.73
C LYS B 167 -2.43 4.26 18.92
N ARG B 168 -2.19 4.82 20.10
CA ARG B 168 -2.99 4.47 21.27
C ARG B 168 -4.02 5.56 21.49
N PHE B 169 -5.24 5.17 21.84
CA PHE B 169 -6.25 6.12 22.25
C PHE B 169 -5.99 6.47 23.71
N ASP B 170 -6.32 7.69 24.12
CA ASP B 170 -6.25 8.00 25.53
C ASP B 170 -7.50 7.46 26.21
N TYR B 171 -7.37 7.13 27.49
CA TYR B 171 -8.38 6.35 28.20
C TYR B 171 -9.82 6.90 28.13
N LYS B 172 -9.95 8.23 28.16
CA LYS B 172 -11.28 8.83 28.17
C LYS B 172 -11.83 9.16 26.79
N ASP B 173 -10.97 9.08 25.77
CA ASP B 173 -11.39 9.27 24.38
C ASP B 173 -12.62 8.44 24.09
N PRO B 174 -13.72 9.10 23.69
CA PRO B 174 -15.01 8.44 23.41
C PRO B 174 -14.92 7.39 22.30
N VAL B 175 -14.24 7.69 21.21
CA VAL B 175 -14.10 6.73 20.12
C VAL B 175 -13.52 5.44 20.67
N PHE B 176 -12.67 5.58 21.68
CA PHE B 176 -12.04 4.44 22.35
C PHE B 176 -13.05 3.75 23.26
N LEU B 177 -13.53 4.47 24.26
CA LEU B 177 -14.51 3.93 25.22
C LEU B 177 -15.63 3.22 24.49
N ARG B 178 -15.96 3.71 23.29
CA ARG B 178 -16.98 3.09 22.46
C ARG B 178 -16.47 1.80 21.84
N LEU B 179 -15.36 1.92 21.10
CA LEU B 179 -14.71 0.76 20.49
C LEU B 179 -14.65 -0.39 21.49
N LEU B 180 -14.21 -0.07 22.70
CA LEU B 180 -14.12 -1.06 23.77
C LEU B 180 -15.45 -1.70 24.10
N ASP B 181 -16.53 -0.92 24.01
CA ASP B 181 -17.87 -1.43 24.31
C ASP B 181 -18.33 -2.46 23.29
N LEU B 182 -18.15 -2.16 22.01
CA LEU B 182 -18.59 -3.06 20.94
C LEU B 182 -18.11 -4.50 21.14
N PHE B 183 -16.85 -4.64 21.52
CA PHE B 183 -16.23 -5.96 21.66
C PHE B 183 -16.46 -6.60 23.02
N PHE B 184 -16.23 -5.83 24.08
CA PHE B 184 -16.17 -6.40 25.43
C PHE B 184 -17.48 -6.28 26.19
N GLN B 185 -18.06 -5.08 26.23
CA GLN B 185 -19.31 -4.86 26.95
C GLN B 185 -20.35 -5.92 26.57
N SER B 186 -21.08 -6.42 27.57
CA SER B 186 -22.00 -7.53 27.35
C SER B 186 -23.47 -7.12 27.31
N PHE B 187 -24.22 -7.85 26.50
CA PHE B 187 -25.65 -7.66 26.37
C PHE B 187 -26.32 -8.97 26.76
N SER B 188 -27.42 -8.88 27.49
CA SER B 188 -28.17 -10.09 27.83
C SER B 188 -29.47 -10.15 27.05
N LEU B 189 -29.85 -11.36 26.64
CA LEU B 189 -31.12 -11.57 25.96
C LEU B 189 -31.89 -12.67 26.69
N ILE B 190 -33.06 -12.32 27.20
CA ILE B 190 -33.86 -13.23 27.99
C ILE B 190 -35.03 -13.79 27.19
N SER B 191 -35.37 -15.06 27.43
CA SER B 191 -36.51 -15.68 26.80
C SER B 191 -37.00 -16.82 27.68
N SER B 192 -37.95 -17.60 27.19
CA SER B 192 -38.48 -18.72 27.92
C SER B 192 -38.65 -19.92 27.00
N PHE B 193 -39.01 -21.06 27.58
CA PHE B 193 -39.12 -22.29 26.80
C PHE B 193 -40.25 -22.23 25.76
N SER B 194 -41.31 -21.50 26.09
CA SER B 194 -42.45 -21.38 25.19
C SER B 194 -42.26 -20.25 24.19
N SER B 195 -41.59 -19.18 24.62
CA SER B 195 -41.24 -18.11 23.71
C SER B 195 -40.56 -18.72 22.50
N GLN B 196 -39.79 -19.77 22.75
CA GLN B 196 -39.08 -20.46 21.68
C GLN B 196 -40.02 -21.34 20.89
N VAL B 197 -40.80 -22.13 21.62
CA VAL B 197 -41.82 -22.96 21.00
C VAL B 197 -42.65 -22.10 20.06
N PHE B 198 -42.81 -20.83 20.41
CA PHE B 198 -43.51 -19.86 19.57
C PHE B 198 -42.65 -19.42 18.40
N GLU B 199 -41.59 -18.66 18.66
CA GLU B 199 -40.73 -18.14 17.59
C GLU B 199 -40.43 -19.22 16.53
N LEU B 200 -40.53 -20.48 16.93
CA LEU B 200 -40.24 -21.60 16.04
C LEU B 200 -41.31 -22.03 15.04
N PHE B 201 -42.52 -22.31 15.53
CA PHE B 201 -43.55 -23.01 14.74
C PHE B 201 -44.37 -21.98 13.93
N SER B 202 -44.19 -20.68 14.20
CA SER B 202 -44.85 -19.68 13.35
C SER B 202 -43.97 -19.36 12.16
N GLY B 203 -42.66 -19.43 12.37
CA GLY B 203 -41.69 -19.10 11.35
C GLY B 203 -40.96 -17.80 11.68
N PHE B 204 -40.92 -17.46 12.96
CA PHE B 204 -40.25 -16.24 13.41
C PHE B 204 -38.77 -16.49 13.70
N LEU B 205 -38.38 -17.76 13.70
CA LEU B 205 -36.98 -18.12 13.76
C LEU B 205 -36.18 -17.72 12.51
N LYS B 206 -36.78 -17.93 11.35
CA LYS B 206 -36.32 -17.45 10.09
C LYS B 206 -35.85 -15.96 9.99
N TYR B 207 -36.69 -15.06 10.50
CA TYR B 207 -36.48 -13.61 10.34
C TYR B 207 -35.65 -13.02 11.47
N PHE B 208 -35.96 -13.46 12.70
CA PHE B 208 -35.14 -13.17 13.83
C PHE B 208 -33.73 -13.67 13.53
N PRO B 209 -32.72 -12.93 13.99
CA PRO B 209 -31.29 -13.30 13.82
C PRO B 209 -30.74 -14.24 14.92
N GLY B 210 -31.62 -14.62 15.84
CA GLY B 210 -31.30 -15.46 16.98
C GLY B 210 -30.15 -14.89 17.79
N THR B 211 -30.34 -13.65 18.24
CA THR B 211 -29.32 -12.84 18.89
C THR B 211 -28.30 -12.18 18.00
N HIS B 212 -28.67 -11.89 16.74
CA HIS B 212 -27.67 -11.48 15.76
C HIS B 212 -28.24 -10.05 15.60
N ARG B 213 -29.31 -9.73 16.32
CA ARG B 213 -29.80 -8.34 16.41
C ARG B 213 -28.65 -7.45 16.91
N GLN B 214 -28.24 -7.64 18.16
CA GLN B 214 -27.14 -6.88 18.76
C GLN B 214 -25.77 -7.20 18.18
N ILE B 215 -25.44 -8.48 18.10
CA ILE B 215 -24.19 -8.91 17.46
C ILE B 215 -24.05 -8.17 16.14
N TYR B 216 -25.09 -8.19 15.33
CA TYR B 216 -25.11 -7.44 14.07
C TYR B 216 -25.02 -5.94 14.34
N ARG B 217 -25.71 -5.47 15.37
CA ARG B 217 -25.66 -4.06 15.73
C ARG B 217 -24.22 -3.64 16.00
N ASN B 218 -23.53 -4.42 16.81
CA ASN B 218 -22.11 -4.20 17.08
C ASN B 218 -21.24 -4.54 15.89
N LEU B 219 -21.30 -5.80 15.45
CA LEU B 219 -20.57 -6.27 14.29
C LEU B 219 -20.51 -5.20 13.20
N GLN B 220 -21.67 -4.84 12.66
CA GLN B 220 -21.77 -3.85 11.61
C GLN B 220 -21.05 -2.54 11.97
N GLU B 221 -21.18 -2.11 13.21
CA GLU B 221 -20.57 -0.85 13.64
C GLU B 221 -19.04 -0.96 13.71
N ILE B 222 -18.55 -2.13 14.12
CA ILE B 222 -17.11 -2.37 14.13
C ILE B 222 -16.59 -2.36 12.70
N ASN B 223 -17.28 -3.08 11.82
CA ASN B 223 -16.92 -3.13 10.41
C ASN B 223 -16.86 -1.74 9.80
N THR B 224 -17.65 -0.83 10.37
CA THR B 224 -17.60 0.57 9.97
C THR B 224 -16.27 1.17 10.40
N PHE B 225 -16.04 1.23 11.72
CA PHE B 225 -14.81 1.77 12.27
C PHE B 225 -13.59 1.30 11.49
N ILE B 226 -13.52 0.00 11.24
CA ILE B 226 -12.40 -0.58 10.51
C ILE B 226 -12.32 -0.02 9.09
N GLY B 227 -13.41 -0.15 8.35
CA GLY B 227 -13.47 0.36 6.99
C GLY B 227 -12.99 1.79 6.92
N GLN B 228 -13.30 2.57 7.95
CA GLN B 228 -12.94 3.98 7.97
C GLN B 228 -11.44 4.15 8.06
N SER B 229 -10.80 3.33 8.88
CA SER B 229 -9.35 3.42 9.08
C SER B 229 -8.59 2.94 7.85
N VAL B 230 -8.96 1.77 7.33
CA VAL B 230 -8.31 1.23 6.15
C VAL B 230 -8.34 2.23 5.00
N GLU B 231 -9.35 3.08 5.00
CA GLU B 231 -9.47 4.13 3.98
C GLU B 231 -8.53 5.29 4.27
N LYS B 232 -8.62 5.83 5.49
CA LYS B 232 -7.71 6.90 5.91
C LYS B 232 -6.27 6.46 5.70
N HIS B 233 -5.99 5.22 6.05
CA HIS B 233 -4.65 4.64 5.89
C HIS B 233 -4.21 4.67 4.44
N ARG B 234 -4.98 4.03 3.57
CA ARG B 234 -4.67 3.96 2.15
C ARG B 234 -4.44 5.36 1.59
N ALA B 235 -5.21 6.33 2.07
CA ALA B 235 -5.13 7.70 1.61
C ALA B 235 -3.75 8.34 1.72
N THR B 236 -3.08 8.11 2.84
CA THR B 236 -1.74 8.67 3.06
C THR B 236 -0.71 7.56 3.13
N LEU B 237 -0.92 6.51 2.35
CA LEU B 237 -0.02 5.37 2.34
C LEU B 237 1.32 5.66 1.66
N ASP B 238 2.37 5.82 2.45
CA ASP B 238 3.72 6.00 1.94
C ASP B 238 4.47 4.67 1.94
N PRO B 239 4.70 4.12 0.74
CA PRO B 239 5.32 2.79 0.58
C PRO B 239 6.67 2.67 1.26
N SER B 240 7.41 3.78 1.37
CA SER B 240 8.72 3.73 1.88
C SER B 240 8.72 3.51 3.41
N ASN B 241 7.64 3.99 4.05
CA ASN B 241 7.55 3.92 5.47
C ASN B 241 6.19 3.46 6.08
N PRO B 242 5.93 2.14 6.11
CA PRO B 242 4.71 1.61 6.71
C PRO B 242 4.64 1.94 8.20
N ARG B 243 3.50 2.45 8.66
CA ARG B 243 3.34 2.92 10.02
C ARG B 243 2.85 1.84 10.97
N ASP B 244 2.21 0.81 10.42
CA ASP B 244 1.59 -0.21 11.24
C ASP B 244 1.13 -1.42 10.43
N PHE B 245 0.58 -2.41 11.11
CA PHE B 245 0.11 -3.65 10.49
C PHE B 245 -0.76 -3.40 9.26
N ILE B 246 -1.78 -2.58 9.40
CA ILE B 246 -2.69 -2.32 8.30
C ILE B 246 -1.97 -1.77 7.06
N ASP B 247 -1.05 -0.83 7.28
CA ASP B 247 -0.22 -0.32 6.19
C ASP B 247 0.44 -1.48 5.46
N VAL B 248 1.24 -2.24 6.21
CA VAL B 248 1.97 -3.37 5.65
C VAL B 248 1.07 -4.29 4.84
N TYR B 249 -0.15 -4.50 5.31
CA TYR B 249 -1.09 -5.36 4.59
C TYR B 249 -1.54 -4.70 3.29
N LEU B 250 -1.90 -3.42 3.38
CA LEU B 250 -2.28 -2.67 2.20
C LEU B 250 -1.24 -2.82 1.09
N LEU B 251 0.03 -2.74 1.47
CA LEU B 251 1.13 -2.78 0.51
C LEU B 251 1.10 -4.00 -0.40
N ARG B 252 0.66 -5.14 0.14
CA ARG B 252 0.57 -6.35 -0.68
C ARG B 252 -0.83 -6.51 -1.26
N MET B 253 -1.70 -5.56 -0.96
CA MET B 253 -3.02 -5.50 -1.56
C MET B 253 -2.94 -4.80 -2.90
N GLU B 254 -2.10 -3.76 -2.96
CA GLU B 254 -2.02 -2.90 -4.13
C GLU B 254 -1.82 -3.69 -5.42
N LYS B 255 -1.38 -4.94 -5.30
CA LYS B 255 -1.24 -5.81 -6.47
C LYS B 255 -2.61 -6.01 -7.11
N ASP B 256 -3.67 -5.80 -6.34
CA ASP B 256 -5.02 -6.06 -6.80
C ASP B 256 -5.97 -4.89 -6.57
N LYS B 257 -5.47 -3.67 -6.76
CA LYS B 257 -6.32 -2.48 -6.64
C LYS B 257 -7.17 -2.31 -7.89
N SER B 258 -7.19 -3.35 -8.72
CA SER B 258 -7.98 -3.35 -9.95
C SER B 258 -9.03 -4.47 -9.94
N ASP B 259 -9.68 -4.65 -8.79
CA ASP B 259 -10.67 -5.71 -8.56
C ASP B 259 -11.61 -5.23 -7.42
N PRO B 260 -12.68 -5.92 -7.26
CA PRO B 260 -13.50 -5.72 -6.01
C PRO B 260 -12.85 -6.59 -4.93
N SER B 261 -11.64 -7.11 -5.23
CA SER B 261 -10.92 -7.96 -4.29
C SER B 261 -10.56 -7.21 -3.02
N SER B 262 -10.49 -5.89 -3.13
CA SER B 262 -10.24 -5.03 -1.98
C SER B 262 -11.32 -5.22 -0.93
N GLU B 263 -12.55 -5.41 -1.40
CA GLU B 263 -13.69 -5.66 -0.51
C GLU B 263 -13.50 -6.99 0.21
N PHE B 264 -13.03 -8.01 -0.51
CA PHE B 264 -12.78 -9.32 0.07
C PHE B 264 -11.75 -9.27 1.20
N HIS B 265 -10.71 -8.46 1.00
CA HIS B 265 -9.65 -8.30 1.98
C HIS B 265 -10.19 -7.63 3.25
N HIS B 266 -10.79 -6.44 3.12
CA HIS B 266 -11.46 -5.82 4.26
C HIS B 266 -12.23 -6.90 4.99
N GLN B 267 -12.99 -7.70 4.24
CA GLN B 267 -13.76 -8.77 4.86
C GLN B 267 -12.97 -9.50 5.98
N ASN B 268 -11.91 -10.22 5.61
CA ASN B 268 -11.01 -10.85 6.59
C ASN B 268 -10.30 -9.95 7.59
N LEU B 269 -10.14 -8.69 7.22
CA LEU B 269 -9.40 -7.73 8.04
C LEU B 269 -10.04 -7.75 9.42
N ILE B 270 -11.38 -7.73 9.45
CA ILE B 270 -12.14 -7.71 10.68
C ILE B 270 -12.11 -9.04 11.45
N LEU B 271 -12.08 -10.16 10.72
CA LEU B 271 -11.97 -11.46 11.36
C LEU B 271 -10.71 -11.53 12.22
N THR B 272 -9.59 -11.11 11.63
CA THR B 272 -8.31 -11.16 12.32
C THR B 272 -8.24 -10.17 13.47
N VAL B 273 -8.51 -8.90 13.18
CA VAL B 273 -8.50 -7.87 14.21
C VAL B 273 -9.45 -8.23 15.34
N LEU B 274 -10.65 -8.63 14.99
CA LEU B 274 -11.62 -9.05 16.00
C LEU B 274 -11.08 -10.23 16.79
N SER B 275 -10.44 -11.15 16.07
CA SER B 275 -9.85 -12.33 16.71
C SER B 275 -8.74 -11.95 17.68
N LEU B 276 -7.87 -11.04 17.25
CA LEU B 276 -6.79 -10.56 18.12
C LEU B 276 -7.35 -9.84 19.34
N PHE B 277 -8.18 -8.83 19.10
CA PHE B 277 -8.84 -8.09 20.17
C PHE B 277 -9.70 -8.92 21.11
N PHE B 278 -10.28 -9.98 20.56
CA PHE B 278 -11.23 -10.81 21.30
C PHE B 278 -10.61 -11.82 22.25
N ALA B 279 -9.65 -12.56 21.72
CA ALA B 279 -8.99 -13.61 22.46
C ALA B 279 -7.86 -13.18 23.36
N GLY B 280 -6.95 -12.43 22.76
CA GLY B 280 -5.67 -12.11 23.36
C GLY B 280 -5.87 -11.18 24.52
N THR B 281 -6.59 -10.10 24.24
CA THR B 281 -6.68 -8.95 25.11
C THR B 281 -7.68 -9.15 26.25
N GLU B 282 -8.83 -9.77 25.98
CA GLU B 282 -9.76 -10.08 27.06
C GLU B 282 -9.11 -11.06 28.05
N THR B 283 -8.46 -12.07 27.49
CA THR B 283 -7.78 -13.07 28.32
C THR B 283 -6.61 -12.45 29.09
N THR B 284 -5.89 -11.53 28.46
CA THR B 284 -4.79 -10.84 29.14
C THR B 284 -5.34 -9.90 30.22
N SER B 285 -6.37 -9.15 29.86
CA SER B 285 -7.02 -8.25 30.80
C SER B 285 -7.55 -9.04 31.99
N THR B 286 -8.20 -10.15 31.70
CA THR B 286 -8.76 -11.02 32.74
C THR B 286 -7.66 -11.57 33.65
N THR B 287 -6.54 -11.97 33.05
CA THR B 287 -5.40 -12.45 33.83
C THR B 287 -4.91 -11.37 34.79
N LEU B 288 -4.80 -10.15 34.30
CA LEU B 288 -4.33 -9.02 35.10
C LEU B 288 -5.25 -8.72 36.27
N ARG B 289 -6.56 -8.72 36.03
CA ARG B 289 -7.52 -8.44 37.10
C ARG B 289 -7.49 -9.54 38.14
N TYR B 290 -7.43 -10.79 37.68
CA TYR B 290 -7.33 -11.93 38.57
C TYR B 290 -6.02 -11.86 39.35
N GLY B 291 -4.99 -11.30 38.73
CA GLY B 291 -3.67 -11.22 39.33
C GLY B 291 -3.60 -10.24 40.50
N PHE B 292 -4.41 -9.20 40.46
CA PHE B 292 -4.43 -8.22 41.54
C PHE B 292 -5.37 -8.63 42.66
N LEU B 293 -6.51 -9.21 42.31
CA LEU B 293 -7.40 -9.77 43.31
C LEU B 293 -6.62 -10.78 44.14
N LEU B 294 -5.67 -11.44 43.49
CA LEU B 294 -4.87 -12.48 44.15
C LEU B 294 -3.62 -11.89 44.81
N MET B 295 -3.36 -10.61 44.55
CA MET B 295 -2.25 -9.93 45.19
C MET B 295 -2.73 -9.22 46.46
N LEU B 296 -4.04 -9.08 46.58
CA LEU B 296 -4.64 -8.56 47.80
C LEU B 296 -4.59 -9.65 48.85
N LYS B 297 -5.01 -10.85 48.45
CA LYS B 297 -5.12 -11.98 49.36
C LYS B 297 -3.78 -12.41 49.95
N TYR B 298 -2.68 -11.93 49.36
CA TYR B 298 -1.34 -12.26 49.87
C TYR B 298 -0.39 -11.07 49.78
N PRO B 299 -0.54 -10.12 50.72
CA PRO B 299 0.28 -8.90 50.76
C PRO B 299 1.75 -9.19 51.02
N HIS B 300 2.06 -10.40 51.46
CA HIS B 300 3.45 -10.79 51.69
C HIS B 300 4.16 -11.04 50.37
N VAL B 301 3.39 -11.34 49.33
CA VAL B 301 3.94 -11.47 47.99
C VAL B 301 4.18 -10.07 47.44
N THR B 302 3.12 -9.27 47.46
CA THR B 302 3.19 -7.88 47.02
C THR B 302 4.45 -7.21 47.55
N GLU B 303 4.63 -7.28 48.87
CA GLU B 303 5.78 -6.64 49.51
C GLU B 303 7.09 -7.28 49.08
N ARG B 304 7.12 -8.61 49.02
CA ARG B 304 8.29 -9.31 48.50
C ARG B 304 8.62 -8.79 47.11
N VAL B 305 7.62 -8.87 46.23
CA VAL B 305 7.75 -8.37 44.87
C VAL B 305 8.28 -6.94 44.82
N GLN B 306 7.77 -6.10 45.71
CA GLN B 306 8.17 -4.69 45.74
C GLN B 306 9.62 -4.50 46.15
N LYS B 307 10.17 -5.46 46.88
CA LYS B 307 11.59 -5.45 47.22
C LYS B 307 12.39 -6.08 46.09
N GLU B 308 11.73 -6.95 45.34
CA GLU B 308 12.31 -7.54 44.14
C GLU B 308 12.58 -6.43 43.13
N ILE B 309 11.54 -5.63 42.86
CA ILE B 309 11.67 -4.46 42.02
C ILE B 309 12.75 -3.56 42.59
N GLU B 310 12.56 -3.17 43.85
CA GLU B 310 13.51 -2.34 44.57
C GLU B 310 14.95 -2.73 44.28
N GLN B 311 15.27 -4.00 44.55
CA GLN B 311 16.64 -4.49 44.40
C GLN B 311 17.19 -4.31 42.99
N VAL B 312 16.47 -4.82 41.99
CA VAL B 312 17.00 -4.90 40.64
C VAL B 312 16.77 -3.57 39.94
N ILE B 313 15.56 -3.04 40.04
CA ILE B 313 15.22 -1.79 39.34
C ILE B 313 15.14 -0.46 40.09
N GLY B 314 14.60 -0.49 41.31
CA GLY B 314 14.40 0.73 42.06
C GLY B 314 13.22 1.62 41.70
N SER B 315 12.82 2.50 42.61
CA SER B 315 11.57 3.25 42.44
C SER B 315 11.27 4.25 41.31
N HIS B 316 12.30 4.56 40.51
CA HIS B 316 12.11 5.44 39.35
C HIS B 316 12.16 5.05 37.88
N ARG B 317 13.20 4.41 37.40
CA ARG B 317 13.32 3.99 36.01
C ARG B 317 12.26 2.94 35.71
N PRO B 318 11.76 2.92 34.48
CA PRO B 318 10.65 2.01 34.17
C PRO B 318 11.12 0.57 34.02
N PRO B 319 10.36 -0.39 34.57
CA PRO B 319 10.70 -1.80 34.39
C PRO B 319 10.81 -2.15 32.92
N ALA B 320 11.71 -3.05 32.56
CA ALA B 320 11.86 -3.49 31.18
C ALA B 320 11.87 -5.01 31.14
N LEU B 321 11.74 -5.57 29.94
CA LEU B 321 11.65 -7.02 29.78
C LEU B 321 12.95 -7.73 30.13
N ASP B 322 14.01 -6.96 30.34
CA ASP B 322 15.30 -7.54 30.69
C ASP B 322 15.36 -7.86 32.18
N ASP B 323 14.53 -7.16 32.94
CA ASP B 323 14.54 -7.31 34.40
C ASP B 323 13.77 -8.54 34.86
N ARG B 324 13.18 -9.27 33.92
CA ARG B 324 12.44 -10.48 34.26
C ARG B 324 13.41 -11.64 34.47
N ALA B 325 14.53 -11.58 33.77
CA ALA B 325 15.56 -12.60 33.87
C ALA B 325 16.28 -12.49 35.21
N LYS B 326 15.98 -11.44 35.96
CA LYS B 326 16.71 -11.15 37.20
C LYS B 326 15.77 -10.96 38.39
N MET B 327 14.47 -11.10 38.14
CA MET B 327 13.48 -11.03 39.22
C MET B 327 12.80 -12.39 39.07
N PRO B 328 13.30 -13.38 39.83
CA PRO B 328 12.91 -14.79 39.67
C PRO B 328 11.65 -14.97 40.51
N TYR B 329 11.55 -14.26 41.62
CA TYR B 329 10.36 -14.38 42.45
C TYR B 329 9.15 -13.77 41.76
N THR B 330 9.35 -12.60 41.16
CA THR B 330 8.28 -11.95 40.40
C THR B 330 7.91 -12.80 39.20
N ASP B 331 8.93 -13.29 38.50
CA ASP B 331 8.70 -14.17 37.36
C ASP B 331 7.91 -15.39 37.84
N ALA B 332 8.12 -15.76 39.09
CA ALA B 332 7.46 -16.93 39.66
C ALA B 332 6.02 -16.63 40.09
N VAL B 333 5.77 -15.39 40.52
CA VAL B 333 4.43 -15.01 40.97
C VAL B 333 3.49 -14.82 39.78
N ILE B 334 4.02 -14.37 38.66
CA ILE B 334 3.22 -14.21 37.45
C ILE B 334 2.92 -15.59 36.85
N HIS B 335 3.91 -16.48 36.90
CA HIS B 335 3.71 -17.85 36.46
C HIS B 335 2.58 -18.49 37.25
N GLU B 336 2.54 -18.21 38.54
CA GLU B 336 1.56 -18.80 39.44
C GLU B 336 0.18 -18.18 39.23
N ILE B 337 0.14 -16.88 38.96
CA ILE B 337 -1.12 -16.18 38.70
C ILE B 337 -1.82 -16.74 37.47
N GLN B 338 -1.05 -17.08 36.45
CA GLN B 338 -1.61 -17.68 35.24
C GLN B 338 -2.17 -19.08 35.52
N ARG B 339 -1.51 -19.79 36.44
CA ARG B 339 -1.91 -21.16 36.75
C ARG B 339 -3.24 -21.22 37.50
N LEU B 340 -3.26 -20.69 38.72
CA LEU B 340 -4.48 -20.68 39.52
C LEU B 340 -5.64 -20.09 38.75
N GLY B 341 -5.42 -18.89 38.21
CA GLY B 341 -6.42 -18.23 37.40
C GLY B 341 -7.08 -19.22 36.45
N ASP B 342 -6.26 -19.88 35.64
CA ASP B 342 -6.76 -20.87 34.69
C ASP B 342 -7.87 -20.48 33.73
N LEU B 343 -7.70 -19.35 33.06
CA LEU B 343 -8.76 -18.76 32.26
C LEU B 343 -9.39 -19.52 31.10
N ILE B 344 -8.72 -20.59 30.66
CA ILE B 344 -9.23 -21.42 29.57
C ILE B 344 -9.09 -22.89 29.97
N PRO B 345 -10.01 -23.36 30.83
CA PRO B 345 -9.97 -24.64 31.55
C PRO B 345 -10.07 -25.89 30.68
N PHE B 346 -10.79 -25.83 29.56
CA PHE B 346 -10.98 -27.01 28.73
C PHE B 346 -10.14 -26.95 27.46
N GLY B 347 -9.18 -26.03 27.43
CA GLY B 347 -8.44 -25.76 26.22
C GLY B 347 -9.25 -25.40 24.98
N VAL B 348 -8.68 -25.62 23.81
CA VAL B 348 -9.44 -25.45 22.58
C VAL B 348 -9.52 -26.79 21.88
N PRO B 349 -10.68 -27.02 21.15
CA PRO B 349 -10.85 -28.34 20.49
C PRO B 349 -9.78 -28.43 19.44
N HIS B 350 -9.27 -29.65 19.27
CA HIS B 350 -8.33 -29.98 18.21
C HIS B 350 -8.90 -31.11 17.38
N THR B 351 -8.50 -31.17 16.12
CA THR B 351 -8.80 -32.34 15.29
C THR B 351 -7.51 -33.00 14.85
N VAL B 352 -7.53 -34.32 14.76
CA VAL B 352 -6.36 -35.05 14.25
C VAL B 352 -6.46 -34.88 12.74
N THR B 353 -5.35 -35.05 12.05
CA THR B 353 -5.27 -34.76 10.62
C THR B 353 -5.17 -36.11 9.92
N LYS B 354 -4.64 -37.10 10.63
CA LYS B 354 -4.51 -38.45 10.08
C LYS B 354 -4.88 -39.47 11.15
N ASP B 355 -5.04 -40.73 10.74
CA ASP B 355 -5.31 -41.80 11.70
C ASP B 355 -4.07 -41.77 12.59
N THR B 356 -4.28 -41.44 13.85
CA THR B 356 -3.17 -41.23 14.78
C THR B 356 -3.21 -42.37 15.80
N GLN B 357 -2.06 -43.00 16.02
CA GLN B 357 -1.94 -44.02 17.05
C GLN B 357 -1.51 -43.40 18.38
N PHE B 358 -2.40 -43.45 19.37
CA PHE B 358 -2.10 -42.85 20.67
C PHE B 358 -2.26 -43.85 21.82
N ARG B 359 -1.20 -43.99 22.60
CA ARG B 359 -1.16 -44.90 23.74
C ARG B 359 -1.77 -46.28 23.46
N GLY B 360 -1.64 -46.73 22.22
CA GLY B 360 -2.11 -48.05 21.84
C GLY B 360 -3.40 -48.04 21.05
N TYR B 361 -4.18 -46.97 21.19
CA TYR B 361 -5.47 -46.86 20.51
C TYR B 361 -5.33 -46.16 19.17
N VAL B 362 -6.42 -46.07 18.44
CA VAL B 362 -6.42 -45.40 17.14
C VAL B 362 -7.49 -44.34 17.05
N ILE B 363 -7.14 -43.19 16.47
CA ILE B 363 -8.06 -42.09 16.32
C ILE B 363 -8.18 -41.80 14.82
N PRO B 364 -9.40 -41.93 14.28
CA PRO B 364 -9.66 -41.71 12.85
C PRO B 364 -9.17 -40.34 12.41
N LYS B 365 -8.98 -40.17 11.11
CA LYS B 365 -8.32 -38.98 10.58
C LYS B 365 -8.99 -37.74 11.16
N ASN B 366 -10.31 -37.77 11.32
CA ASN B 366 -11.03 -36.61 11.88
C ASN B 366 -11.73 -36.59 13.23
N THR B 367 -11.29 -37.30 14.23
CA THR B 367 -11.89 -37.21 15.56
C THR B 367 -11.47 -35.95 16.30
N GLU B 368 -12.42 -35.32 16.99
CA GLU B 368 -12.11 -34.11 17.75
C GLU B 368 -11.54 -34.44 19.12
N VAL B 369 -10.61 -33.59 19.58
CA VAL B 369 -9.89 -33.85 20.81
C VAL B 369 -9.86 -32.64 21.73
N PHE B 370 -10.14 -32.87 23.01
CA PHE B 370 -10.08 -31.81 24.01
C PHE B 370 -8.85 -31.97 24.90
N PRO B 371 -7.91 -31.01 24.83
CA PRO B 371 -6.84 -30.97 25.81
C PRO B 371 -7.30 -30.24 27.06
N VAL B 372 -7.85 -30.96 28.04
CA VAL B 372 -8.31 -30.34 29.27
C VAL B 372 -7.00 -29.74 29.81
N LEU B 373 -6.97 -28.42 29.91
CA LEU B 373 -5.74 -27.71 30.25
C LEU B 373 -5.73 -27.57 31.77
N SER B 374 -6.90 -27.46 32.38
CA SER B 374 -6.98 -27.26 33.83
C SER B 374 -6.45 -28.49 34.58
N SER B 375 -6.60 -29.66 33.97
CA SER B 375 -6.09 -30.89 34.56
C SER B 375 -4.56 -30.84 34.62
N ALA B 376 -3.97 -30.10 33.69
CA ALA B 376 -2.53 -29.95 33.63
C ALA B 376 -2.02 -28.93 34.64
N LEU B 377 -2.62 -27.74 34.62
CA LEU B 377 -2.24 -26.68 35.55
C LEU B 377 -2.43 -27.12 37.00
N HIS B 378 -3.42 -27.98 37.23
CA HIS B 378 -3.71 -28.47 38.57
C HIS B 378 -3.27 -29.91 38.78
N ASP B 379 -2.39 -30.39 37.89
CA ASP B 379 -1.89 -31.75 37.98
C ASP B 379 -1.06 -31.94 39.26
N PRO B 380 -1.53 -32.84 40.14
CA PRO B 380 -0.89 -33.07 41.44
C PRO B 380 0.52 -33.64 41.29
N ARG B 381 0.75 -34.37 40.20
CA ARG B 381 2.05 -34.99 39.95
C ARG B 381 3.13 -33.95 39.71
N TYR B 382 2.75 -32.77 39.26
CA TYR B 382 3.71 -31.74 38.88
C TYR B 382 3.67 -30.49 39.76
N PHE B 383 2.67 -30.40 40.63
CA PHE B 383 2.55 -29.24 41.52
C PHE B 383 2.32 -29.65 42.97
N GLU B 384 3.26 -29.25 43.84
CA GLU B 384 3.17 -29.54 45.27
C GLU B 384 1.79 -29.25 45.84
N THR B 385 1.40 -27.99 45.78
CA THR B 385 0.11 -27.55 46.29
C THR B 385 -0.80 -27.18 45.13
N PRO B 386 -1.45 -28.19 44.53
CA PRO B 386 -2.24 -28.07 43.29
C PRO B 386 -3.25 -26.93 43.29
N ASN B 387 -3.75 -26.54 44.46
CA ASN B 387 -4.76 -25.49 44.53
C ASN B 387 -4.39 -24.41 45.55
N THR B 388 -3.10 -24.08 45.61
CA THR B 388 -2.60 -23.12 46.57
C THR B 388 -1.54 -22.24 45.94
N PHE B 389 -1.67 -20.92 46.10
CA PHE B 389 -0.67 -20.01 45.56
C PHE B 389 0.70 -20.39 46.10
N ASN B 390 1.59 -20.80 45.21
CA ASN B 390 2.90 -21.29 45.61
C ASN B 390 3.97 -20.98 44.58
N PRO B 391 4.57 -19.78 44.69
CA PRO B 391 5.67 -19.35 43.80
C PRO B 391 6.82 -20.35 43.81
N GLY B 392 6.79 -21.31 44.72
CA GLY B 392 7.81 -22.33 44.78
C GLY B 392 7.74 -23.25 43.58
N HIS B 393 6.54 -23.43 43.05
CA HIS B 393 6.31 -24.30 41.89
C HIS B 393 7.27 -24.03 40.74
N PHE B 394 7.81 -22.82 40.69
CA PHE B 394 8.65 -22.40 39.56
C PHE B 394 10.03 -21.92 40.02
N LEU B 395 10.39 -22.27 41.25
CA LEU B 395 11.67 -21.88 41.82
C LEU B 395 12.46 -23.09 42.31
N ASP B 396 13.74 -23.14 41.99
CA ASP B 396 14.59 -24.23 42.46
C ASP B 396 15.23 -23.93 43.80
N ALA B 397 16.27 -24.69 44.15
CA ALA B 397 16.93 -24.57 45.45
C ALA B 397 17.46 -23.16 45.71
N ASN B 398 18.34 -22.70 44.82
CA ASN B 398 18.93 -21.37 44.96
C ASN B 398 17.86 -20.29 44.97
N GLY B 399 16.95 -20.36 44.01
CA GLY B 399 15.92 -19.36 43.86
C GLY B 399 15.89 -18.84 42.43
N ALA B 400 16.47 -19.60 41.52
CA ALA B 400 16.43 -19.26 40.10
C ALA B 400 15.16 -19.81 39.48
N LEU B 401 14.79 -19.30 38.31
CA LEU B 401 13.56 -19.74 37.66
C LEU B 401 13.69 -21.18 37.18
N LYS B 402 12.80 -22.03 37.68
CA LYS B 402 12.78 -23.44 37.33
C LYS B 402 11.51 -23.78 36.55
N ARG B 403 11.67 -23.95 35.24
CA ARG B 403 10.55 -24.31 34.38
C ARG B 403 9.78 -25.49 34.95
N ASN B 404 8.46 -25.37 34.97
CA ASN B 404 7.59 -26.49 35.35
C ASN B 404 6.84 -27.03 34.11
N GLU B 405 6.85 -28.35 33.94
CA GLU B 405 6.31 -28.97 32.72
C GLU B 405 4.78 -29.01 32.69
N GLY B 406 4.13 -28.80 33.83
CA GLY B 406 2.68 -28.78 33.87
C GLY B 406 2.09 -27.43 33.49
N PHE B 407 2.95 -26.42 33.49
CA PHE B 407 2.54 -25.06 33.17
C PHE B 407 2.29 -24.80 31.69
N MET B 408 1.04 -24.91 31.28
CA MET B 408 0.68 -24.73 29.87
C MET B 408 -0.60 -23.92 29.67
N PRO B 409 -0.61 -22.65 30.12
CA PRO B 409 -1.78 -21.78 29.99
C PRO B 409 -2.10 -21.51 28.52
N PHE B 410 -1.07 -21.24 27.72
CA PHE B 410 -1.26 -20.92 26.31
C PHE B 410 -1.36 -22.19 25.46
N SER B 411 -1.46 -23.33 26.11
CA SER B 411 -1.47 -24.58 25.39
C SER B 411 -0.04 -24.84 24.94
N LEU B 412 0.15 -25.78 24.02
CA LEU B 412 1.48 -26.07 23.52
C LEU B 412 1.43 -26.73 22.14
N GLY B 413 2.57 -26.74 21.45
CA GLY B 413 2.62 -27.31 20.13
C GLY B 413 2.40 -26.31 19.01
N LYS B 414 2.05 -26.81 17.83
CA LYS B 414 1.84 -25.98 16.66
C LYS B 414 0.70 -24.99 16.83
N ARG B 415 -0.27 -25.35 17.65
CA ARG B 415 -1.44 -24.53 17.89
C ARG B 415 -1.28 -23.58 19.08
N ILE B 416 -0.06 -23.47 19.60
CA ILE B 416 0.20 -22.63 20.77
C ILE B 416 -0.20 -21.19 20.52
N CYS B 417 -0.69 -20.53 21.56
CA CYS B 417 -1.23 -19.17 21.44
C CYS B 417 -0.30 -18.21 20.69
N LEU B 418 -0.80 -17.67 19.57
CA LEU B 418 -0.03 -16.74 18.77
C LEU B 418 0.52 -15.58 19.62
N GLY B 419 -0.34 -15.04 20.49
CA GLY B 419 0.02 -13.90 21.30
C GLY B 419 0.68 -14.28 22.61
N GLU B 420 1.28 -15.46 22.64
CA GLU B 420 1.87 -16.02 23.85
C GLU B 420 2.98 -15.17 24.45
N GLY B 421 3.92 -14.75 23.62
CA GLY B 421 5.03 -13.94 24.07
C GLY B 421 4.58 -12.55 24.49
N ILE B 422 3.84 -11.89 23.61
CA ILE B 422 3.38 -10.53 23.86
C ILE B 422 2.50 -10.48 25.10
N ALA B 423 1.73 -11.53 25.33
CA ALA B 423 0.88 -11.61 26.50
C ALA B 423 1.73 -11.49 27.77
N ARG B 424 2.76 -12.31 27.84
CA ARG B 424 3.62 -12.36 29.01
C ARG B 424 4.42 -11.08 29.21
N THR B 425 4.80 -10.43 28.11
CA THR B 425 5.50 -9.15 28.20
C THR B 425 4.57 -8.09 28.78
N GLU B 426 3.31 -8.13 28.38
CA GLU B 426 2.31 -7.21 28.92
C GLU B 426 2.09 -7.50 30.40
N LEU B 427 2.22 -8.75 30.78
CA LEU B 427 2.00 -9.15 32.18
C LEU B 427 3.14 -8.72 33.09
N PHE B 428 4.37 -8.94 32.67
CA PHE B 428 5.52 -8.52 33.45
C PHE B 428 5.56 -6.99 33.56
N LEU B 429 5.41 -6.33 32.42
CA LEU B 429 5.64 -4.90 32.33
C LEU B 429 4.61 -4.03 33.05
N PHE B 430 3.33 -4.21 32.74
CA PHE B 430 2.29 -3.49 33.45
C PHE B 430 2.39 -3.77 34.93
N PHE B 431 2.64 -5.05 35.24
CA PHE B 431 2.63 -5.53 36.62
C PHE B 431 3.67 -4.95 37.57
N THR B 432 4.94 -5.15 37.24
CA THR B 432 6.02 -4.58 38.03
C THR B 432 5.84 -3.07 38.09
N THR B 433 5.56 -2.48 36.94
CA THR B 433 5.38 -1.04 36.83
C THR B 433 4.29 -0.50 37.75
N ILE B 434 3.17 -1.20 37.86
CA ILE B 434 2.10 -0.79 38.76
C ILE B 434 2.53 -0.91 40.22
N LEU B 435 2.98 -2.09 40.61
CA LEU B 435 3.41 -2.33 41.98
C LEU B 435 4.57 -1.42 42.40
N GLN B 436 5.33 -0.93 41.42
CA GLN B 436 6.47 -0.08 41.70
C GLN B 436 6.03 1.33 42.11
N ASN B 437 4.87 1.76 41.61
CA ASN B 437 4.41 3.13 41.87
C ASN B 437 3.15 3.20 42.74
N PHE B 438 2.62 2.04 43.10
CA PHE B 438 1.45 1.97 43.96
C PHE B 438 1.54 0.80 44.92
N SER B 439 0.61 0.78 45.85
CA SER B 439 0.35 -0.37 46.70
C SER B 439 -1.16 -0.52 46.76
N ILE B 440 -1.65 -1.75 46.64
CA ILE B 440 -3.09 -1.96 46.54
C ILE B 440 -3.77 -2.04 47.89
N ALA B 441 -5.10 -1.95 47.87
CA ALA B 441 -5.91 -2.02 49.07
C ALA B 441 -7.37 -2.23 48.71
N SER B 442 -8.12 -2.88 49.59
CA SER B 442 -9.52 -3.17 49.34
C SER B 442 -10.33 -3.02 50.61
N PRO B 443 -11.65 -2.80 50.50
CA PRO B 443 -12.50 -2.79 51.68
C PRO B 443 -12.43 -4.15 52.38
N VAL B 444 -12.52 -5.21 51.58
CA VAL B 444 -12.49 -6.57 52.10
C VAL B 444 -11.15 -6.90 52.75
N PRO B 445 -11.21 -7.52 53.94
CA PRO B 445 -10.00 -7.98 54.63
C PRO B 445 -9.22 -8.99 53.79
N PRO B 446 -7.88 -8.91 53.80
CA PRO B 446 -7.01 -9.79 53.00
C PRO B 446 -7.40 -11.26 53.14
N GLU B 447 -7.81 -11.65 54.34
CA GLU B 447 -8.16 -13.04 54.63
C GLU B 447 -9.62 -13.38 54.27
N ASP B 448 -10.35 -12.39 53.76
CA ASP B 448 -11.76 -12.58 53.43
C ASP B 448 -11.93 -12.86 51.94
N ILE B 449 -10.85 -12.69 51.20
CA ILE B 449 -10.90 -12.76 49.74
C ILE B 449 -11.12 -14.16 49.18
N ASP B 450 -12.27 -14.33 48.54
CA ASP B 450 -12.59 -15.58 47.85
C ASP B 450 -12.06 -15.52 46.42
N LEU B 451 -11.04 -16.31 46.14
CA LEU B 451 -10.42 -16.33 44.82
C LEU B 451 -11.15 -17.26 43.83
N THR B 452 -12.34 -17.71 44.20
CA THR B 452 -13.13 -18.62 43.37
C THR B 452 -13.83 -17.85 42.24
N PRO B 453 -13.96 -18.46 41.05
CA PRO B 453 -14.56 -17.83 39.88
C PRO B 453 -16.06 -18.03 39.75
N ARG B 454 -16.62 -17.57 38.63
CA ARG B 454 -18.04 -17.71 38.35
C ARG B 454 -18.21 -18.96 37.49
N GLU B 455 -17.23 -19.21 36.63
CA GLU B 455 -17.24 -20.34 35.70
C GLU B 455 -18.54 -20.49 34.89
N SER B 456 -19.05 -19.38 34.38
CA SER B 456 -20.29 -19.38 33.62
C SER B 456 -20.15 -19.05 32.14
N GLY B 457 -18.95 -18.67 31.73
CA GLY B 457 -18.70 -18.29 30.35
C GLY B 457 -17.91 -19.28 29.50
N VAL B 458 -17.88 -20.54 29.94
CA VAL B 458 -17.08 -21.60 29.31
C VAL B 458 -15.62 -21.07 29.32
N GLY B 459 -15.34 -20.18 30.27
CA GLY B 459 -13.99 -19.74 30.55
C GLY B 459 -14.12 -19.27 31.99
N ASN B 460 -13.02 -19.21 32.71
CA ASN B 460 -13.07 -18.79 34.11
C ASN B 460 -12.93 -17.29 34.27
N VAL B 461 -13.96 -16.67 34.82
CA VAL B 461 -13.94 -15.24 35.08
C VAL B 461 -13.81 -15.01 36.58
N PRO B 462 -12.80 -14.21 36.98
CA PRO B 462 -12.67 -13.84 38.39
C PRO B 462 -13.92 -13.10 38.83
N PRO B 463 -14.12 -12.95 40.14
CA PRO B 463 -15.29 -12.19 40.61
C PRO B 463 -15.14 -10.72 40.23
N SER B 464 -16.16 -9.93 40.50
CA SER B 464 -16.02 -8.48 40.43
C SER B 464 -15.51 -8.02 41.78
N TYR B 465 -14.46 -7.20 41.78
CA TYR B 465 -13.88 -6.75 43.04
C TYR B 465 -13.39 -5.31 42.92
N GLN B 466 -13.31 -4.63 44.06
CA GLN B 466 -12.90 -3.23 44.07
C GLN B 466 -11.55 -3.01 44.74
N ILE B 467 -10.84 -1.98 44.32
CA ILE B 467 -9.46 -1.79 44.69
C ILE B 467 -9.06 -0.32 44.60
N ARG B 468 -8.10 0.08 45.44
CA ARG B 468 -7.55 1.44 45.39
C ARG B 468 -6.05 1.37 45.15
N PHE B 469 -5.55 2.30 44.34
CA PHE B 469 -4.12 2.37 44.09
C PHE B 469 -3.50 3.56 44.81
N LEU B 470 -2.85 3.29 45.94
CA LEU B 470 -2.24 4.34 46.74
C LEU B 470 -0.80 4.57 46.31
N ALA B 471 -0.48 5.82 46.00
CA ALA B 471 0.86 6.19 45.57
C ALA B 471 1.90 6.18 46.70
N ARG B 472 3.16 6.02 46.32
CA ARG B 472 4.24 6.03 47.30
C ARG B 472 4.99 7.33 47.54
N HIS B 473 4.49 8.11 48.50
CA HIS B 473 5.09 9.38 48.88
C HIS B 473 5.20 9.50 50.40
N GLY C 9 -47.41 -7.22 -13.24
CA GLY C 9 -47.48 -6.89 -11.83
C GLY C 9 -47.76 -8.10 -10.96
N LYS C 10 -46.82 -9.04 -10.97
CA LYS C 10 -46.96 -10.26 -10.17
C LYS C 10 -47.00 -9.95 -8.68
N LEU C 11 -46.16 -9.00 -8.26
CA LEU C 11 -46.10 -8.61 -6.86
C LEU C 11 -46.49 -7.15 -6.68
N PRO C 12 -47.40 -6.89 -5.75
CA PRO C 12 -47.86 -5.52 -5.48
C PRO C 12 -46.72 -4.60 -5.07
N PRO C 13 -46.98 -3.29 -5.02
CA PRO C 13 -45.97 -2.31 -4.65
C PRO C 13 -45.31 -2.44 -3.27
N GLY C 14 -44.08 -1.91 -3.14
CA GLY C 14 -43.33 -1.97 -1.89
C GLY C 14 -41.90 -1.55 -2.21
N PRO C 15 -41.30 -0.71 -1.35
CA PRO C 15 -39.96 -0.17 -1.56
C PRO C 15 -38.85 -1.19 -1.78
N SER C 16 -37.85 -0.79 -2.55
CA SER C 16 -36.77 -1.69 -2.96
C SER C 16 -36.00 -2.42 -1.86
N PRO C 17 -35.75 -3.72 -2.06
CA PRO C 17 -35.04 -4.57 -1.10
C PRO C 17 -33.55 -4.22 -1.03
N LEU C 18 -32.93 -4.53 0.10
CA LEU C 18 -31.48 -4.35 0.22
C LEU C 18 -30.78 -5.70 0.40
N PRO C 19 -29.54 -5.79 -0.12
CA PRO C 19 -28.73 -7.01 -0.10
C PRO C 19 -28.39 -7.52 1.31
N VAL C 20 -28.86 -8.74 1.60
CA VAL C 20 -28.47 -9.50 2.80
C VAL C 20 -28.84 -8.92 4.18
N LEU C 21 -28.29 -7.76 4.52
CA LEU C 21 -28.62 -7.14 5.80
C LEU C 21 -30.12 -7.00 5.94
N GLY C 22 -30.70 -6.25 4.99
CA GLY C 22 -32.09 -5.84 5.07
C GLY C 22 -32.08 -4.34 4.94
N ASN C 23 -33.21 -3.76 4.54
CA ASN C 23 -33.28 -2.32 4.30
C ASN C 23 -33.48 -1.65 5.65
N LEU C 24 -34.40 -2.20 6.44
CA LEU C 24 -34.76 -1.60 7.72
C LEU C 24 -34.68 -2.45 8.99
N LEU C 25 -33.74 -3.40 9.02
CA LEU C 25 -33.55 -4.18 10.24
C LEU C 25 -33.25 -3.27 11.42
N GLN C 26 -32.13 -2.56 11.31
CA GLN C 26 -31.67 -1.67 12.36
C GLN C 26 -32.79 -1.04 13.18
N MET C 27 -33.85 -0.62 12.49
CA MET C 27 -35.02 -0.05 13.15
C MET C 27 -35.67 -0.97 14.19
N ASP C 28 -35.87 -0.43 15.39
CA ASP C 28 -36.39 -1.19 16.51
C ASP C 28 -37.86 -0.84 16.79
N ARG C 29 -38.44 -1.45 17.82
CA ARG C 29 -39.88 -1.44 18.04
C ARG C 29 -40.55 -0.07 17.83
N LYS C 30 -39.99 0.99 18.41
CA LYS C 30 -40.48 2.35 18.11
C LYS C 30 -40.32 2.65 16.63
N GLY C 31 -39.09 2.51 16.14
CA GLY C 31 -38.78 2.80 14.74
C GLY C 31 -39.56 1.93 13.77
N LEU C 32 -39.72 0.64 14.09
CA LEU C 32 -40.44 -0.24 13.18
C LEU C 32 -41.90 0.18 13.07
N LEU C 33 -42.49 0.62 14.19
CA LEU C 33 -43.86 1.10 14.16
C LEU C 33 -43.98 2.26 13.18
N ARG C 34 -43.09 3.23 13.33
CA ARG C 34 -43.02 4.37 12.42
C ARG C 34 -42.86 3.90 10.98
N SER C 35 -42.01 2.90 10.78
CA SER C 35 -41.80 2.33 9.45
C SER C 35 -43.10 1.79 8.87
N PHE C 36 -43.75 0.93 9.65
CA PHE C 36 -45.00 0.29 9.24
C PHE C 36 -46.07 1.33 8.88
N LEU C 37 -46.15 2.40 9.66
CA LEU C 37 -47.10 3.47 9.41
C LEU C 37 -46.79 4.17 8.09
N ARG C 38 -45.53 4.53 7.91
CA ARG C 38 -45.09 5.30 6.75
C ARG C 38 -45.34 4.53 5.47
N LEU C 39 -45.04 3.24 5.53
CA LEU C 39 -45.06 2.41 4.35
C LEU C 39 -46.49 2.01 3.97
N ARG C 40 -47.34 1.75 4.96
CA ARG C 40 -48.74 1.43 4.70
C ARG C 40 -49.46 2.61 4.05
N GLU C 41 -49.17 3.81 4.55
CA GLU C 41 -49.75 5.03 4.02
C GLU C 41 -49.40 5.23 2.55
N LYS C 42 -48.13 4.96 2.21
CA LYS C 42 -47.64 5.11 0.83
C LYS C 42 -48.06 4.06 -0.24
N TYR C 43 -47.87 2.77 0.01
CA TYR C 43 -48.16 1.76 -1.01
C TYR C 43 -49.60 1.23 -0.89
N GLY C 44 -50.16 1.27 0.32
CA GLY C 44 -51.52 0.80 0.52
C GLY C 44 -51.63 -0.28 1.58
N ASP C 45 -52.61 -1.17 1.42
CA ASP C 45 -52.91 -2.16 2.45
C ASP C 45 -52.62 -3.60 2.02
N VAL C 46 -51.95 -3.75 0.89
CA VAL C 46 -51.61 -5.09 0.39
C VAL C 46 -50.20 -5.14 -0.15
N PHE C 47 -49.40 -4.13 0.20
CA PHE C 47 -48.06 -3.98 -0.34
C PHE C 47 -47.11 -5.14 -0.09
N THR C 48 -46.02 -5.17 -0.86
CA THR C 48 -45.03 -6.24 -0.78
C THR C 48 -43.65 -5.80 -0.27
N VAL C 49 -42.94 -6.70 0.42
CA VAL C 49 -41.61 -6.38 0.96
C VAL C 49 -40.65 -7.57 0.78
N TYR C 50 -39.37 -7.27 0.53
CA TYR C 50 -38.35 -8.30 0.34
C TYR C 50 -37.32 -8.36 1.45
N LEU C 51 -37.31 -9.48 2.16
CA LEU C 51 -36.34 -9.72 3.22
C LEU C 51 -35.20 -10.48 2.57
N GLY C 52 -34.41 -9.77 1.78
CA GLY C 52 -33.29 -10.37 1.07
C GLY C 52 -33.58 -11.08 -0.23
N SER C 53 -33.71 -12.41 -0.16
CA SER C 53 -33.97 -13.23 -1.34
C SER C 53 -35.46 -13.46 -1.56
N ARG C 54 -36.14 -13.96 -0.52
CA ARG C 54 -37.56 -14.30 -0.63
C ARG C 54 -38.46 -13.11 -0.32
N PRO C 55 -39.63 -13.04 -0.99
CA PRO C 55 -40.60 -11.96 -0.86
C PRO C 55 -41.74 -12.30 0.09
N VAL C 56 -42.25 -11.29 0.78
CA VAL C 56 -43.35 -11.50 1.72
C VAL C 56 -44.45 -10.44 1.59
N VAL C 57 -45.64 -10.90 1.26
CA VAL C 57 -46.81 -10.03 1.17
C VAL C 57 -47.35 -9.76 2.55
N VAL C 58 -47.48 -8.49 2.93
CA VAL C 58 -47.98 -8.14 4.25
C VAL C 58 -49.38 -7.57 4.16
N LEU C 59 -50.32 -8.21 4.84
CA LEU C 59 -51.69 -7.70 4.83
C LEU C 59 -51.93 -6.71 5.96
N CYS C 60 -52.61 -5.62 5.66
CA CYS C 60 -52.88 -4.60 6.66
C CYS C 60 -54.35 -4.24 6.70
N GLY C 61 -54.86 -4.01 7.90
CA GLY C 61 -56.24 -3.59 8.08
C GLY C 61 -57.23 -4.73 8.08
N THR C 62 -58.43 -4.46 8.57
CA THR C 62 -59.46 -5.47 8.71
C THR C 62 -59.86 -6.10 7.38
N ASP C 63 -60.11 -5.25 6.39
CA ASP C 63 -60.67 -5.72 5.13
C ASP C 63 -59.72 -6.57 4.29
N ALA C 64 -58.52 -6.05 4.04
CA ALA C 64 -57.54 -6.77 3.25
C ALA C 64 -57.33 -8.17 3.83
N ILE C 65 -56.89 -8.22 5.08
CA ILE C 65 -56.66 -9.48 5.78
C ILE C 65 -57.89 -10.37 5.71
N ARG C 66 -59.07 -9.77 5.81
CA ARG C 66 -60.31 -10.53 5.87
C ARG C 66 -60.61 -11.21 4.53
N GLU C 67 -60.41 -10.50 3.42
CA GLU C 67 -60.60 -11.07 2.10
C GLU C 67 -59.69 -12.28 1.93
N ALA C 68 -58.40 -12.06 2.18
CA ALA C 68 -57.38 -13.09 1.99
C ALA C 68 -57.69 -14.39 2.73
N LEU C 69 -58.15 -14.27 3.97
CA LEU C 69 -58.33 -15.44 4.82
C LEU C 69 -59.74 -16.01 4.82
N VAL C 70 -60.72 -15.16 4.59
CA VAL C 70 -62.11 -15.60 4.63
C VAL C 70 -62.65 -15.90 3.23
N ASP C 71 -62.45 -14.95 2.31
CA ASP C 71 -62.92 -15.11 0.93
C ASP C 71 -62.11 -16.15 0.16
N GLN C 72 -60.79 -15.95 0.08
CA GLN C 72 -59.90 -16.93 -0.53
C GLN C 72 -59.52 -17.98 0.54
N ALA C 73 -60.49 -18.80 0.92
CA ALA C 73 -60.32 -19.76 2.00
C ALA C 73 -59.16 -20.76 2.01
N GLU C 74 -59.08 -21.57 0.96
CA GLU C 74 -58.07 -22.61 0.86
C GLU C 74 -56.80 -21.93 0.38
N ALA C 75 -56.95 -21.03 -0.59
CA ALA C 75 -55.81 -20.35 -1.20
C ALA C 75 -54.91 -19.67 -0.19
N PHE C 76 -55.39 -19.49 1.04
CA PHE C 76 -54.61 -18.82 2.08
C PHE C 76 -54.38 -19.67 3.32
N SER C 77 -54.65 -20.97 3.22
CA SER C 77 -54.29 -21.89 4.29
C SER C 77 -52.86 -22.35 4.00
N GLY C 78 -52.36 -23.29 4.79
CA GLY C 78 -51.02 -23.79 4.60
C GLY C 78 -50.14 -23.08 5.62
N ARG C 79 -49.09 -23.77 6.06
CA ARG C 79 -48.24 -23.27 7.12
C ARG C 79 -47.23 -22.22 6.65
N GLY C 80 -46.74 -21.42 7.59
CA GLY C 80 -45.59 -20.57 7.36
C GLY C 80 -44.35 -21.38 7.64
N LYS C 81 -43.48 -21.53 6.64
CA LYS C 81 -42.37 -22.48 6.71
C LYS C 81 -41.39 -22.21 7.85
N ILE C 82 -40.56 -23.23 8.13
CA ILE C 82 -39.44 -23.10 9.06
C ILE C 82 -38.25 -23.91 8.52
N ALA C 83 -37.16 -23.24 8.18
CA ALA C 83 -36.00 -23.90 7.61
C ALA C 83 -34.70 -23.56 8.33
N VAL C 84 -34.13 -24.54 9.03
CA VAL C 84 -32.84 -24.39 9.70
C VAL C 84 -32.22 -25.77 9.94
N VAL C 85 -30.91 -25.80 10.15
CA VAL C 85 -30.19 -27.06 10.33
C VAL C 85 -29.78 -27.27 11.78
N ASP C 86 -30.50 -28.17 12.46
CA ASP C 86 -30.22 -28.47 13.86
C ASP C 86 -30.74 -29.87 14.17
N PRO C 87 -30.26 -30.48 15.27
CA PRO C 87 -30.77 -31.80 15.67
C PRO C 87 -32.25 -31.60 15.99
N ILE C 88 -32.52 -30.60 16.82
CA ILE C 88 -33.87 -30.11 17.06
C ILE C 88 -34.89 -29.69 16.01
N PHE C 89 -34.44 -28.85 15.07
CA PHE C 89 -35.25 -28.37 13.94
C PHE C 89 -35.61 -29.45 12.92
N GLN C 90 -34.72 -30.41 12.74
CA GLN C 90 -34.97 -31.52 11.84
C GLN C 90 -36.25 -32.24 12.23
N GLY C 91 -36.28 -32.78 13.44
CA GLY C 91 -37.42 -33.53 13.93
C GLY C 91 -38.72 -32.74 13.99
N TYR C 92 -38.66 -31.52 14.49
CA TYR C 92 -39.84 -30.67 14.62
C TYR C 92 -40.44 -30.35 13.27
N GLY C 93 -39.60 -29.91 12.34
CA GLY C 93 -40.04 -29.61 10.99
C GLY C 93 -40.73 -30.80 10.36
N VAL C 94 -40.08 -31.96 10.43
CA VAL C 94 -40.61 -33.18 9.82
C VAL C 94 -41.99 -33.53 10.37
N ILE C 95 -42.21 -33.24 11.65
CA ILE C 95 -43.47 -33.58 12.31
C ILE C 95 -44.67 -32.84 11.70
N PHE C 96 -44.49 -31.55 11.42
CA PHE C 96 -45.58 -30.73 10.91
C PHE C 96 -45.20 -29.93 9.67
N ALA C 97 -44.25 -30.44 8.90
CA ALA C 97 -43.82 -29.77 7.67
C ALA C 97 -44.95 -29.71 6.66
N ASN C 98 -45.65 -30.84 6.50
CA ASN C 98 -46.75 -30.93 5.56
C ASN C 98 -48.02 -30.25 6.08
N GLY C 99 -48.64 -29.43 5.24
CA GLY C 99 -49.87 -28.76 5.60
C GLY C 99 -51.03 -29.73 5.75
N GLU C 100 -51.02 -30.77 4.91
CA GLU C 100 -52.08 -31.77 4.93
C GLU C 100 -52.04 -32.61 6.21
N ARG C 101 -50.84 -32.99 6.61
CA ARG C 101 -50.66 -33.78 7.82
C ARG C 101 -51.21 -33.04 9.03
N TRP C 102 -51.04 -31.72 9.03
CA TRP C 102 -51.51 -30.89 10.12
C TRP C 102 -53.04 -30.84 10.20
N ARG C 103 -53.68 -30.77 9.03
CA ARG C 103 -55.14 -30.73 8.96
C ARG C 103 -55.75 -31.97 9.60
N ALA C 104 -55.15 -33.12 9.33
CA ALA C 104 -55.63 -34.38 9.89
C ALA C 104 -55.54 -34.38 11.41
N LEU C 105 -54.42 -33.89 11.94
CA LEU C 105 -54.26 -33.78 13.38
C LEU C 105 -55.27 -32.81 13.96
N ARG C 106 -55.37 -31.63 13.36
CA ARG C 106 -56.29 -30.60 13.81
C ARG C 106 -57.69 -31.18 13.97
N ARG C 107 -58.11 -31.96 12.98
CA ARG C 107 -59.39 -32.65 13.02
C ARG C 107 -59.46 -33.57 14.22
N PHE C 108 -58.45 -34.42 14.37
CA PHE C 108 -58.35 -35.25 15.55
C PHE C 108 -58.59 -34.38 16.78
N SER C 109 -57.74 -33.37 16.96
CA SER C 109 -57.79 -32.41 18.08
C SER C 109 -59.18 -31.81 18.34
N LEU C 110 -59.79 -31.24 17.30
CA LEU C 110 -61.10 -30.64 17.42
C LEU C 110 -62.16 -31.69 17.75
N ALA C 111 -62.06 -32.84 17.11
CA ALA C 111 -63.01 -33.93 17.35
C ALA C 111 -62.82 -34.61 18.71
N THR C 112 -61.59 -34.64 19.21
CA THR C 112 -61.31 -35.27 20.49
C THR C 112 -61.58 -34.37 21.69
N MET C 113 -62.03 -33.14 21.44
CA MET C 113 -62.19 -32.17 22.50
C MET C 113 -63.26 -32.44 23.55
N ARG C 114 -64.52 -32.37 23.14
CA ARG C 114 -65.64 -32.51 24.08
C ARG C 114 -66.65 -33.55 23.61
N ASP C 115 -66.55 -33.94 22.34
CA ASP C 115 -67.51 -34.87 21.75
C ASP C 115 -67.04 -36.30 22.02
N PHE C 116 -65.74 -36.53 21.93
CA PHE C 116 -65.19 -37.87 22.10
C PHE C 116 -64.15 -37.94 23.22
N GLY C 117 -64.29 -38.95 24.08
CA GLY C 117 -63.37 -39.16 25.18
C GLY C 117 -63.74 -38.37 26.42
N MET C 118 -62.86 -38.36 27.40
CA MET C 118 -63.09 -37.66 28.66
C MET C 118 -64.27 -38.22 29.43
N GLY C 119 -64.70 -39.42 29.07
CA GLY C 119 -65.84 -40.06 29.71
C GLY C 119 -67.00 -39.14 30.01
N LYS C 120 -67.48 -39.19 31.25
CA LYS C 120 -68.59 -38.35 31.68
C LYS C 120 -68.19 -36.89 31.72
N ARG C 121 -66.92 -36.63 32.00
CA ARG C 121 -66.45 -35.27 32.20
C ARG C 121 -66.34 -34.51 30.87
N SER C 122 -66.58 -33.20 30.94
CA SER C 122 -66.40 -32.32 29.79
C SER C 122 -65.44 -31.17 30.12
N VAL C 123 -64.89 -30.52 29.09
CA VAL C 123 -63.93 -29.43 29.28
C VAL C 123 -64.54 -28.35 30.18
N GLU C 124 -65.62 -27.74 29.70
CA GLU C 124 -66.32 -26.71 30.47
C GLU C 124 -66.35 -27.05 31.95
N GLU C 125 -66.71 -28.30 32.22
CA GLU C 125 -66.83 -28.83 33.56
C GLU C 125 -65.50 -28.83 34.29
N ARG C 126 -64.44 -29.21 33.59
CA ARG C 126 -63.09 -29.17 34.16
C ARG C 126 -62.71 -27.74 34.52
N ILE C 127 -63.01 -26.80 33.62
CA ILE C 127 -62.72 -25.40 33.85
C ILE C 127 -63.50 -24.87 35.04
N GLN C 128 -64.78 -25.24 35.13
CA GLN C 128 -65.60 -24.87 36.28
C GLN C 128 -64.98 -25.44 37.54
N GLU C 129 -64.46 -26.66 37.43
CA GLU C 129 -63.78 -27.31 38.55
C GLU C 129 -62.58 -26.47 38.97
N GLU C 130 -61.80 -26.04 37.99
CA GLU C 130 -60.59 -25.26 38.26
C GLU C 130 -60.91 -23.92 38.92
N ALA C 131 -61.97 -23.27 38.46
CA ALA C 131 -62.39 -21.99 39.02
C ALA C 131 -62.75 -22.10 40.50
N ARG C 132 -63.21 -23.28 40.92
CA ARG C 132 -63.52 -23.49 42.33
C ARG C 132 -62.26 -23.39 43.17
N CYS C 133 -61.25 -24.17 42.79
CA CYS C 133 -59.99 -24.20 43.50
C CYS C 133 -59.33 -22.83 43.48
N LEU C 134 -59.55 -22.09 42.39
CA LEU C 134 -59.02 -20.74 42.29
C LEU C 134 -59.56 -19.87 43.41
N VAL C 135 -60.88 -19.90 43.60
CA VAL C 135 -61.51 -19.09 44.64
C VAL C 135 -61.09 -19.56 46.03
N GLU C 136 -60.96 -20.87 46.18
CA GLU C 136 -60.42 -21.46 47.40
C GLU C 136 -59.02 -20.96 47.73
N GLU C 137 -58.10 -21.16 46.80
CA GLU C 137 -56.73 -20.72 46.97
C GLU C 137 -56.66 -19.22 47.10
N LEU C 138 -57.47 -18.52 46.32
CA LEU C 138 -57.50 -17.06 46.35
C LEU C 138 -57.92 -16.50 47.70
N ARG C 139 -58.93 -17.11 48.31
CA ARG C 139 -59.42 -16.68 49.62
C ARG C 139 -58.38 -16.86 50.72
N LYS C 140 -57.57 -17.90 50.58
CA LYS C 140 -56.53 -18.22 51.55
C LYS C 140 -55.56 -17.05 51.65
N SER C 141 -55.33 -16.37 50.54
CA SER C 141 -54.43 -15.24 50.51
C SER C 141 -54.91 -14.11 51.40
N LYS C 142 -56.21 -14.06 51.65
CA LYS C 142 -56.78 -13.03 52.51
C LYS C 142 -56.57 -11.58 52.09
N GLY C 143 -56.52 -11.34 50.78
CA GLY C 143 -56.34 -9.99 50.28
C GLY C 143 -54.97 -9.36 50.35
N ALA C 144 -53.98 -10.13 50.78
CA ALA C 144 -52.62 -9.61 50.87
C ALA C 144 -52.22 -9.34 49.43
N LEU C 145 -51.49 -8.26 49.18
CA LEU C 145 -51.08 -7.96 47.82
C LEU C 145 -50.31 -9.13 47.25
N LEU C 146 -50.20 -9.19 45.92
CA LEU C 146 -49.45 -10.25 45.27
C LEU C 146 -49.43 -10.08 43.76
N ASP C 147 -48.54 -10.82 43.11
CA ASP C 147 -48.41 -10.80 41.66
C ASP C 147 -49.05 -12.06 41.09
N ASN C 148 -50.13 -11.88 40.33
CA ASN C 148 -50.95 -13.00 39.88
C ASN C 148 -50.40 -13.76 38.66
N THR C 149 -49.15 -13.51 38.30
CA THR C 149 -48.57 -14.17 37.13
C THR C 149 -48.54 -15.69 37.31
N LEU C 150 -48.12 -16.15 38.49
CA LEU C 150 -48.03 -17.57 38.77
C LEU C 150 -49.40 -18.23 38.88
N LEU C 151 -50.31 -17.56 39.57
CA LEU C 151 -51.67 -18.07 39.74
C LEU C 151 -52.31 -18.36 38.39
N PHE C 152 -52.43 -17.32 37.57
CA PHE C 152 -53.09 -17.46 36.28
C PHE C 152 -52.37 -18.46 35.37
N HIS C 153 -51.06 -18.58 35.55
CA HIS C 153 -50.29 -19.59 34.81
C HIS C 153 -50.72 -20.97 35.25
N SER C 154 -51.07 -21.11 36.52
CA SER C 154 -51.46 -22.38 37.09
C SER C 154 -52.86 -22.79 36.64
N ILE C 155 -53.84 -21.95 36.90
CA ILE C 155 -55.23 -22.28 36.59
C ILE C 155 -55.41 -22.66 35.12
N THR C 156 -54.82 -21.86 34.23
CA THR C 156 -54.93 -22.13 32.79
C THR C 156 -54.09 -23.35 32.40
N SER C 157 -53.00 -23.59 33.12
CA SER C 157 -52.17 -24.76 32.90
C SER C 157 -52.92 -26.03 33.26
N ASN C 158 -53.50 -26.04 34.45
CA ASN C 158 -54.19 -27.22 34.97
C ASN C 158 -55.19 -27.85 33.99
N ILE C 159 -55.83 -27.01 33.18
CA ILE C 159 -56.79 -27.52 32.20
C ILE C 159 -56.09 -28.38 31.14
N ILE C 160 -54.90 -27.95 30.73
CA ILE C 160 -54.12 -28.72 29.76
C ILE C 160 -53.64 -30.02 30.40
N CYS C 161 -53.30 -29.95 31.68
CA CYS C 161 -52.93 -31.15 32.42
C CYS C 161 -54.09 -32.13 32.48
N SER C 162 -55.28 -31.61 32.75
CA SER C 162 -56.48 -32.44 32.85
C SER C 162 -56.78 -33.12 31.52
N ILE C 163 -56.86 -32.33 30.46
CA ILE C 163 -57.16 -32.87 29.14
C ILE C 163 -56.14 -33.91 28.70
N VAL C 164 -54.88 -33.68 29.06
CA VAL C 164 -53.78 -34.52 28.56
C VAL C 164 -53.46 -35.72 29.45
N PHE C 165 -53.41 -35.50 30.77
CA PHE C 165 -53.07 -36.58 31.69
C PHE C 165 -54.31 -37.20 32.32
N GLY C 166 -55.38 -36.42 32.39
CA GLY C 166 -56.60 -36.87 33.05
C GLY C 166 -56.60 -36.52 34.52
N LYS C 167 -55.70 -35.62 34.92
CA LYS C 167 -55.63 -35.20 36.31
C LYS C 167 -55.21 -33.74 36.42
N ARG C 168 -55.00 -33.30 37.66
CA ARG C 168 -54.72 -31.90 37.94
C ARG C 168 -53.86 -31.77 39.19
N PHE C 169 -53.07 -30.71 39.27
CA PHE C 169 -52.11 -30.57 40.37
C PHE C 169 -52.49 -29.48 41.36
N ASP C 170 -52.42 -29.81 42.65
CA ASP C 170 -52.50 -28.81 43.69
C ASP C 170 -51.49 -27.72 43.35
N TYR C 171 -51.86 -26.47 43.60
CA TYR C 171 -51.05 -25.33 43.18
C TYR C 171 -49.66 -25.31 43.80
N LYS C 172 -49.39 -26.24 44.72
CA LYS C 172 -48.14 -26.21 45.48
C LYS C 172 -47.38 -27.52 45.40
N ASP C 173 -47.98 -28.51 44.74
CA ASP C 173 -47.30 -29.77 44.44
C ASP C 173 -46.10 -29.33 43.59
N PRO C 174 -44.88 -29.53 44.10
CA PRO C 174 -43.65 -29.00 43.49
C PRO C 174 -43.41 -29.62 42.11
N VAL C 175 -44.01 -30.78 41.85
CA VAL C 175 -43.97 -31.36 40.50
C VAL C 175 -44.55 -30.34 39.53
N PHE C 176 -45.62 -29.69 39.99
CA PHE C 176 -46.34 -28.69 39.20
C PHE C 176 -45.60 -27.35 39.25
N LEU C 177 -45.27 -26.91 40.46
CA LEU C 177 -44.60 -25.63 40.64
C LEU C 177 -43.26 -25.59 39.91
N ARG C 178 -42.77 -26.76 39.50
CA ARG C 178 -41.57 -26.83 38.67
C ARG C 178 -41.92 -27.05 37.21
N LEU C 179 -42.98 -27.81 36.96
CA LEU C 179 -43.46 -28.02 35.61
C LEU C 179 -43.76 -26.66 34.97
N LEU C 180 -44.31 -25.76 35.77
CA LEU C 180 -44.59 -24.41 35.32
C LEU C 180 -43.32 -23.67 34.90
N ASP C 181 -42.32 -23.69 35.77
CA ASP C 181 -41.04 -23.01 35.53
C ASP C 181 -40.36 -23.54 34.26
N LEU C 182 -40.51 -24.82 33.95
CA LEU C 182 -39.90 -25.37 32.74
C LEU C 182 -40.40 -24.69 31.47
N PHE C 183 -41.65 -24.24 31.50
CA PHE C 183 -42.30 -23.65 30.33
C PHE C 183 -42.29 -22.12 30.30
N PHE C 184 -42.54 -21.51 31.45
CA PHE C 184 -42.85 -20.08 31.49
C PHE C 184 -41.78 -19.25 32.20
N GLN C 185 -40.83 -19.95 32.82
CA GLN C 185 -39.73 -19.28 33.48
C GLN C 185 -38.83 -18.61 32.46
N SER C 186 -38.57 -17.32 32.67
CA SER C 186 -37.63 -16.60 31.82
C SER C 186 -36.23 -16.83 32.35
N PHE C 187 -35.27 -16.85 31.44
CA PHE C 187 -33.88 -17.02 31.80
C PHE C 187 -33.11 -15.94 31.06
N SER C 188 -32.04 -15.44 31.65
CA SER C 188 -31.26 -14.40 31.03
C SER C 188 -29.93 -14.91 30.54
N LEU C 189 -29.62 -14.64 29.30
CA LEU C 189 -28.36 -15.07 28.70
C LEU C 189 -27.49 -13.85 28.49
N ILE C 190 -26.29 -13.88 29.05
CA ILE C 190 -25.36 -12.77 28.93
C ILE C 190 -24.18 -13.17 28.08
N SER C 191 -23.87 -12.35 27.07
CA SER C 191 -22.77 -12.64 26.17
C SER C 191 -22.18 -11.35 25.62
N SER C 192 -20.94 -11.42 25.14
CA SER C 192 -20.30 -10.28 24.51
C SER C 192 -19.90 -10.63 23.08
N PHE C 193 -19.61 -9.62 22.28
CA PHE C 193 -19.15 -9.85 20.91
C PHE C 193 -17.86 -10.64 20.93
N SER C 194 -17.00 -10.32 21.89
CA SER C 194 -15.71 -10.99 22.04
C SER C 194 -15.86 -12.42 22.53
N SER C 195 -16.69 -12.67 23.53
CA SER C 195 -16.83 -14.04 24.01
C SER C 195 -17.41 -14.96 22.94
N GLN C 196 -18.42 -14.47 22.24
CA GLN C 196 -19.06 -15.24 21.19
C GLN C 196 -18.12 -15.53 20.04
N VAL C 197 -17.30 -14.56 19.68
CA VAL C 197 -16.36 -14.76 18.60
C VAL C 197 -15.41 -15.86 19.01
N PHE C 198 -14.99 -15.80 20.27
CA PHE C 198 -14.06 -16.79 20.76
C PHE C 198 -14.64 -18.16 20.64
N GLU C 199 -15.90 -18.31 21.05
CA GLU C 199 -16.55 -19.60 20.96
C GLU C 199 -16.74 -20.10 19.53
N LEU C 200 -17.13 -19.21 18.65
CA LEU C 200 -17.34 -19.63 17.28
C LEU C 200 -16.13 -20.32 16.73
N PHE C 201 -14.99 -19.67 16.92
CA PHE C 201 -13.73 -20.21 16.45
C PHE C 201 -13.10 -21.42 17.14
N SER C 202 -13.21 -21.60 18.46
CA SER C 202 -12.50 -22.80 18.97
C SER C 202 -13.31 -24.01 18.58
N GLY C 203 -14.44 -23.76 17.93
CA GLY C 203 -15.38 -24.77 17.50
C GLY C 203 -16.16 -25.28 18.68
N PHE C 204 -16.13 -24.51 19.77
CA PHE C 204 -16.96 -24.82 20.92
C PHE C 204 -18.37 -24.35 20.59
N LEU C 205 -18.53 -23.66 19.47
CA LEU C 205 -19.82 -23.11 19.09
C LEU C 205 -20.97 -24.06 18.73
N LYS C 206 -20.66 -25.05 17.89
CA LYS C 206 -21.64 -25.99 17.34
C LYS C 206 -22.49 -26.80 18.35
N TYR C 207 -22.09 -26.81 19.61
CA TYR C 207 -22.73 -27.58 20.68
C TYR C 207 -23.96 -26.87 21.24
N PHE C 208 -23.91 -25.55 21.24
CA PHE C 208 -25.01 -24.75 21.74
C PHE C 208 -25.33 -23.72 20.67
N PRO C 209 -25.88 -24.20 19.56
CA PRO C 209 -26.23 -23.32 18.45
C PRO C 209 -27.29 -22.33 18.86
N GLY C 210 -27.20 -21.11 18.35
CA GLY C 210 -28.17 -20.09 18.68
C GLY C 210 -28.29 -19.72 20.15
N THR C 211 -29.52 -19.75 20.63
CA THR C 211 -29.84 -19.38 22.00
C THR C 211 -30.35 -20.49 22.92
N HIS C 212 -29.84 -21.71 22.81
CA HIS C 212 -30.37 -22.73 23.70
C HIS C 212 -30.14 -22.24 25.11
N ARG C 213 -28.91 -21.82 25.41
CA ARG C 213 -28.60 -21.23 26.72
C ARG C 213 -29.20 -22.00 27.88
N GLN C 214 -29.04 -23.32 27.89
CA GLN C 214 -29.61 -24.10 28.98
C GLN C 214 -31.07 -24.38 28.67
N ILE C 215 -31.52 -23.93 27.50
CA ILE C 215 -32.89 -24.16 27.06
C ILE C 215 -33.09 -25.66 26.95
N TYR C 216 -32.08 -26.33 26.40
CA TYR C 216 -32.09 -27.77 26.27
C TYR C 216 -32.20 -28.45 27.63
N ARG C 217 -31.54 -27.89 28.63
CA ARG C 217 -31.57 -28.48 29.96
C ARG C 217 -32.99 -28.50 30.46
N ASN C 218 -33.72 -27.40 30.23
CA ASN C 218 -35.11 -27.35 30.64
C ASN C 218 -35.86 -28.39 29.82
N LEU C 219 -35.50 -28.46 28.54
CA LEU C 219 -36.12 -29.41 27.63
C LEU C 219 -35.82 -30.84 28.07
N GLN C 220 -34.59 -31.08 28.51
CA GLN C 220 -34.23 -32.43 28.94
C GLN C 220 -35.04 -32.88 30.15
N GLU C 221 -35.19 -32.01 31.13
CA GLU C 221 -35.96 -32.36 32.31
C GLU C 221 -37.40 -32.62 31.89
N ILE C 222 -37.88 -31.79 30.98
CA ILE C 222 -39.24 -31.90 30.47
C ILE C 222 -39.49 -33.29 29.90
N ASN C 223 -38.73 -33.67 28.88
CA ASN C 223 -38.91 -34.96 28.22
C ASN C 223 -38.73 -36.12 29.19
N THR C 224 -38.04 -35.88 30.30
CA THR C 224 -38.01 -36.84 31.40
C THR C 224 -39.42 -37.00 31.92
N PHE C 225 -39.92 -35.94 32.55
CA PHE C 225 -41.24 -35.94 33.16
C PHE C 225 -42.31 -36.56 32.28
N ILE C 226 -42.40 -36.12 31.03
CA ILE C 226 -43.44 -36.61 30.14
C ILE C 226 -43.42 -38.13 30.07
N GLY C 227 -42.29 -38.71 29.69
CA GLY C 227 -42.16 -40.15 29.59
C GLY C 227 -42.34 -40.81 30.93
N GLN C 228 -41.75 -40.21 31.96
CA GLN C 228 -41.89 -40.69 33.33
C GLN C 228 -43.36 -40.92 33.67
N SER C 229 -44.12 -39.83 33.74
CA SER C 229 -45.55 -39.92 33.98
C SER C 229 -46.25 -40.70 32.86
N VAL C 230 -45.69 -40.63 31.66
CA VAL C 230 -46.29 -41.29 30.50
C VAL C 230 -46.38 -42.79 30.69
N GLU C 231 -45.57 -43.34 31.59
CA GLU C 231 -45.62 -44.76 31.88
C GLU C 231 -46.64 -45.05 32.99
N LYS C 232 -46.57 -44.24 34.04
CA LYS C 232 -47.45 -44.41 35.19
C LYS C 232 -48.93 -44.45 34.79
N HIS C 233 -49.30 -43.61 33.82
CA HIS C 233 -50.67 -43.56 33.34
C HIS C 233 -50.91 -44.54 32.19
N ARG C 234 -49.94 -44.66 31.30
CA ARG C 234 -50.06 -45.54 30.14
C ARG C 234 -50.14 -47.01 30.54
N ALA C 235 -49.40 -47.40 31.56
CA ALA C 235 -49.39 -48.77 32.03
C ALA C 235 -50.70 -49.41 32.45
N THR C 236 -51.75 -48.58 32.54
CA THR C 236 -53.08 -49.05 32.88
C THR C 236 -54.13 -48.87 31.78
N LEU C 237 -53.72 -49.11 30.53
CA LEU C 237 -54.60 -48.96 29.37
C LEU C 237 -55.87 -49.79 29.31
N ASP C 238 -57.01 -49.11 29.35
CA ASP C 238 -58.31 -49.78 29.33
C ASP C 238 -59.03 -49.06 28.20
N PRO C 239 -59.44 -49.82 27.19
CA PRO C 239 -60.10 -49.32 25.96
C PRO C 239 -61.61 -49.26 26.24
N SER C 240 -62.00 -49.31 27.50
CA SER C 240 -63.39 -49.11 27.87
C SER C 240 -63.85 -47.66 27.98
N ASN C 241 -63.15 -46.89 28.79
CA ASN C 241 -63.41 -45.47 28.93
C ASN C 241 -62.07 -44.75 28.81
N PRO C 242 -61.82 -44.11 27.66
CA PRO C 242 -60.58 -43.35 27.45
C PRO C 242 -60.40 -42.40 28.62
N ARG C 243 -59.23 -42.42 29.25
CA ARG C 243 -59.02 -41.68 30.49
C ARG C 243 -58.72 -40.23 30.09
N ASP C 244 -57.73 -40.03 29.22
CA ASP C 244 -57.29 -38.68 28.88
C ASP C 244 -56.51 -38.70 27.56
N PHE C 245 -55.95 -37.55 27.20
CA PHE C 245 -55.25 -37.40 25.92
C PHE C 245 -54.07 -38.28 25.51
N ILE C 246 -53.52 -38.99 26.49
CA ILE C 246 -52.51 -40.01 26.18
C ILE C 246 -53.20 -41.14 25.43
N ASP C 247 -54.19 -41.75 26.06
CA ASP C 247 -54.79 -43.00 25.59
C ASP C 247 -54.96 -43.08 24.07
N VAL C 248 -55.64 -42.11 23.48
CA VAL C 248 -55.85 -42.10 22.03
C VAL C 248 -54.57 -42.44 21.27
N TYR C 249 -53.49 -41.76 21.61
CA TYR C 249 -52.19 -42.00 20.97
C TYR C 249 -51.80 -43.48 21.01
N LEU C 250 -52.07 -44.11 22.15
CA LEU C 250 -51.72 -45.51 22.39
C LEU C 250 -52.69 -46.44 21.65
N LEU C 251 -53.99 -46.21 21.84
CA LEU C 251 -55.00 -46.93 21.08
C LEU C 251 -54.58 -47.07 19.61
N ARG C 252 -53.90 -46.05 19.09
CA ARG C 252 -53.41 -46.05 17.71
C ARG C 252 -51.97 -46.58 17.60
N MET C 253 -51.38 -46.94 18.74
CA MET C 253 -50.03 -47.49 18.79
C MET C 253 -50.03 -49.00 18.58
N GLU C 254 -50.77 -49.71 19.42
CA GLU C 254 -50.88 -51.16 19.31
C GLU C 254 -51.81 -51.51 18.15
N LYS C 255 -52.69 -50.58 17.80
CA LYS C 255 -53.58 -50.74 16.65
C LYS C 255 -52.89 -50.26 15.38
N ASP C 256 -53.54 -50.41 14.24
CA ASP C 256 -52.95 -50.01 12.96
C ASP C 256 -51.57 -50.66 12.81
N HIS C 266 -43.47 -40.27 15.70
CA HIS C 266 -42.03 -40.27 15.92
C HIS C 266 -41.79 -39.83 17.36
N GLN C 267 -42.46 -40.51 18.30
CA GLN C 267 -42.29 -40.26 19.73
C GLN C 267 -42.42 -38.84 20.28
N ASN C 268 -43.38 -38.10 19.73
CA ASN C 268 -43.53 -36.68 20.03
C ASN C 268 -44.53 -36.19 21.07
N LEU C 269 -45.30 -37.13 21.62
CA LEU C 269 -46.52 -36.80 22.36
C LEU C 269 -46.19 -35.70 23.35
N ILE C 270 -45.02 -35.79 23.98
CA ILE C 270 -44.50 -34.75 24.86
C ILE C 270 -44.37 -33.40 24.18
N LEU C 271 -43.55 -33.38 23.12
CA LEU C 271 -43.23 -32.15 22.41
C LEU C 271 -44.47 -31.46 21.85
N THR C 272 -45.31 -32.22 21.14
CA THR C 272 -46.51 -31.65 20.55
C THR C 272 -47.47 -31.03 21.57
N VAL C 273 -47.63 -31.68 22.71
CA VAL C 273 -48.45 -31.16 23.79
C VAL C 273 -47.88 -29.84 24.28
N LEU C 274 -46.56 -29.76 24.33
CA LEU C 274 -45.89 -28.57 24.81
C LEU C 274 -46.30 -27.41 23.92
N SER C 275 -46.40 -27.67 22.61
CA SER C 275 -46.80 -26.61 21.71
C SER C 275 -48.21 -26.17 22.02
N LEU C 276 -49.07 -27.10 22.41
CA LEU C 276 -50.42 -26.75 22.80
C LEU C 276 -50.35 -26.11 24.17
N PHE C 277 -49.54 -26.71 25.03
CA PHE C 277 -49.47 -26.25 26.40
C PHE C 277 -48.88 -24.86 26.58
N PHE C 278 -47.87 -24.54 25.80
CA PHE C 278 -47.23 -23.24 25.94
C PHE C 278 -48.02 -22.11 25.30
N ALA C 279 -48.49 -22.32 24.08
CA ALA C 279 -49.16 -21.24 23.37
C ALA C 279 -50.54 -20.79 23.82
N GLY C 280 -51.38 -21.73 24.25
CA GLY C 280 -52.71 -21.36 24.67
C GLY C 280 -52.65 -20.83 26.08
N THR C 281 -51.91 -21.55 26.90
CA THR C 281 -51.82 -21.24 28.32
C THR C 281 -51.13 -19.92 28.64
N GLU C 282 -50.03 -19.64 27.96
CA GLU C 282 -49.32 -18.39 28.23
C GLU C 282 -50.12 -17.22 27.67
N THR C 283 -50.57 -17.38 26.43
CA THR C 283 -51.39 -16.35 25.80
C THR C 283 -52.68 -16.11 26.59
N THR C 284 -53.31 -17.19 27.05
CA THR C 284 -54.54 -17.08 27.84
C THR C 284 -54.28 -16.47 29.20
N SER C 285 -53.23 -16.96 29.86
CA SER C 285 -52.84 -16.45 31.17
C SER C 285 -52.52 -14.95 31.09
N THR C 286 -51.85 -14.56 30.02
CA THR C 286 -51.48 -13.17 29.83
C THR C 286 -52.70 -12.31 29.55
N THR C 287 -53.54 -12.74 28.60
CA THR C 287 -54.78 -12.04 28.31
C THR C 287 -55.54 -11.79 29.60
N LEU C 288 -55.70 -12.85 30.39
CA LEU C 288 -56.38 -12.77 31.67
C LEU C 288 -55.72 -11.74 32.55
N ARG C 289 -54.41 -11.83 32.68
CA ARG C 289 -53.65 -10.90 33.54
C ARG C 289 -53.70 -9.47 33.05
N TYR C 290 -53.66 -9.28 31.73
CA TYR C 290 -53.81 -7.95 31.16
C TYR C 290 -55.21 -7.43 31.44
N GLY C 291 -56.19 -8.33 31.33
CA GLY C 291 -57.57 -7.98 31.59
C GLY C 291 -57.76 -7.41 32.98
N PHE C 292 -57.13 -8.03 33.97
CA PHE C 292 -57.30 -7.59 35.35
C PHE C 292 -56.59 -6.26 35.66
N LEU C 293 -55.57 -5.93 34.89
CA LEU C 293 -54.94 -4.64 35.01
C LEU C 293 -55.92 -3.57 34.55
N LEU C 294 -56.43 -3.75 33.33
CA LEU C 294 -57.48 -2.89 32.82
C LEU C 294 -58.55 -2.68 33.89
N MET C 295 -59.05 -3.79 34.44
CA MET C 295 -60.04 -3.74 35.51
C MET C 295 -59.66 -2.76 36.61
N LEU C 296 -58.39 -2.78 37.02
CA LEU C 296 -57.91 -1.89 38.05
C LEU C 296 -57.97 -0.43 37.62
N LYS C 297 -57.62 -0.16 36.37
CA LYS C 297 -57.59 1.20 35.86
C LYS C 297 -58.99 1.77 35.63
N TYR C 298 -59.95 0.89 35.38
CA TYR C 298 -61.30 1.31 35.02
C TYR C 298 -62.37 0.76 35.97
N PRO C 299 -62.46 1.34 37.18
CA PRO C 299 -63.40 0.91 38.22
C PRO C 299 -64.85 0.92 37.75
N HIS C 300 -65.19 1.81 36.83
CA HIS C 300 -66.56 1.85 36.32
C HIS C 300 -66.92 0.51 35.71
N VAL C 301 -66.20 0.14 34.66
CA VAL C 301 -66.46 -1.09 33.93
C VAL C 301 -66.60 -2.31 34.86
N THR C 302 -65.66 -2.46 35.79
CA THR C 302 -65.66 -3.62 36.68
C THR C 302 -66.93 -3.71 37.55
N GLU C 303 -67.51 -2.57 37.88
CA GLU C 303 -68.75 -2.56 38.66
C GLU C 303 -69.93 -3.02 37.83
N ARG C 304 -70.01 -2.52 36.59
CA ARG C 304 -71.07 -2.94 35.68
C ARG C 304 -70.93 -4.40 35.31
N VAL C 305 -69.74 -4.96 35.53
CA VAL C 305 -69.51 -6.38 35.33
C VAL C 305 -69.96 -7.13 36.58
N GLN C 306 -69.76 -6.50 37.73
CA GLN C 306 -70.19 -7.05 39.00
C GLN C 306 -71.69 -7.28 38.98
N LYS C 307 -72.44 -6.24 38.64
CA LYS C 307 -73.90 -6.28 38.65
C LYS C 307 -74.43 -7.33 37.69
N GLU C 308 -74.08 -7.20 36.43
CA GLU C 308 -74.57 -8.12 35.41
C GLU C 308 -74.38 -9.57 35.82
N ILE C 309 -73.39 -9.81 36.68
CA ILE C 309 -73.17 -11.14 37.25
C ILE C 309 -74.21 -11.39 38.33
N GLU C 310 -74.30 -10.47 39.28
CA GLU C 310 -75.29 -10.53 40.36
C GLU C 310 -76.71 -10.61 39.80
N GLN C 311 -76.87 -10.12 38.57
CA GLN C 311 -78.18 -9.88 37.99
C GLN C 311 -78.60 -10.97 37.02
N VAL C 312 -77.71 -11.90 36.76
CA VAL C 312 -77.95 -12.97 35.78
C VAL C 312 -77.53 -14.32 36.34
N ILE C 313 -76.55 -14.30 37.25
CA ILE C 313 -76.10 -15.50 37.92
C ILE C 313 -76.46 -15.45 39.40
N GLY C 314 -76.27 -14.28 40.00
CA GLY C 314 -76.58 -14.11 41.41
C GLY C 314 -75.38 -14.40 42.29
N SER C 315 -75.52 -14.12 43.58
CA SER C 315 -74.40 -14.21 44.51
C SER C 315 -73.99 -15.65 44.80
N HIS C 316 -74.86 -16.63 44.52
CA HIS C 316 -74.62 -17.99 45.01
C HIS C 316 -74.04 -19.10 44.17
N ARG C 317 -74.53 -19.36 42.97
CA ARG C 317 -74.16 -20.55 42.19
C ARG C 317 -73.04 -20.14 41.23
N PRO C 318 -72.15 -21.09 40.93
CA PRO C 318 -71.06 -20.93 39.95
C PRO C 318 -71.58 -20.50 38.59
N PRO C 319 -70.86 -19.58 37.92
CA PRO C 319 -71.19 -19.19 36.55
C PRO C 319 -70.89 -20.33 35.59
N ALA C 320 -71.44 -20.27 34.38
CA ALA C 320 -71.19 -21.30 33.38
C ALA C 320 -71.23 -20.71 31.97
N LEU C 321 -70.79 -21.51 31.00
CA LEU C 321 -70.66 -21.06 29.62
C LEU C 321 -71.95 -20.48 29.05
N ASP C 322 -73.09 -21.01 29.50
CA ASP C 322 -74.38 -20.60 28.95
C ASP C 322 -74.85 -19.26 29.50
N ASP C 323 -74.22 -18.81 30.58
CA ASP C 323 -74.53 -17.51 31.15
C ASP C 323 -74.09 -16.39 30.21
N ARG C 324 -73.12 -16.69 29.36
CA ARG C 324 -72.49 -15.68 28.52
C ARG C 324 -73.45 -15.08 27.49
N ALA C 325 -74.32 -15.91 26.92
CA ALA C 325 -75.28 -15.46 25.92
C ALA C 325 -76.30 -14.49 26.54
N LYS C 326 -76.31 -14.42 27.86
CA LYS C 326 -77.24 -13.55 28.58
C LYS C 326 -76.48 -12.38 29.21
N MET C 327 -75.16 -12.36 29.04
CA MET C 327 -74.31 -11.33 29.63
C MET C 327 -73.52 -10.57 28.56
N PRO C 328 -74.19 -9.64 27.87
CA PRO C 328 -73.58 -8.91 26.76
C PRO C 328 -72.42 -8.05 27.24
N TYR C 329 -72.64 -7.30 28.32
CA TYR C 329 -71.64 -6.35 28.77
C TYR C 329 -70.36 -7.02 29.24
N THR C 330 -70.48 -8.16 29.91
CA THR C 330 -69.31 -8.90 30.35
C THR C 330 -68.59 -9.52 29.16
N ASP C 331 -69.36 -9.93 28.16
CA ASP C 331 -68.80 -10.54 26.96
C ASP C 331 -68.12 -9.48 26.09
N ALA C 332 -68.71 -8.29 26.06
CA ALA C 332 -68.13 -7.17 25.32
C ALA C 332 -66.84 -6.71 25.98
N VAL C 333 -66.84 -6.68 27.31
CA VAL C 333 -65.67 -6.26 28.08
C VAL C 333 -64.50 -7.22 27.85
N ILE C 334 -64.81 -8.48 27.54
CA ILE C 334 -63.77 -9.46 27.28
C ILE C 334 -63.22 -9.31 25.87
N HIS C 335 -64.11 -9.11 24.90
CA HIS C 335 -63.69 -8.79 23.55
C HIS C 335 -62.72 -7.62 23.58
N GLU C 336 -63.11 -6.57 24.29
CA GLU C 336 -62.28 -5.37 24.41
C GLU C 336 -60.88 -5.72 24.90
N ILE C 337 -60.80 -6.56 25.92
CA ILE C 337 -59.53 -6.95 26.49
C ILE C 337 -58.59 -7.57 25.46
N GLN C 338 -59.08 -8.59 24.75
CA GLN C 338 -58.29 -9.23 23.72
C GLN C 338 -57.87 -8.24 22.64
N ARG C 339 -58.81 -7.40 22.22
CA ARG C 339 -58.54 -6.40 21.20
C ARG C 339 -57.39 -5.49 21.63
N LEU C 340 -57.59 -4.83 22.77
CA LEU C 340 -56.60 -3.90 23.30
C LEU C 340 -55.40 -4.66 23.84
N GLY C 341 -55.55 -5.96 24.03
CA GLY C 341 -54.46 -6.80 24.50
C GLY C 341 -53.43 -6.97 23.41
N ASP C 342 -53.88 -7.43 22.24
CA ASP C 342 -53.05 -7.46 21.05
C ASP C 342 -51.75 -8.21 21.33
N LEU C 343 -51.87 -9.46 21.77
CA LEU C 343 -50.72 -10.21 22.24
C LEU C 343 -49.96 -10.93 21.13
N ILE C 344 -50.58 -11.02 19.96
CA ILE C 344 -49.91 -11.52 18.77
C ILE C 344 -49.99 -10.44 17.69
N PRO C 345 -49.23 -9.35 17.89
CA PRO C 345 -49.31 -8.13 17.08
C PRO C 345 -49.06 -8.36 15.59
N PHE C 346 -47.93 -8.97 15.25
CA PHE C 346 -47.55 -9.15 13.86
C PHE C 346 -48.20 -10.39 13.24
N GLY C 347 -48.77 -11.23 14.09
CA GLY C 347 -49.53 -12.38 13.61
C GLY C 347 -48.70 -13.64 13.51
N VAL C 348 -49.11 -14.52 12.59
CA VAL C 348 -48.40 -15.76 12.32
C VAL C 348 -48.38 -15.98 10.82
N PRO C 349 -47.17 -16.03 10.22
CA PRO C 349 -47.02 -16.06 8.77
C PRO C 349 -47.75 -17.21 8.11
N HIS C 350 -48.54 -16.90 7.08
CA HIS C 350 -49.12 -17.92 6.22
C HIS C 350 -48.33 -18.04 4.93
N THR C 351 -48.67 -19.05 4.13
CA THR C 351 -48.20 -19.16 2.76
C THR C 351 -49.38 -19.56 1.90
N VAL C 352 -49.53 -18.94 0.74
CA VAL C 352 -50.59 -19.33 -0.18
C VAL C 352 -50.25 -20.67 -0.80
N THR C 353 -51.27 -21.48 -1.06
CA THR C 353 -51.06 -22.76 -1.73
C THR C 353 -51.06 -22.77 -3.25
N LYS C 354 -52.14 -22.26 -3.84
CA LYS C 354 -52.28 -22.22 -5.29
C LYS C 354 -51.73 -20.87 -5.73
N ASP C 355 -51.57 -20.71 -7.04
CA ASP C 355 -51.28 -19.39 -7.60
C ASP C 355 -52.52 -18.55 -7.40
N THR C 356 -52.43 -17.55 -6.53
CA THR C 356 -53.62 -16.80 -6.13
C THR C 356 -53.65 -15.37 -6.64
N GLN C 357 -54.81 -14.97 -7.16
CA GLN C 357 -55.05 -13.59 -7.56
C GLN C 357 -55.75 -12.86 -6.43
N PHE C 358 -55.33 -11.64 -6.16
CA PHE C 358 -55.91 -10.85 -5.07
C PHE C 358 -55.84 -9.36 -5.38
N ARG C 359 -57.00 -8.73 -5.48
CA ARG C 359 -57.09 -7.32 -5.86
C ARG C 359 -56.37 -7.09 -7.18
N GLY C 360 -56.34 -8.13 -8.02
CA GLY C 360 -55.71 -8.05 -9.31
C GLY C 360 -54.37 -8.77 -9.37
N TYR C 361 -53.53 -8.48 -8.40
CA TYR C 361 -52.16 -9.00 -8.36
C TYR C 361 -52.13 -10.52 -8.27
N VAL C 362 -51.03 -11.11 -8.73
CA VAL C 362 -50.88 -12.56 -8.65
C VAL C 362 -49.86 -12.97 -7.58
N ILE C 363 -50.38 -13.31 -6.42
CA ILE C 363 -49.56 -13.91 -5.38
C ILE C 363 -49.06 -15.25 -5.87
N PRO C 364 -47.80 -15.59 -5.56
CA PRO C 364 -47.17 -16.80 -6.11
C PRO C 364 -47.64 -17.96 -5.23
N LYS C 365 -47.10 -19.15 -5.46
CA LYS C 365 -47.33 -20.31 -4.62
C LYS C 365 -46.16 -20.55 -3.67
N ASN C 366 -46.46 -20.92 -2.42
CA ASN C 366 -45.46 -21.01 -1.37
C ASN C 366 -44.80 -19.69 -0.96
N THR C 367 -45.55 -18.60 -1.13
CA THR C 367 -45.08 -17.28 -0.74
C THR C 367 -45.64 -16.95 0.62
N GLU C 368 -45.01 -16.00 1.29
CA GLU C 368 -45.39 -15.68 2.65
C GLU C 368 -46.25 -14.44 2.79
N VAL C 369 -47.32 -14.59 3.58
CA VAL C 369 -48.23 -13.50 3.83
C VAL C 369 -48.31 -13.22 5.32
N PHE C 370 -48.13 -11.96 5.70
CA PHE C 370 -48.24 -11.55 7.09
C PHE C 370 -49.59 -10.89 7.34
N PRO C 371 -50.50 -11.60 8.01
CA PRO C 371 -51.69 -10.92 8.53
C PRO C 371 -51.32 -10.14 9.78
N VAL C 372 -51.25 -8.82 9.69
CA VAL C 372 -50.85 -8.00 10.83
C VAL C 372 -52.07 -7.68 11.70
N LEU C 373 -52.55 -8.70 12.39
CA LEU C 373 -53.78 -8.61 13.18
C LEU C 373 -53.87 -7.35 14.04
N SER C 374 -52.73 -6.94 14.60
CA SER C 374 -52.72 -5.75 15.45
C SER C 374 -53.38 -4.57 14.73
N SER C 375 -53.12 -4.47 13.43
CA SER C 375 -53.67 -3.37 12.64
C SER C 375 -55.18 -3.49 12.46
N ALA C 376 -55.67 -4.73 12.46
CA ALA C 376 -57.11 -4.97 12.36
C ALA C 376 -57.80 -4.67 13.69
N LEU C 377 -57.15 -5.07 14.77
CA LEU C 377 -57.67 -4.82 16.11
C LEU C 377 -57.83 -3.32 16.38
N HIS C 378 -56.84 -2.55 15.93
CA HIS C 378 -56.87 -1.10 16.14
C HIS C 378 -57.35 -0.36 14.90
N ASP C 379 -57.93 -1.10 13.96
CA ASP C 379 -58.41 -0.52 12.70
C ASP C 379 -59.49 0.53 12.91
N PRO C 380 -59.16 1.80 12.61
CA PRO C 380 -60.02 2.97 12.83
C PRO C 380 -61.34 2.94 12.05
N ARG C 381 -61.39 2.25 10.92
CA ARG C 381 -62.61 2.19 10.14
C ARG C 381 -63.67 1.32 10.84
N TYR C 382 -63.22 0.49 11.76
CA TYR C 382 -64.13 -0.40 12.49
C TYR C 382 -64.28 -0.20 13.99
N PHE C 383 -63.32 0.50 14.61
CA PHE C 383 -63.40 0.83 16.02
C PHE C 383 -63.32 2.34 16.22
N GLU C 384 -64.29 2.89 16.93
CA GLU C 384 -64.42 4.33 17.08
C GLU C 384 -63.24 4.93 17.85
N THR C 385 -62.71 4.18 18.80
CA THR C 385 -61.57 4.64 19.59
C THR C 385 -60.48 3.57 19.71
N PRO C 386 -59.73 3.34 18.62
CA PRO C 386 -58.82 2.20 18.44
C PRO C 386 -57.81 2.04 19.57
N ASN C 387 -57.47 3.11 20.27
CA ASN C 387 -56.48 3.02 21.34
C ASN C 387 -57.05 3.30 22.73
N THR C 388 -58.35 3.09 22.88
CA THR C 388 -59.06 3.36 24.13
C THR C 388 -59.94 2.18 24.50
N PHE C 389 -59.86 1.75 25.77
CA PHE C 389 -60.74 0.71 26.27
C PHE C 389 -62.19 1.19 26.19
N ASN C 390 -62.99 0.50 25.40
CA ASN C 390 -64.36 0.94 25.13
C ASN C 390 -65.26 -0.22 24.73
N PRO C 391 -65.94 -0.83 25.72
CA PRO C 391 -66.86 -1.96 25.52
C PRO C 391 -67.88 -1.70 24.43
N GLY C 392 -68.19 -0.43 24.18
CA GLY C 392 -69.15 -0.04 23.17
C GLY C 392 -68.82 -0.61 21.81
N HIS C 393 -67.54 -0.88 21.58
CA HIS C 393 -67.07 -1.45 20.32
C HIS C 393 -67.95 -2.64 19.95
N PHE C 394 -68.45 -3.36 20.95
CA PHE C 394 -69.24 -4.56 20.71
C PHE C 394 -70.71 -4.56 21.15
N LEU C 395 -71.24 -3.38 21.44
CA LEU C 395 -72.65 -3.27 21.84
C LEU C 395 -73.47 -2.50 20.80
N ASP C 396 -74.66 -3.00 20.49
CA ASP C 396 -75.54 -2.30 19.55
C ASP C 396 -76.40 -1.26 20.26
N ALA C 397 -77.18 -0.52 19.48
CA ALA C 397 -77.93 0.64 19.98
C ALA C 397 -78.74 0.34 21.25
N ASN C 398 -79.19 -0.90 21.40
CA ASN C 398 -79.98 -1.27 22.57
C ASN C 398 -79.33 -2.30 23.50
N GLY C 399 -78.03 -2.14 23.71
CA GLY C 399 -77.32 -2.84 24.78
C GLY C 399 -76.94 -4.30 24.58
N ALA C 400 -77.15 -4.84 23.39
CA ALA C 400 -76.84 -6.24 23.14
C ALA C 400 -75.47 -6.42 22.49
N LEU C 401 -75.07 -7.68 22.29
CA LEU C 401 -73.76 -7.98 21.71
C LEU C 401 -73.79 -8.00 20.19
N LYS C 402 -73.05 -7.10 19.57
CA LYS C 402 -72.89 -7.11 18.13
C LYS C 402 -71.50 -7.59 17.75
N ARG C 403 -71.41 -8.40 16.70
CA ARG C 403 -70.14 -8.87 16.19
C ARG C 403 -69.41 -7.72 15.50
N ASN C 404 -68.08 -7.78 15.49
CA ASN C 404 -67.29 -6.72 14.87
C ASN C 404 -66.20 -7.28 13.95
N GLU C 405 -66.26 -6.89 12.69
CA GLU C 405 -65.35 -7.44 11.67
C GLU C 405 -63.88 -7.16 11.97
N GLY C 406 -63.61 -6.08 12.70
CA GLY C 406 -62.25 -5.74 13.05
C GLY C 406 -61.70 -6.61 14.17
N PHE C 407 -62.56 -7.45 14.74
CA PHE C 407 -62.16 -8.30 15.86
C PHE C 407 -61.69 -9.72 15.57
N MET C 408 -60.40 -9.86 15.28
CA MET C 408 -59.83 -11.15 14.93
C MET C 408 -58.53 -11.41 15.68
N PRO C 409 -58.59 -11.58 17.00
CA PRO C 409 -57.37 -11.75 17.80
C PRO C 409 -56.91 -13.19 17.67
N PHE C 410 -57.75 -14.03 17.09
CA PHE C 410 -57.41 -15.44 16.87
C PHE C 410 -57.06 -15.70 15.40
N SER C 411 -56.95 -14.65 14.61
CA SER C 411 -56.83 -14.78 13.16
C SER C 411 -58.14 -15.38 12.64
N LEU C 412 -58.15 -15.83 11.38
CA LEU C 412 -59.37 -16.38 10.80
C LEU C 412 -59.13 -17.50 9.81
N GLY C 413 -60.20 -17.96 9.18
CA GLY C 413 -60.12 -18.97 8.14
C GLY C 413 -59.74 -20.34 8.64
N LYS C 414 -59.12 -21.13 7.77
CA LYS C 414 -58.69 -22.48 8.11
C LYS C 414 -57.56 -22.45 9.12
N ARG C 415 -56.66 -21.47 8.96
CA ARG C 415 -55.48 -21.37 9.80
C ARG C 415 -55.80 -20.76 11.16
N ILE C 416 -57.09 -20.56 11.43
CA ILE C 416 -57.53 -19.99 12.70
C ILE C 416 -57.05 -20.83 13.89
N CYS C 417 -57.08 -20.24 15.07
CA CYS C 417 -56.62 -20.91 16.28
C CYS C 417 -57.48 -22.12 16.64
N LEU C 418 -56.82 -23.22 17.00
CA LEU C 418 -57.50 -24.45 17.36
C LEU C 418 -58.09 -24.37 18.77
N GLY C 419 -57.40 -23.67 19.65
CA GLY C 419 -57.82 -23.55 21.04
C GLY C 419 -58.67 -22.31 21.30
N GLU C 420 -59.16 -21.69 20.23
CA GLU C 420 -60.00 -20.51 20.38
C GLU C 420 -61.23 -20.84 21.20
N GLY C 421 -61.71 -22.08 21.08
CA GLY C 421 -62.82 -22.54 21.87
C GLY C 421 -62.47 -22.60 23.35
N ILE C 422 -61.46 -23.40 23.67
CA ILE C 422 -61.02 -23.54 25.06
C ILE C 422 -60.70 -22.19 25.69
N ALA C 423 -59.85 -21.42 25.01
CA ALA C 423 -59.36 -20.15 25.53
C ALA C 423 -60.49 -19.16 25.87
N ARG C 424 -61.44 -19.01 24.96
CA ARG C 424 -62.56 -18.11 25.17
C ARG C 424 -63.36 -18.51 26.42
N THR C 425 -63.64 -19.80 26.54
CA THR C 425 -64.34 -20.33 27.71
C THR C 425 -63.52 -20.05 28.96
N GLU C 426 -62.23 -20.32 28.89
CA GLU C 426 -61.31 -20.09 29.99
C GLU C 426 -61.39 -18.63 30.44
N LEU C 427 -61.40 -17.72 29.47
CA LEU C 427 -61.48 -16.29 29.76
C LEU C 427 -62.74 -15.92 30.51
N PHE C 428 -63.89 -16.41 30.04
CA PHE C 428 -65.16 -16.06 30.63
C PHE C 428 -65.29 -16.54 32.07
N LEU C 429 -65.09 -17.84 32.27
CA LEU C 429 -65.29 -18.45 33.59
C LEU C 429 -64.37 -17.92 34.67
N PHE C 430 -63.07 -17.85 34.38
CA PHE C 430 -62.11 -17.30 35.34
C PHE C 430 -62.39 -15.83 35.63
N PHE C 431 -62.79 -15.09 34.60
CA PHE C 431 -63.04 -13.66 34.72
C PHE C 431 -64.28 -13.39 35.57
N THR C 432 -65.35 -14.14 35.30
CA THR C 432 -66.60 -13.98 36.03
C THR C 432 -66.52 -14.56 37.44
N THR C 433 -66.03 -15.79 37.55
CA THR C 433 -65.93 -16.44 38.84
C THR C 433 -65.13 -15.61 39.84
N ILE C 434 -64.09 -14.94 39.36
CA ILE C 434 -63.26 -14.09 40.23
C ILE C 434 -64.02 -12.84 40.67
N LEU C 435 -64.66 -12.17 39.72
CA LEU C 435 -65.37 -10.93 40.02
C LEU C 435 -66.64 -11.18 40.82
N GLN C 436 -67.15 -12.40 40.75
CA GLN C 436 -68.32 -12.78 41.53
C GLN C 436 -67.99 -12.81 43.02
N ASN C 437 -66.90 -13.48 43.35
CA ASN C 437 -66.52 -13.69 44.75
C ASN C 437 -65.55 -12.67 45.32
N PHE C 438 -64.88 -11.92 44.45
CA PHE C 438 -63.86 -10.97 44.91
C PHE C 438 -63.96 -9.60 44.24
N SER C 439 -63.54 -8.58 44.97
CA SER C 439 -63.26 -7.27 44.41
C SER C 439 -61.74 -7.11 44.36
N ILE C 440 -61.24 -6.06 43.71
CA ILE C 440 -59.81 -5.93 43.52
C ILE C 440 -59.26 -4.54 43.83
N ALA C 441 -58.19 -4.50 44.62
CA ALA C 441 -57.55 -3.23 44.98
C ALA C 441 -56.07 -3.24 44.63
N SER C 442 -55.54 -2.07 44.30
CA SER C 442 -54.13 -1.92 43.94
C SER C 442 -53.59 -0.60 44.49
N PRO C 443 -52.34 -0.62 44.98
CA PRO C 443 -51.70 0.57 45.55
C PRO C 443 -51.64 1.72 44.56
N VAL C 444 -51.75 1.42 43.27
CA VAL C 444 -51.74 2.45 42.23
C VAL C 444 -53.12 3.08 42.09
N PRO C 445 -53.16 4.42 41.95
CA PRO C 445 -54.40 5.10 41.60
C PRO C 445 -54.73 4.80 40.13
N PRO C 446 -56.00 4.47 39.84
CA PRO C 446 -56.43 4.03 38.51
C PRO C 446 -55.82 4.83 37.35
N GLU C 447 -55.83 6.16 37.44
CA GLU C 447 -55.40 6.99 36.33
C GLU C 447 -53.88 7.03 36.14
N ASP C 448 -53.15 6.54 37.15
CA ASP C 448 -51.70 6.48 37.08
C ASP C 448 -51.23 5.18 36.43
N ILE C 449 -52.01 4.12 36.63
CA ILE C 449 -51.71 2.81 36.06
C ILE C 449 -51.20 2.94 34.62
N ASP C 450 -50.15 2.20 34.30
CA ASP C 450 -49.56 2.26 32.97
C ASP C 450 -49.95 1.02 32.15
N LEU C 451 -50.70 1.25 31.08
CA LEU C 451 -51.14 0.16 30.20
C LEU C 451 -50.13 -0.10 29.10
N THR C 452 -49.05 0.67 29.08
CA THR C 452 -48.00 0.46 28.10
C THR C 452 -47.21 -0.76 28.49
N PRO C 453 -47.33 -1.83 27.70
CA PRO C 453 -46.67 -3.10 28.03
C PRO C 453 -45.18 -3.02 27.79
N ARG C 454 -44.37 -3.51 28.72
CA ARG C 454 -42.96 -3.67 28.42
C ARG C 454 -43.01 -4.51 27.17
N GLU C 455 -42.46 -3.98 26.08
CA GLU C 455 -42.50 -4.68 24.81
C GLU C 455 -41.12 -5.28 24.59
N SER C 456 -41.05 -6.62 24.63
CA SER C 456 -39.80 -7.32 24.41
C SER C 456 -39.41 -7.74 23.00
N GLY C 457 -40.30 -8.48 22.34
CA GLY C 457 -40.03 -8.94 21.00
C GLY C 457 -41.11 -9.84 20.42
N VAL C 458 -41.70 -9.41 19.31
CA VAL C 458 -42.71 -10.18 18.58
C VAL C 458 -43.92 -10.49 19.47
N GLY C 459 -44.13 -9.68 20.51
CA GLY C 459 -45.23 -9.92 21.41
C GLY C 459 -45.52 -8.79 22.37
N ASN C 460 -46.81 -8.60 22.67
CA ASN C 460 -47.23 -7.65 23.68
C ASN C 460 -47.38 -8.35 25.02
N VAL C 461 -46.88 -7.71 26.08
CA VAL C 461 -46.95 -8.28 27.42
C VAL C 461 -46.94 -7.19 28.47
N PRO C 462 -47.96 -7.18 29.34
CA PRO C 462 -48.21 -6.13 30.33
C PRO C 462 -47.10 -6.03 31.37
N PRO C 463 -47.07 -4.93 32.12
CA PRO C 463 -46.08 -4.81 33.20
C PRO C 463 -46.44 -5.76 34.32
N SER C 464 -45.52 -5.94 35.27
CA SER C 464 -45.87 -6.60 36.51
C SER C 464 -46.67 -5.59 37.33
N TYR C 465 -47.59 -6.09 38.15
CA TYR C 465 -48.37 -5.20 39.00
C TYR C 465 -48.87 -5.93 40.23
N GLN C 466 -49.12 -5.19 41.30
CA GLN C 466 -49.65 -5.75 42.52
C GLN C 466 -51.16 -5.75 42.46
N ILE C 467 -51.79 -6.62 43.23
CA ILE C 467 -53.24 -6.69 43.25
C ILE C 467 -53.76 -7.53 44.41
N ARG C 468 -54.72 -6.99 45.15
CA ARG C 468 -55.37 -7.72 46.23
C ARG C 468 -56.70 -8.28 45.74
N PHE C 469 -57.15 -9.36 46.38
CA PHE C 469 -58.48 -9.91 46.08
C PHE C 469 -59.34 -9.94 47.34
N LEU C 470 -59.97 -8.80 47.64
CA LEU C 470 -60.85 -8.71 48.79
C LEU C 470 -62.20 -9.37 48.50
N ALA C 471 -62.53 -10.41 49.26
CA ALA C 471 -63.80 -11.10 49.07
C ALA C 471 -64.99 -10.19 49.36
N ARG C 472 -66.10 -10.45 48.69
CA ARG C 472 -67.31 -9.66 48.87
C ARG C 472 -68.28 -10.40 49.79
N HIS C 473 -68.94 -9.64 50.67
CA HIS C 473 -69.91 -10.23 51.58
C HIS C 473 -71.01 -9.23 51.95
N GLY D 9 52.64 9.22 -52.04
CA GLY D 9 51.93 10.48 -52.05
C GLY D 9 52.61 11.53 -51.20
N LYS D 10 52.72 12.75 -51.72
CA LYS D 10 53.37 13.85 -51.03
C LYS D 10 52.36 14.55 -50.11
N LEU D 11 52.85 15.28 -49.11
CA LEU D 11 51.99 15.92 -48.09
C LEU D 11 52.99 16.62 -47.15
N PRO D 12 52.48 17.49 -46.27
CA PRO D 12 53.25 18.29 -45.30
C PRO D 12 53.44 17.37 -44.10
N PRO D 13 54.50 17.60 -43.32
CA PRO D 13 54.94 16.83 -42.15
C PRO D 13 54.26 17.20 -40.84
N GLY D 14 54.70 16.57 -39.74
CA GLY D 14 54.11 16.80 -38.43
C GLY D 14 54.33 15.50 -37.68
N PRO D 15 53.97 15.47 -36.39
CA PRO D 15 54.11 14.28 -35.54
C PRO D 15 53.41 13.06 -36.14
N SER D 16 53.86 11.86 -35.74
CA SER D 16 53.41 10.61 -36.36
C SER D 16 52.18 9.97 -35.71
N PRO D 17 51.24 9.49 -36.56
CA PRO D 17 49.89 9.06 -36.18
C PRO D 17 49.78 7.59 -35.82
N LEU D 18 48.98 7.31 -34.79
CA LEU D 18 48.71 5.94 -34.37
C LEU D 18 47.50 5.41 -35.14
N PRO D 19 47.63 4.22 -35.76
CA PRO D 19 46.59 3.66 -36.62
C PRO D 19 45.20 3.78 -36.02
N VAL D 20 44.18 3.95 -36.86
CA VAL D 20 42.79 4.02 -36.40
C VAL D 20 42.40 5.32 -35.67
N LEU D 21 43.09 5.61 -34.58
CA LEU D 21 42.80 6.82 -33.80
C LEU D 21 43.49 8.02 -34.43
N GLY D 22 44.72 7.83 -34.88
CA GLY D 22 45.54 8.93 -35.36
C GLY D 22 46.09 9.69 -34.17
N ASN D 23 47.23 10.35 -34.35
CA ASN D 23 47.88 11.04 -33.25
C ASN D 23 47.15 12.30 -32.79
N LEU D 24 46.30 12.85 -33.65
CA LEU D 24 45.55 14.06 -33.31
C LEU D 24 44.61 13.78 -32.15
N LEU D 25 44.43 12.49 -31.84
CA LEU D 25 43.52 12.08 -30.77
C LEU D 25 44.29 11.55 -29.57
N GLN D 26 45.62 11.67 -29.63
CA GLN D 26 46.47 11.33 -28.49
C GLN D 26 47.05 12.57 -27.82
N MET D 27 47.71 13.40 -28.62
CA MET D 27 48.38 14.58 -28.11
C MET D 27 47.50 15.82 -28.13
N ASP D 28 46.64 15.93 -27.11
CA ASP D 28 45.98 17.20 -26.81
C ASP D 28 46.78 17.62 -25.60
N ARG D 29 47.19 18.89 -25.56
CA ARG D 29 48.14 19.31 -24.53
C ARG D 29 47.61 20.48 -23.71
N LYS D 30 46.86 20.16 -22.67
CA LYS D 30 46.37 21.16 -21.72
C LYS D 30 45.82 22.41 -22.40
N GLY D 31 45.26 22.23 -23.59
CA GLY D 31 44.77 23.34 -24.39
C GLY D 31 44.86 23.02 -25.88
N LEU D 32 43.77 23.23 -26.59
CA LEU D 32 43.72 22.89 -28.01
C LEU D 32 44.58 23.82 -28.86
N LEU D 33 44.36 25.13 -28.72
CA LEU D 33 45.13 26.10 -29.48
C LEU D 33 46.62 26.06 -29.09
N ARG D 34 46.87 25.85 -27.81
CA ARG D 34 48.23 25.72 -27.28
C ARG D 34 48.96 24.57 -27.97
N SER D 35 48.28 23.44 -28.14
CA SER D 35 48.87 22.29 -28.82
C SER D 35 49.36 22.66 -30.23
N PHE D 36 48.49 23.26 -31.03
CA PHE D 36 48.86 23.74 -32.36
C PHE D 36 50.07 24.68 -32.25
N LEU D 37 50.19 25.36 -31.12
CA LEU D 37 51.26 26.33 -30.91
C LEU D 37 52.58 25.65 -30.53
N ARG D 38 52.57 24.85 -29.48
CA ARG D 38 53.75 24.10 -29.07
C ARG D 38 54.18 23.18 -30.20
N LEU D 39 53.21 22.69 -30.96
CA LEU D 39 53.46 21.82 -32.10
C LEU D 39 54.18 22.58 -33.20
N ARG D 40 53.60 23.72 -33.59
CA ARG D 40 54.09 24.50 -34.72
C ARG D 40 55.52 24.99 -34.52
N GLU D 41 55.86 25.35 -33.28
CA GLU D 41 57.18 25.88 -32.98
C GLU D 41 58.28 24.85 -33.20
N LYS D 42 57.90 23.64 -33.60
CA LYS D 42 58.87 22.55 -33.74
C LYS D 42 58.68 21.73 -35.03
N TYR D 43 57.71 22.11 -35.85
CA TYR D 43 57.45 21.37 -37.08
C TYR D 43 57.15 22.27 -38.27
N GLY D 44 57.48 23.56 -38.14
CA GLY D 44 57.25 24.51 -39.20
C GLY D 44 55.86 25.12 -39.13
N ASP D 45 55.58 26.07 -40.01
CA ASP D 45 54.30 26.76 -40.01
C ASP D 45 53.15 25.87 -40.48
N VAL D 46 53.41 25.02 -41.46
CA VAL D 46 52.38 24.14 -42.00
C VAL D 46 52.70 22.67 -41.76
N PHE D 47 51.77 21.96 -41.11
CA PHE D 47 51.94 20.53 -40.87
C PHE D 47 50.60 19.79 -40.85
N THR D 48 50.68 18.46 -40.89
CA THR D 48 49.51 17.62 -40.94
C THR D 48 49.33 16.82 -39.65
N VAL D 49 48.07 16.64 -39.24
CA VAL D 49 47.75 15.80 -38.09
C VAL D 49 46.63 14.85 -38.48
N TYR D 50 46.46 13.78 -37.70
CA TYR D 50 45.50 12.75 -38.06
C TYR D 50 44.41 12.55 -37.03
N LEU D 51 43.30 13.24 -37.22
CA LEU D 51 42.11 13.07 -36.41
C LEU D 51 41.43 11.78 -36.82
N GLY D 52 42.10 10.66 -36.58
CA GLY D 52 41.64 9.37 -37.05
C GLY D 52 42.42 8.94 -38.27
N SER D 53 41.72 8.43 -39.27
CA SER D 53 42.35 8.06 -40.54
C SER D 53 42.16 9.19 -41.55
N ARG D 54 41.45 10.24 -41.15
CA ARG D 54 41.22 11.40 -41.99
C ARG D 54 42.38 12.38 -41.85
N PRO D 55 43.13 12.58 -42.94
CA PRO D 55 44.31 13.47 -42.98
C PRO D 55 43.89 14.94 -42.98
N VAL D 56 44.54 15.74 -42.14
CA VAL D 56 44.20 17.16 -42.04
C VAL D 56 45.45 18.05 -42.04
N VAL D 57 45.43 19.10 -42.85
CA VAL D 57 46.56 20.03 -42.93
C VAL D 57 46.21 21.38 -42.32
N VAL D 58 46.97 21.77 -41.31
CA VAL D 58 46.76 23.04 -40.63
C VAL D 58 47.92 24.00 -40.90
N LEU D 59 47.63 25.30 -40.81
CA LEU D 59 48.63 26.32 -41.11
C LEU D 59 48.68 27.46 -40.10
N CYS D 60 49.55 27.33 -39.10
CA CYS D 60 49.72 28.37 -38.10
C CYS D 60 50.64 29.48 -38.61
N GLY D 61 50.23 30.73 -38.40
CA GLY D 61 51.07 31.87 -38.71
C GLY D 61 50.57 32.80 -39.81
N THR D 62 50.53 34.10 -39.50
CA THR D 62 50.01 35.12 -40.41
C THR D 62 50.26 34.85 -41.90
N ASP D 63 51.52 34.82 -42.30
CA ASP D 63 51.88 34.60 -43.71
C ASP D 63 51.36 33.27 -44.23
N ALA D 64 51.34 32.26 -43.36
CA ALA D 64 50.84 30.93 -43.73
C ALA D 64 49.48 30.99 -44.41
N ILE D 65 48.49 31.55 -43.71
CA ILE D 65 47.13 31.69 -44.25
C ILE D 65 47.14 32.57 -45.49
N ARG D 66 47.66 33.79 -45.34
CA ARG D 66 47.77 34.73 -46.46
C ARG D 66 48.28 34.07 -47.74
N GLU D 67 49.30 33.23 -47.60
CA GLU D 67 49.93 32.57 -48.73
C GLU D 67 48.84 31.68 -49.35
N ALA D 68 48.04 31.04 -48.51
CA ALA D 68 47.07 30.03 -48.99
C ALA D 68 45.76 30.36 -49.66
N LEU D 69 44.89 31.13 -49.01
CA LEU D 69 43.50 31.32 -49.44
C LEU D 69 43.39 32.61 -50.24
N VAL D 70 44.41 33.46 -50.19
CA VAL D 70 44.36 34.71 -50.94
C VAL D 70 44.73 34.48 -52.40
N ASP D 71 45.87 33.84 -52.64
CA ASP D 71 46.37 33.59 -53.98
C ASP D 71 45.77 32.42 -54.76
N GLN D 72 45.49 31.33 -54.05
CA GLN D 72 44.83 30.17 -54.65
C GLN D 72 43.39 30.26 -54.13
N ALA D 73 42.88 31.47 -54.01
CA ALA D 73 41.51 31.69 -53.52
C ALA D 73 40.38 30.94 -54.21
N GLU D 74 40.59 30.60 -55.48
CA GLU D 74 39.54 29.95 -56.27
C GLU D 74 39.67 28.43 -56.35
N ALA D 75 40.46 27.87 -55.43
CA ALA D 75 40.57 26.43 -55.30
C ALA D 75 40.24 25.87 -53.92
N PHE D 76 39.74 26.74 -53.05
CA PHE D 76 39.38 26.35 -51.69
C PHE D 76 37.90 26.67 -51.48
N SER D 77 37.22 27.05 -52.56
CA SER D 77 35.79 27.33 -52.56
C SER D 77 34.99 26.28 -51.82
N GLY D 78 35.47 25.04 -51.88
CA GLY D 78 34.82 23.93 -51.21
C GLY D 78 34.92 24.04 -49.70
N ARG D 79 33.77 24.09 -49.03
CA ARG D 79 33.73 24.15 -47.58
C ARG D 79 33.98 22.78 -46.97
N GLY D 80 34.31 22.76 -45.68
CA GLY D 80 34.46 21.52 -44.96
C GLY D 80 33.15 20.75 -44.94
N LYS D 81 33.21 19.43 -45.07
CA LYS D 81 32.00 18.63 -45.18
C LYS D 81 31.38 18.29 -43.82
N ILE D 82 30.10 17.96 -43.85
CA ILE D 82 29.32 17.69 -42.66
C ILE D 82 28.80 16.25 -42.69
N ALA D 83 29.02 15.50 -41.62
CA ALA D 83 28.50 14.14 -41.51
C ALA D 83 27.44 14.07 -40.41
N VAL D 84 26.22 13.71 -40.79
CA VAL D 84 25.14 13.56 -39.83
C VAL D 84 24.39 12.27 -40.11
N VAL D 85 23.85 11.66 -39.07
CA VAL D 85 23.14 10.40 -39.21
C VAL D 85 21.73 10.55 -38.63
N ASP D 86 20.84 11.16 -39.42
CA ASP D 86 19.48 11.44 -38.97
C ASP D 86 18.59 11.72 -40.18
N PRO D 87 17.27 11.60 -39.98
CA PRO D 87 16.31 11.87 -41.05
C PRO D 87 16.25 13.37 -41.32
N ILE D 88 16.15 14.13 -40.24
CA ILE D 88 16.03 15.57 -40.33
C ILE D 88 17.26 16.35 -40.79
N PHE D 89 18.37 16.17 -40.10
CA PHE D 89 19.59 16.91 -40.39
C PHE D 89 20.26 16.25 -41.60
N GLN D 90 19.80 15.06 -41.97
CA GLN D 90 20.26 14.43 -43.19
C GLN D 90 19.75 15.26 -44.35
N GLY D 91 18.45 15.54 -44.31
CA GLY D 91 17.81 16.36 -45.33
C GLY D 91 18.30 17.79 -45.35
N TYR D 92 18.34 18.43 -44.19
CA TYR D 92 18.82 19.80 -44.06
C TYR D 92 20.34 19.84 -44.22
N GLY D 93 21.01 19.02 -43.42
CA GLY D 93 22.45 18.86 -43.54
C GLY D 93 22.88 18.92 -44.99
N VAL D 94 22.30 18.07 -45.83
CA VAL D 94 22.58 18.11 -47.26
C VAL D 94 21.96 19.32 -47.94
N ILE D 95 20.74 19.68 -47.55
CA ILE D 95 20.08 20.88 -48.05
C ILE D 95 21.05 22.06 -48.06
N PHE D 96 21.95 22.08 -47.09
CA PHE D 96 22.99 23.10 -47.01
C PHE D 96 24.40 22.52 -47.23
N ALA D 97 24.47 21.21 -47.47
CA ALA D 97 25.73 20.52 -47.78
C ALA D 97 26.38 20.92 -49.11
N ASN D 98 25.61 20.98 -50.19
CA ASN D 98 26.15 21.40 -51.48
C ASN D 98 26.87 22.73 -51.37
N GLY D 99 28.06 22.80 -51.94
CA GLY D 99 28.85 24.02 -51.90
C GLY D 99 28.16 25.20 -52.55
N GLU D 100 27.35 24.92 -53.55
CA GLU D 100 26.78 25.97 -54.41
C GLU D 100 25.75 26.86 -53.71
N ARG D 101 24.87 26.25 -52.92
CA ARG D 101 23.72 26.93 -52.32
C ARG D 101 24.03 28.09 -51.35
N TRP D 102 25.15 27.99 -50.64
CA TRP D 102 25.59 29.07 -49.73
C TRP D 102 25.58 30.46 -50.39
N ARG D 103 25.82 30.50 -51.71
CA ARG D 103 25.95 31.77 -52.42
C ARG D 103 24.61 32.32 -52.91
N ALA D 104 23.78 31.45 -53.48
CA ALA D 104 22.50 31.85 -54.07
C ALA D 104 21.73 32.78 -53.14
N LEU D 105 21.61 32.40 -51.87
CA LEU D 105 20.93 33.24 -50.89
C LEU D 105 21.54 34.61 -50.56
N ARG D 106 22.85 34.63 -50.33
CA ARG D 106 23.56 35.89 -50.10
C ARG D 106 23.17 36.94 -51.14
N ARG D 107 23.13 36.52 -52.40
CA ARG D 107 22.67 37.36 -53.50
C ARG D 107 21.22 37.84 -53.34
N PHE D 108 20.29 36.92 -53.10
CA PHE D 108 18.90 37.30 -52.81
C PHE D 108 18.86 38.51 -51.91
N SER D 109 19.28 38.33 -50.66
CA SER D 109 19.22 39.37 -49.64
C SER D 109 19.63 40.72 -50.18
N LEU D 110 20.91 40.83 -50.51
CA LEU D 110 21.45 42.01 -51.18
C LEU D 110 20.48 42.63 -52.18
N ALA D 111 20.00 41.82 -53.10
CA ALA D 111 19.07 42.28 -54.13
C ALA D 111 17.76 42.85 -53.56
N THR D 112 17.28 42.26 -52.46
CA THR D 112 15.94 42.56 -51.95
C THR D 112 15.79 43.93 -51.30
N MET D 113 16.85 44.39 -50.65
CA MET D 113 16.82 45.65 -49.90
C MET D 113 16.83 46.90 -50.77
N ARG D 114 17.33 46.79 -52.01
CA ARG D 114 17.29 47.91 -52.96
C ARG D 114 15.96 47.95 -53.72
N ASP D 115 15.46 46.77 -54.08
CA ASP D 115 14.31 46.66 -54.96
C ASP D 115 12.96 47.02 -54.32
N PHE D 116 12.77 46.62 -53.07
CA PHE D 116 11.45 46.69 -52.46
C PHE D 116 11.21 47.88 -51.52
N GLY D 117 12.12 48.85 -51.56
CA GLY D 117 11.90 50.11 -50.87
C GLY D 117 12.06 50.05 -49.37
N MET D 118 13.30 50.05 -48.91
CA MET D 118 13.58 50.20 -47.48
C MET D 118 14.51 51.40 -47.31
N GLY D 119 13.93 52.59 -47.42
CA GLY D 119 14.68 53.83 -47.31
C GLY D 119 14.49 54.58 -46.01
N LYS D 120 13.23 54.74 -45.60
CA LYS D 120 12.94 55.33 -44.30
C LYS D 120 13.29 54.26 -43.29
N ARG D 121 13.42 53.03 -43.78
CA ARG D 121 13.87 51.92 -42.94
C ARG D 121 15.02 51.17 -43.61
N SER D 122 16.20 51.75 -43.51
CA SER D 122 17.42 51.17 -44.07
C SER D 122 17.99 50.13 -43.12
N VAL D 123 19.11 49.52 -43.50
CA VAL D 123 19.82 48.61 -42.62
C VAL D 123 20.56 49.39 -41.54
N GLU D 124 21.33 50.39 -41.96
CA GLU D 124 22.07 51.23 -41.02
C GLU D 124 21.11 51.97 -40.10
N GLU D 125 19.99 52.43 -40.66
CA GLU D 125 19.01 53.19 -39.91
C GLU D 125 18.24 52.33 -38.91
N ARG D 126 18.16 51.04 -39.18
CA ARG D 126 17.54 50.10 -38.25
C ARG D 126 18.48 49.81 -37.09
N ILE D 127 19.78 49.92 -37.34
CA ILE D 127 20.76 49.78 -36.28
C ILE D 127 20.75 51.01 -35.38
N GLN D 128 20.64 52.18 -35.99
CA GLN D 128 20.61 53.44 -35.25
C GLN D 128 19.43 53.52 -34.29
N GLU D 129 18.28 53.02 -34.72
CA GLU D 129 17.09 53.02 -33.88
C GLU D 129 17.28 52.08 -32.69
N GLU D 130 18.02 50.99 -32.93
CA GLU D 130 18.30 50.02 -31.88
C GLU D 130 19.19 50.65 -30.81
N ALA D 131 20.28 51.26 -31.24
CA ALA D 131 21.15 51.99 -30.33
C ALA D 131 20.31 52.91 -29.45
N ARG D 132 19.41 53.66 -30.08
CA ARG D 132 18.51 54.56 -29.38
C ARG D 132 17.71 53.82 -28.32
N CYS D 133 16.86 52.90 -28.75
CA CYS D 133 15.99 52.14 -27.85
C CYS D 133 16.78 51.45 -26.74
N LEU D 134 18.04 51.13 -27.02
CA LEU D 134 18.91 50.50 -26.03
C LEU D 134 19.37 51.49 -24.98
N VAL D 135 19.85 52.65 -25.43
CA VAL D 135 20.29 53.70 -24.53
C VAL D 135 19.18 54.06 -23.56
N GLU D 136 17.95 54.10 -24.08
CA GLU D 136 16.77 54.36 -23.26
C GLU D 136 16.61 53.26 -22.21
N GLU D 137 16.97 52.04 -22.58
CA GLU D 137 16.90 50.91 -21.65
C GLU D 137 18.00 50.98 -20.60
N LEU D 138 19.15 51.50 -21.00
CA LEU D 138 20.27 51.65 -20.07
C LEU D 138 19.97 52.73 -19.03
N ARG D 139 19.10 53.67 -19.39
CA ARG D 139 18.65 54.69 -18.46
C ARG D 139 17.88 54.05 -17.31
N LYS D 140 17.06 53.06 -17.64
CA LYS D 140 16.21 52.40 -16.65
C LYS D 140 17.02 51.65 -15.58
N SER D 141 18.21 51.20 -15.95
CA SER D 141 19.05 50.46 -15.01
C SER D 141 19.47 51.34 -13.84
N LYS D 142 19.70 52.63 -14.12
CA LYS D 142 20.08 53.59 -13.10
C LYS D 142 21.45 53.25 -12.48
N GLY D 143 22.31 52.63 -13.27
CA GLY D 143 23.63 52.24 -12.78
C GLY D 143 23.61 50.96 -12.00
N ALA D 144 22.45 50.30 -11.96
CA ALA D 144 22.31 49.03 -11.24
C ALA D 144 22.94 47.90 -12.05
N LEU D 145 24.21 47.61 -11.76
CA LEU D 145 24.98 46.62 -12.50
C LEU D 145 24.30 45.28 -12.77
N LEU D 146 24.57 44.72 -13.94
CA LEU D 146 24.09 43.40 -14.32
C LEU D 146 24.95 42.77 -15.41
N ASP D 147 24.60 41.56 -15.81
CA ASP D 147 25.31 40.83 -16.87
C ASP D 147 24.81 41.46 -18.17
N ASN D 148 25.73 41.91 -19.00
CA ASN D 148 25.37 42.58 -20.25
C ASN D 148 25.17 41.56 -21.37
N THR D 149 25.10 40.29 -21.00
CA THR D 149 24.87 39.22 -21.97
C THR D 149 23.57 39.19 -22.76
N LEU D 150 22.45 39.09 -22.06
CA LEU D 150 21.15 38.95 -22.71
C LEU D 150 20.81 40.22 -23.48
N LEU D 151 21.27 41.36 -22.97
CA LEU D 151 21.03 42.63 -23.64
C LEU D 151 21.62 42.63 -25.04
N PHE D 152 22.90 42.28 -25.13
CA PHE D 152 23.62 42.33 -26.39
C PHE D 152 23.19 41.23 -27.35
N HIS D 153 22.69 40.12 -26.81
CA HIS D 153 22.08 39.09 -27.64
C HIS D 153 20.84 39.67 -28.31
N SER D 154 20.12 40.51 -27.58
CA SER D 154 18.83 41.04 -28.03
C SER D 154 18.93 42.13 -29.10
N ILE D 155 19.86 43.06 -28.93
CA ILE D 155 20.01 44.16 -29.88
C ILE D 155 20.41 43.68 -31.27
N THR D 156 21.35 42.74 -31.34
CA THR D 156 21.76 42.14 -32.59
C THR D 156 20.63 41.29 -33.15
N SER D 157 19.86 40.66 -32.26
CA SER D 157 18.77 39.78 -32.65
C SER D 157 17.63 40.51 -33.37
N ASN D 158 17.36 41.75 -32.97
CA ASN D 158 16.29 42.53 -33.57
C ASN D 158 16.54 42.88 -35.04
N ILE D 159 17.78 43.24 -35.37
CA ILE D 159 18.14 43.53 -36.75
C ILE D 159 17.56 42.48 -37.69
N ILE D 160 17.83 41.20 -37.39
CA ILE D 160 17.28 40.11 -38.18
C ILE D 160 15.75 40.10 -38.10
N CYS D 161 15.22 40.38 -36.91
CA CYS D 161 13.77 40.43 -36.71
C CYS D 161 13.12 41.59 -37.43
N SER D 162 13.87 42.68 -37.58
CA SER D 162 13.37 43.85 -38.29
C SER D 162 13.34 43.58 -39.79
N ILE D 163 14.47 43.12 -40.31
CA ILE D 163 14.63 42.87 -41.73
C ILE D 163 13.81 41.66 -42.20
N VAL D 164 13.74 40.64 -41.37
CA VAL D 164 13.10 39.38 -41.78
C VAL D 164 11.63 39.27 -41.36
N PHE D 165 11.32 39.68 -40.13
CA PHE D 165 9.95 39.53 -39.62
C PHE D 165 9.10 40.78 -39.78
N GLY D 166 9.73 41.91 -40.08
CA GLY D 166 9.02 43.14 -40.37
C GLY D 166 9.07 44.19 -39.28
N LYS D 167 9.01 43.74 -38.03
CA LYS D 167 8.97 44.62 -36.87
C LYS D 167 9.84 44.07 -35.75
N ARG D 168 10.76 44.89 -35.23
CA ARG D 168 11.64 44.42 -34.15
C ARG D 168 10.84 44.17 -32.87
N PHE D 169 11.49 43.55 -31.89
CA PHE D 169 10.83 43.15 -30.66
C PHE D 169 11.20 44.03 -29.48
N ASP D 170 10.27 44.14 -28.53
CA ASP D 170 10.50 44.88 -27.30
C ASP D 170 11.32 44.01 -26.33
N TYR D 171 12.34 44.60 -25.72
CA TYR D 171 13.24 43.84 -24.85
C TYR D 171 12.52 42.97 -23.83
N LYS D 172 11.64 43.57 -23.04
CA LYS D 172 10.94 42.84 -21.99
C LYS D 172 9.79 41.99 -22.54
N ASP D 173 9.63 41.99 -23.85
CA ASP D 173 8.57 41.24 -24.51
C ASP D 173 8.80 39.74 -24.34
N PRO D 174 7.78 39.02 -23.83
CA PRO D 174 7.84 37.57 -23.66
C PRO D 174 8.35 36.84 -24.91
N VAL D 175 7.67 37.05 -26.04
CA VAL D 175 8.03 36.37 -27.29
C VAL D 175 9.50 36.54 -27.64
N PHE D 176 10.03 37.74 -27.46
CA PHE D 176 11.41 38.04 -27.81
C PHE D 176 12.40 37.41 -26.85
N LEU D 177 11.92 37.04 -25.67
CA LEU D 177 12.76 36.40 -24.67
C LEU D 177 12.77 34.89 -24.86
N ARG D 178 11.58 34.31 -24.97
CA ARG D 178 11.43 32.89 -25.29
C ARG D 178 12.35 32.56 -26.46
N LEU D 179 12.33 33.43 -27.47
CA LEU D 179 13.14 33.27 -28.66
C LEU D 179 14.63 33.32 -28.32
N LEU D 180 15.03 34.39 -27.66
CA LEU D 180 16.44 34.60 -27.33
C LEU D 180 17.05 33.45 -26.53
N ASP D 181 16.21 32.71 -25.80
CA ASP D 181 16.67 31.54 -25.07
C ASP D 181 16.73 30.33 -25.99
N LEU D 182 15.67 30.13 -26.77
CA LEU D 182 15.58 29.00 -27.69
C LEU D 182 16.77 28.96 -28.64
N PHE D 183 17.45 30.10 -28.77
CA PHE D 183 18.60 30.19 -29.67
C PHE D 183 19.93 30.25 -28.93
N PHE D 184 19.92 30.77 -27.71
CA PHE D 184 21.17 31.11 -27.05
C PHE D 184 21.33 30.60 -25.60
N GLN D 185 20.24 30.20 -24.98
CA GLN D 185 20.32 29.64 -23.63
C GLN D 185 21.14 28.36 -23.67
N SER D 186 22.17 28.28 -22.83
CA SER D 186 23.10 27.16 -22.84
C SER D 186 22.64 26.03 -21.93
N PHE D 187 23.02 24.80 -22.29
CA PHE D 187 22.63 23.61 -21.55
C PHE D 187 23.80 22.65 -21.47
N SER D 188 23.59 21.50 -20.84
CA SER D 188 24.69 20.57 -20.61
C SER D 188 24.27 19.12 -20.40
N LEU D 189 24.91 18.21 -21.12
CA LEU D 189 24.72 16.78 -20.93
C LEU D 189 25.78 16.28 -19.95
N ILE D 190 25.35 15.88 -18.74
CA ILE D 190 26.26 15.39 -17.72
C ILE D 190 26.56 13.89 -17.83
N SER D 191 27.83 13.53 -17.79
CA SER D 191 28.23 12.13 -17.84
C SER D 191 29.62 11.96 -17.25
N SER D 192 30.14 10.74 -17.29
CA SER D 192 31.49 10.46 -16.85
C SER D 192 32.04 9.33 -17.70
N PHE D 193 33.35 9.09 -17.61
CA PHE D 193 33.99 8.07 -18.43
C PHE D 193 33.27 6.73 -18.29
N SER D 194 33.09 6.29 -17.04
CA SER D 194 32.44 5.01 -16.76
C SER D 194 31.10 4.87 -17.47
N SER D 195 30.22 5.84 -17.24
CA SER D 195 28.88 5.80 -17.80
C SER D 195 28.91 5.69 -19.31
N GLN D 196 29.92 6.31 -19.92
CA GLN D 196 30.05 6.27 -21.37
C GLN D 196 30.50 4.92 -21.87
N VAL D 197 31.36 4.24 -21.11
CA VAL D 197 31.77 2.89 -21.47
C VAL D 197 30.62 1.90 -21.24
N PHE D 198 29.81 2.16 -20.23
CA PHE D 198 28.71 1.28 -19.96
C PHE D 198 27.74 1.24 -21.13
N GLU D 199 27.44 2.42 -21.66
CA GLU D 199 26.56 2.64 -22.82
C GLU D 199 27.04 2.32 -24.25
N LEU D 200 28.34 2.41 -24.48
CA LEU D 200 28.84 2.15 -25.82
C LEU D 200 28.81 0.64 -25.98
N PHE D 201 29.30 -0.04 -24.95
CA PHE D 201 29.31 -1.49 -24.91
C PHE D 201 27.97 -2.21 -24.92
N SER D 202 27.07 -1.75 -24.07
CA SER D 202 25.75 -2.37 -23.95
C SER D 202 24.95 -2.28 -25.23
N GLY D 203 25.03 -1.16 -25.92
CA GLY D 203 24.28 -0.97 -27.14
C GLY D 203 23.17 0.07 -26.98
N PHE D 204 23.15 0.68 -25.81
CA PHE D 204 22.22 1.76 -25.51
C PHE D 204 22.48 2.99 -26.36
N LEU D 205 23.74 3.18 -26.72
CA LEU D 205 24.19 4.38 -27.42
C LEU D 205 23.48 4.58 -28.76
N LYS D 206 23.25 3.48 -29.48
CA LYS D 206 22.60 3.58 -30.76
C LYS D 206 21.22 4.18 -30.57
N TYR D 207 20.55 3.75 -29.52
CA TYR D 207 19.22 4.26 -29.19
C TYR D 207 19.21 5.75 -28.84
N PHE D 208 20.22 6.21 -28.11
CA PHE D 208 20.25 7.61 -27.70
C PHE D 208 20.40 8.55 -28.89
N PRO D 209 19.55 9.57 -28.91
CA PRO D 209 19.59 10.58 -29.99
C PRO D 209 20.87 11.40 -29.99
N GLY D 210 21.33 11.80 -28.82
CA GLY D 210 22.50 12.65 -28.74
C GLY D 210 22.32 13.76 -27.72
N THR D 211 23.07 14.84 -27.91
CA THR D 211 23.04 16.01 -27.05
C THR D 211 21.77 16.84 -27.24
N HIS D 212 20.95 16.41 -28.19
CA HIS D 212 19.77 17.17 -28.63
C HIS D 212 18.61 16.91 -27.73
N ARG D 213 18.79 16.24 -26.62
CA ARG D 213 17.67 15.99 -25.72
C ARG D 213 16.83 17.25 -25.53
N GLN D 214 17.48 18.35 -25.18
CA GLN D 214 16.81 19.63 -25.09
C GLN D 214 16.75 20.49 -26.35
N ILE D 215 17.82 20.42 -27.14
CA ILE D 215 17.94 21.17 -28.39
C ILE D 215 16.79 20.75 -29.32
N TYR D 216 16.78 19.47 -29.70
CA TYR D 216 15.74 18.96 -30.61
C TYR D 216 14.34 19.40 -30.17
N ARG D 217 14.05 19.24 -28.89
CA ARG D 217 12.78 19.69 -28.34
C ARG D 217 12.54 21.17 -28.66
N ASN D 218 13.56 22.00 -28.40
CA ASN D 218 13.58 23.39 -28.83
C ASN D 218 13.44 23.77 -30.29
N LEU D 219 14.28 23.18 -31.14
CA LEU D 219 14.19 23.33 -32.60
C LEU D 219 12.76 23.03 -33.07
N GLN D 220 12.18 21.95 -32.55
CA GLN D 220 10.78 21.61 -32.82
C GLN D 220 9.84 22.77 -32.48
N GLU D 221 10.18 23.54 -31.44
CA GLU D 221 9.42 24.73 -31.04
C GLU D 221 9.80 25.93 -31.91
N ILE D 222 11.08 26.04 -32.23
CA ILE D 222 11.53 27.09 -33.14
C ILE D 222 10.79 26.95 -34.46
N ASN D 223 11.02 25.82 -35.12
CA ASN D 223 10.28 25.46 -36.32
C ASN D 223 8.82 25.89 -36.23
N THR D 224 8.16 25.44 -35.18
CA THR D 224 6.75 25.75 -34.95
C THR D 224 6.51 27.26 -34.90
N PHE D 225 7.46 28.01 -34.35
CA PHE D 225 7.39 29.46 -34.35
C PHE D 225 7.45 30.00 -35.77
N ILE D 226 8.45 29.55 -36.51
CA ILE D 226 8.65 30.02 -37.88
C ILE D 226 7.63 29.41 -38.84
N GLY D 227 6.78 28.53 -38.32
CA GLY D 227 5.72 27.94 -39.12
C GLY D 227 4.42 28.68 -38.89
N GLN D 228 4.27 29.26 -37.70
CA GLN D 228 3.10 30.06 -37.37
C GLN D 228 3.33 31.49 -37.83
N SER D 229 4.60 31.85 -37.96
CA SER D 229 4.98 33.18 -38.44
C SER D 229 4.81 33.24 -39.95
N VAL D 230 5.44 32.31 -40.65
CA VAL D 230 5.31 32.20 -42.09
C VAL D 230 3.86 31.93 -42.49
N GLU D 231 3.03 31.60 -41.50
CA GLU D 231 1.61 31.35 -41.74
C GLU D 231 0.81 32.64 -41.65
N LYS D 232 1.12 33.45 -40.64
CA LYS D 232 0.42 34.71 -40.43
C LYS D 232 0.80 35.76 -41.48
N HIS D 233 2.04 35.67 -41.96
CA HIS D 233 2.50 36.56 -43.02
C HIS D 233 1.67 36.37 -44.28
N ARG D 234 1.55 35.11 -44.72
CA ARG D 234 0.77 34.79 -45.91
C ARG D 234 -0.68 35.26 -45.79
N ALA D 235 -1.28 35.01 -44.64
CA ALA D 235 -2.69 35.31 -44.41
C ALA D 235 -3.00 36.79 -44.64
N THR D 236 -2.00 37.65 -44.46
CA THR D 236 -2.15 39.07 -44.70
C THR D 236 -1.11 39.55 -45.71
N LEU D 237 -1.25 39.10 -46.95
CA LEU D 237 -0.26 39.38 -47.98
C LEU D 237 -0.75 40.39 -49.01
N ASP D 238 0.04 41.42 -49.20
CA ASP D 238 -0.18 42.36 -50.29
C ASP D 238 0.83 42.03 -51.38
N PRO D 239 0.37 41.35 -52.44
CA PRO D 239 1.29 41.12 -53.57
C PRO D 239 1.76 42.48 -54.05
N SER D 240 0.95 43.49 -53.76
CA SER D 240 1.26 44.87 -54.13
C SER D 240 2.38 45.48 -53.29
N ASN D 241 2.40 45.20 -51.99
CA ASN D 241 3.51 45.65 -51.15
C ASN D 241 3.97 44.67 -50.07
N PRO D 242 5.17 44.10 -50.26
CA PRO D 242 5.90 43.28 -49.28
C PRO D 242 6.56 44.17 -48.23
N ARG D 243 6.56 43.74 -46.98
CA ARG D 243 7.09 44.57 -45.89
C ARG D 243 8.38 44.03 -45.28
N ASP D 244 8.61 42.72 -45.39
CA ASP D 244 9.81 42.10 -44.86
C ASP D 244 10.27 40.93 -45.74
N PHE D 245 11.44 40.38 -45.43
CA PHE D 245 12.01 39.29 -46.22
C PHE D 245 11.05 38.13 -46.45
N ILE D 246 10.24 37.82 -45.44
CA ILE D 246 9.30 36.71 -45.54
C ILE D 246 8.30 36.92 -46.67
N ASP D 247 7.83 38.16 -46.82
CA ASP D 247 6.90 38.50 -47.89
C ASP D 247 7.52 38.33 -49.27
N VAL D 248 8.70 38.93 -49.45
CA VAL D 248 9.41 38.85 -50.72
C VAL D 248 9.59 37.39 -51.11
N TYR D 249 9.81 36.53 -50.12
CA TYR D 249 9.99 35.11 -50.36
C TYR D 249 8.64 34.44 -50.65
N LEU D 250 7.65 34.76 -49.83
CA LEU D 250 6.31 34.20 -49.98
C LEU D 250 5.82 34.36 -51.42
N LEU D 251 6.10 35.51 -52.02
CA LEU D 251 5.73 35.77 -53.41
C LEU D 251 6.41 34.76 -54.37
N ARG D 252 7.71 34.55 -54.15
CA ARG D 252 8.52 33.68 -54.99
C ARG D 252 8.07 32.22 -54.93
N MET D 253 7.27 31.89 -53.92
CA MET D 253 6.81 30.51 -53.75
C MET D 253 5.29 30.38 -53.85
N GLU D 254 4.57 31.40 -53.40
CA GLU D 254 3.13 31.39 -53.40
C GLU D 254 2.55 31.19 -54.79
N LYS D 255 3.41 31.29 -55.81
CA LYS D 255 2.96 31.16 -57.19
C LYS D 255 3.15 29.75 -57.72
N ASP D 256 3.89 28.92 -56.97
CA ASP D 256 4.18 27.56 -57.42
C ASP D 256 4.02 26.45 -56.39
N LYS D 257 2.77 26.17 -56.02
CA LYS D 257 2.50 25.19 -54.96
C LYS D 257 1.32 24.27 -55.33
N SER D 258 1.53 23.42 -56.34
CA SER D 258 0.57 22.39 -56.67
C SER D 258 1.10 21.09 -56.07
N ASP D 259 2.31 21.18 -55.52
CA ASP D 259 2.96 20.07 -54.84
C ASP D 259 3.32 20.66 -53.48
N PRO D 260 3.61 19.76 -52.58
CA PRO D 260 3.88 20.26 -51.15
C PRO D 260 5.30 20.77 -51.05
N SER D 261 5.51 21.92 -51.68
CA SER D 261 6.75 22.69 -51.66
C SER D 261 7.01 23.29 -50.29
N SER D 262 5.94 23.68 -49.61
CA SER D 262 6.04 24.41 -48.35
C SER D 262 6.82 23.60 -47.33
N GLU D 263 6.61 22.29 -47.31
CA GLU D 263 7.39 21.46 -46.41
C GLU D 263 8.81 21.67 -46.89
N PHE D 264 8.98 21.73 -48.21
CA PHE D 264 10.28 21.99 -48.79
C PHE D 264 10.91 23.32 -48.38
N HIS D 265 10.22 24.41 -48.71
CA HIS D 265 10.65 25.75 -48.35
C HIS D 265 10.78 25.90 -46.83
N HIS D 266 9.79 25.42 -46.09
CA HIS D 266 9.86 25.46 -44.63
C HIS D 266 11.19 24.92 -44.13
N GLN D 267 11.67 23.84 -44.75
CA GLN D 267 13.02 23.41 -44.46
C GLN D 267 14.06 24.53 -44.58
N ASN D 268 14.12 25.15 -45.75
CA ASN D 268 15.08 26.21 -46.05
C ASN D 268 15.03 27.34 -45.02
N LEU D 269 13.83 27.83 -44.73
CA LEU D 269 13.67 28.96 -43.82
C LEU D 269 14.49 28.83 -42.53
N ILE D 270 14.38 27.70 -41.86
CA ILE D 270 14.98 27.53 -40.54
C ILE D 270 16.50 27.65 -40.61
N LEU D 271 17.08 26.81 -41.45
CA LEU D 271 18.53 26.83 -41.67
C LEU D 271 19.02 28.28 -41.80
N THR D 272 18.40 29.06 -42.70
CA THR D 272 18.71 30.49 -42.83
C THR D 272 18.64 31.37 -41.57
N VAL D 273 17.42 31.49 -41.06
CA VAL D 273 17.16 32.31 -39.91
C VAL D 273 17.91 31.70 -38.76
N LEU D 274 17.83 30.39 -38.64
CA LEU D 274 18.55 29.78 -37.55
C LEU D 274 20.06 29.92 -37.57
N SER D 275 20.71 29.37 -38.59
CA SER D 275 22.16 29.45 -38.58
C SER D 275 22.67 30.86 -38.70
N LEU D 276 22.16 31.57 -39.69
CA LEU D 276 22.61 32.92 -39.91
C LEU D 276 22.40 33.59 -38.60
N PHE D 277 21.23 33.37 -38.03
CA PHE D 277 20.93 34.08 -36.83
C PHE D 277 21.96 33.75 -35.80
N PHE D 278 22.17 32.46 -35.60
CA PHE D 278 23.09 32.10 -34.56
C PHE D 278 24.47 32.60 -34.83
N ALA D 279 24.99 32.38 -36.01
CA ALA D 279 26.36 32.81 -36.14
C ALA D 279 26.50 34.30 -35.93
N GLY D 280 25.67 35.06 -36.61
CA GLY D 280 25.88 36.48 -36.53
C GLY D 280 25.71 36.97 -35.13
N THR D 281 24.63 36.52 -34.54
CA THR D 281 24.30 37.01 -33.24
C THR D 281 25.37 36.67 -32.26
N GLU D 282 25.80 35.42 -32.27
CA GLU D 282 26.75 35.05 -31.28
C GLU D 282 28.01 35.84 -31.45
N THR D 283 28.49 35.92 -32.68
CA THR D 283 29.76 36.61 -32.81
C THR D 283 29.67 38.06 -32.40
N THR D 284 28.61 38.72 -32.85
CA THR D 284 28.50 40.13 -32.54
C THR D 284 28.35 40.36 -31.06
N SER D 285 27.52 39.54 -30.44
CA SER D 285 27.26 39.70 -29.03
C SER D 285 28.52 39.49 -28.26
N THR D 286 29.27 38.46 -28.63
CA THR D 286 30.49 38.17 -27.91
C THR D 286 31.47 39.31 -28.05
N THR D 287 31.57 39.84 -29.25
CA THR D 287 32.51 40.92 -29.47
C THR D 287 32.13 42.11 -28.61
N LEU D 288 30.84 42.43 -28.54
CA LEU D 288 30.45 43.56 -27.72
C LEU D 288 30.70 43.28 -26.24
N ARG D 289 30.33 42.09 -25.81
CA ARG D 289 30.48 41.66 -24.43
C ARG D 289 31.93 41.58 -24.08
N TYR D 290 32.72 41.00 -24.98
CA TYR D 290 34.15 40.91 -24.72
C TYR D 290 34.78 42.29 -24.75
N GLY D 291 34.45 43.06 -25.79
CA GLY D 291 35.01 44.39 -25.99
C GLY D 291 34.71 45.35 -24.85
N PHE D 292 33.50 45.27 -24.31
CA PHE D 292 33.13 46.10 -23.17
C PHE D 292 34.09 45.84 -22.02
N LEU D 293 34.53 44.59 -21.89
CA LEU D 293 35.49 44.22 -20.87
C LEU D 293 36.85 44.85 -21.17
N LEU D 294 37.31 44.68 -22.40
CA LEU D 294 38.55 45.30 -22.85
C LEU D 294 38.49 46.79 -22.48
N MET D 295 37.33 47.39 -22.69
CA MET D 295 37.10 48.79 -22.35
C MET D 295 37.23 49.02 -20.85
N LEU D 296 36.63 48.12 -20.06
CA LEU D 296 36.69 48.19 -18.60
C LEU D 296 38.10 48.06 -18.02
N LYS D 297 38.89 47.17 -18.59
CA LYS D 297 40.23 46.87 -18.09
C LYS D 297 40.98 48.18 -17.85
N TYR D 298 40.88 49.12 -18.79
CA TYR D 298 41.53 50.41 -18.65
C TYR D 298 40.70 51.50 -19.30
N PRO D 299 40.26 52.48 -18.50
CA PRO D 299 39.56 53.66 -19.02
C PRO D 299 40.58 54.52 -19.75
N HIS D 300 41.85 54.15 -19.64
CA HIS D 300 42.92 54.81 -20.39
C HIS D 300 42.50 54.94 -21.84
N VAL D 301 41.94 53.87 -22.39
CA VAL D 301 41.50 53.84 -23.78
C VAL D 301 40.14 54.52 -23.96
N THR D 302 39.17 54.10 -23.16
CA THR D 302 37.80 54.61 -23.28
C THR D 302 37.75 56.13 -23.19
N GLU D 303 38.78 56.73 -22.60
CA GLU D 303 38.86 58.18 -22.56
C GLU D 303 39.01 58.81 -23.93
N ARG D 304 40.10 58.46 -24.61
CA ARG D 304 40.35 58.97 -25.96
C ARG D 304 39.10 58.78 -26.82
N VAL D 305 38.62 57.55 -26.91
CA VAL D 305 37.47 57.22 -27.75
C VAL D 305 36.31 58.21 -27.55
N GLN D 306 36.03 58.55 -26.30
CA GLN D 306 34.99 59.52 -25.98
C GLN D 306 35.39 60.91 -26.45
N LYS D 307 36.63 61.29 -26.15
CA LYS D 307 37.17 62.58 -26.62
C LYS D 307 37.02 62.68 -28.13
N GLU D 308 37.43 61.63 -28.83
CA GLU D 308 37.29 61.58 -30.28
C GLU D 308 35.83 61.74 -30.71
N ILE D 309 34.92 61.12 -29.97
CA ILE D 309 33.49 61.36 -30.18
C ILE D 309 33.02 62.80 -30.16
N GLU D 310 33.38 63.51 -29.09
CA GLU D 310 32.96 64.89 -28.88
C GLU D 310 33.47 65.76 -30.03
N GLN D 311 34.67 65.45 -30.50
CA GLN D 311 35.30 66.21 -31.59
C GLN D 311 34.59 65.97 -32.92
N VAL D 312 34.20 64.72 -33.18
CA VAL D 312 33.63 64.35 -34.47
C VAL D 312 32.11 64.15 -34.45
N ILE D 313 31.55 63.97 -33.24
CA ILE D 313 30.12 63.73 -33.11
C ILE D 313 29.44 64.66 -32.12
N GLY D 314 30.18 65.09 -31.09
CA GLY D 314 29.57 65.84 -30.01
C GLY D 314 28.64 64.92 -29.25
N SER D 315 28.04 65.43 -28.18
CA SER D 315 27.14 64.59 -27.37
C SER D 315 25.67 64.68 -27.74
N HIS D 316 25.38 65.30 -28.89
CA HIS D 316 24.00 65.47 -29.31
C HIS D 316 23.52 64.78 -30.59
N ARG D 317 24.40 64.67 -31.58
CA ARG D 317 24.04 63.96 -32.82
C ARG D 317 24.23 62.46 -32.69
N PRO D 318 23.18 61.68 -33.03
CA PRO D 318 23.29 60.23 -33.07
C PRO D 318 24.32 59.80 -34.10
N PRO D 319 25.22 58.88 -33.73
CA PRO D 319 26.30 58.41 -34.61
C PRO D 319 25.78 57.72 -35.87
N ALA D 320 26.42 57.99 -37.00
CA ALA D 320 26.11 57.35 -38.27
C ALA D 320 27.36 56.70 -38.84
N LEU D 321 27.19 55.87 -39.86
CA LEU D 321 28.29 55.09 -40.45
C LEU D 321 29.49 55.97 -40.76
N ASP D 322 29.29 56.90 -41.68
CA ASP D 322 30.33 57.84 -42.12
C ASP D 322 31.17 58.43 -40.98
N ASP D 323 30.65 58.43 -39.77
CA ASP D 323 31.42 58.85 -38.61
C ASP D 323 32.73 58.08 -38.55
N ARG D 324 32.65 56.79 -38.84
CA ARG D 324 33.80 55.90 -38.73
C ARG D 324 34.97 56.33 -39.61
N ALA D 325 34.70 56.61 -40.88
CA ALA D 325 35.75 57.05 -41.80
C ALA D 325 36.37 58.35 -41.31
N LYS D 326 35.52 59.28 -40.86
CA LYS D 326 35.99 60.52 -40.28
C LYS D 326 36.35 60.31 -38.81
N MET D 327 36.55 59.06 -38.42
CA MET D 327 36.90 58.69 -37.04
C MET D 327 37.95 57.57 -37.04
N PRO D 328 39.24 57.94 -37.04
CA PRO D 328 40.37 57.02 -37.25
C PRO D 328 40.98 56.36 -36.00
N TYR D 329 40.76 56.89 -34.81
CA TYR D 329 41.28 56.24 -33.60
C TYR D 329 40.38 55.12 -33.07
N THR D 330 39.09 55.42 -32.92
CA THR D 330 38.11 54.43 -32.46
C THR D 330 38.13 53.23 -33.40
N ASP D 331 37.98 53.49 -34.70
CA ASP D 331 38.07 52.45 -35.71
C ASP D 331 39.35 51.64 -35.55
N ALA D 332 40.42 52.30 -35.11
CA ALA D 332 41.71 51.63 -34.94
C ALA D 332 41.88 51.09 -33.52
N VAL D 333 40.75 50.84 -32.85
CA VAL D 333 40.75 50.14 -31.58
C VAL D 333 39.58 49.17 -31.57
N ILE D 334 38.63 49.42 -32.47
CA ILE D 334 37.56 48.46 -32.71
C ILE D 334 38.18 47.20 -33.28
N HIS D 335 38.86 47.36 -34.42
CA HIS D 335 39.51 46.24 -35.07
C HIS D 335 40.33 45.43 -34.08
N GLU D 336 41.20 46.12 -33.35
CA GLU D 336 42.09 45.45 -32.40
C GLU D 336 41.38 44.65 -31.29
N ILE D 337 40.10 44.94 -31.08
CA ILE D 337 39.24 44.13 -30.22
C ILE D 337 39.07 42.67 -30.65
N GLN D 338 38.75 42.48 -31.92
CA GLN D 338 38.47 41.16 -32.46
C GLN D 338 39.76 40.40 -32.83
N ARG D 339 40.89 41.09 -32.71
CA ARG D 339 42.19 40.44 -32.79
C ARG D 339 42.50 39.79 -31.45
N LEU D 340 41.97 40.38 -30.38
CA LEU D 340 42.18 39.86 -29.04
C LEU D 340 41.05 38.92 -28.64
N GLY D 341 39.81 39.37 -28.81
CA GLY D 341 38.65 38.53 -28.59
C GLY D 341 38.84 37.19 -29.26
N ASP D 342 39.17 37.24 -30.55
CA ASP D 342 39.52 36.03 -31.29
C ASP D 342 38.37 35.02 -31.26
N LEU D 343 37.15 35.53 -31.37
CA LEU D 343 35.95 34.70 -31.33
C LEU D 343 36.12 33.37 -32.07
N ILE D 344 36.51 33.45 -33.33
CA ILE D 344 36.75 32.24 -34.13
C ILE D 344 38.25 32.05 -34.37
N PRO D 345 38.86 31.13 -33.63
CA PRO D 345 40.31 30.91 -33.58
C PRO D 345 40.84 30.09 -34.75
N PHE D 346 40.30 28.89 -34.92
CA PHE D 346 40.78 27.96 -35.94
C PHE D 346 39.96 28.09 -37.21
N GLY D 347 39.27 29.22 -37.32
CA GLY D 347 38.47 29.50 -38.51
C GLY D 347 37.56 28.35 -38.81
N VAL D 348 37.27 28.16 -40.09
CA VAL D 348 36.46 27.04 -40.50
C VAL D 348 37.31 26.05 -41.28
N PRO D 349 37.11 24.75 -41.00
CA PRO D 349 37.77 23.71 -41.79
C PRO D 349 37.55 23.94 -43.28
N HIS D 350 38.65 24.15 -43.99
CA HIS D 350 38.59 24.34 -45.43
C HIS D 350 39.10 23.11 -46.18
N THR D 351 38.51 22.87 -47.35
CA THR D 351 38.77 21.63 -48.07
C THR D 351 39.00 21.82 -49.58
N VAL D 352 40.23 21.63 -50.00
CA VAL D 352 40.68 21.84 -51.38
C VAL D 352 39.89 21.13 -52.48
N THR D 353 39.88 21.73 -53.68
CA THR D 353 39.15 21.18 -54.82
C THR D 353 39.98 20.43 -55.86
N LYS D 354 41.29 20.53 -55.71
CA LYS D 354 42.27 19.81 -56.52
C LYS D 354 43.59 19.91 -55.75
N ASP D 355 44.58 19.13 -56.15
CA ASP D 355 45.90 19.17 -55.50
C ASP D 355 46.51 20.60 -55.50
N THR D 356 47.40 20.86 -54.54
CA THR D 356 48.13 22.13 -54.50
C THR D 356 49.50 22.11 -53.78
N GLN D 357 50.21 23.23 -53.83
CA GLN D 357 51.63 23.24 -53.50
C GLN D 357 52.13 24.16 -52.38
N PHE D 358 51.23 24.57 -51.50
CA PHE D 358 51.54 25.54 -50.44
C PHE D 358 52.80 24.96 -49.78
N ARG D 359 53.88 25.72 -49.76
CA ARG D 359 55.16 25.25 -49.19
C ARG D 359 56.02 24.11 -49.71
N GLY D 360 55.82 23.65 -50.92
CA GLY D 360 56.59 22.56 -51.49
C GLY D 360 55.82 21.26 -51.55
N TYR D 361 54.96 21.06 -50.56
CA TYR D 361 54.18 19.83 -50.43
C TYR D 361 52.93 19.85 -51.31
N VAL D 362 52.28 18.69 -51.45
CA VAL D 362 51.07 18.59 -52.25
C VAL D 362 49.88 18.16 -51.39
N ILE D 363 48.68 18.51 -51.83
CA ILE D 363 47.46 18.22 -51.07
C ILE D 363 46.36 17.65 -51.96
N PRO D 364 46.17 16.33 -51.89
CA PRO D 364 45.15 15.63 -52.71
C PRO D 364 43.81 16.35 -52.67
N LYS D 365 43.10 16.36 -53.79
CA LYS D 365 41.79 16.99 -53.86
C LYS D 365 41.02 16.51 -52.63
N ASN D 366 40.25 17.41 -52.04
CA ASN D 366 39.40 17.10 -50.90
C ASN D 366 40.03 16.77 -49.54
N THR D 367 41.29 17.18 -49.35
CA THR D 367 41.89 17.11 -48.03
C THR D 367 41.29 18.24 -47.21
N GLU D 368 41.55 18.25 -45.90
CA GLU D 368 40.99 19.28 -45.02
C GLU D 368 42.07 20.24 -44.50
N VAL D 369 41.66 21.47 -44.19
CA VAL D 369 42.59 22.53 -43.84
C VAL D 369 42.05 23.36 -42.67
N PHE D 370 42.93 23.68 -41.73
CA PHE D 370 42.54 24.49 -40.57
C PHE D 370 43.30 25.81 -40.60
N PRO D 371 42.64 26.88 -41.04
CA PRO D 371 43.26 28.20 -41.02
C PRO D 371 43.31 28.50 -39.53
N VAL D 372 44.50 28.57 -38.95
CA VAL D 372 44.63 28.90 -37.54
C VAL D 372 44.84 30.42 -37.52
N LEU D 373 43.72 31.15 -37.56
CA LEU D 373 43.77 32.61 -37.52
C LEU D 373 44.23 33.23 -36.19
N SER D 374 43.87 32.57 -35.07
CA SER D 374 44.34 32.99 -33.75
C SER D 374 45.86 33.25 -33.77
N SER D 375 46.57 32.44 -34.54
CA SER D 375 48.01 32.62 -34.72
C SER D 375 48.37 33.90 -35.49
N ALA D 376 47.64 34.18 -36.55
CA ALA D 376 47.84 35.42 -37.31
C ALA D 376 47.68 36.66 -36.45
N LEU D 377 46.62 36.68 -35.64
CA LEU D 377 46.32 37.83 -34.80
C LEU D 377 47.33 37.97 -33.67
N HIS D 378 47.99 36.87 -33.34
CA HIS D 378 49.01 36.89 -32.29
C HIS D 378 50.41 36.82 -32.89
N ASP D 379 50.50 36.90 -34.22
CA ASP D 379 51.79 36.81 -34.89
C ASP D 379 52.72 37.95 -34.48
N PRO D 380 53.97 37.60 -34.18
CA PRO D 380 54.99 38.58 -33.78
C PRO D 380 55.36 39.58 -34.87
N ARG D 381 55.50 39.09 -36.10
CA ARG D 381 55.88 39.95 -37.21
C ARG D 381 54.90 41.05 -37.57
N TYR D 382 53.61 40.74 -37.57
CA TYR D 382 52.59 41.73 -37.93
C TYR D 382 52.05 42.53 -36.75
N PHE D 383 52.50 42.19 -35.55
CA PHE D 383 52.04 42.86 -34.34
C PHE D 383 53.12 42.80 -33.27
N GLU D 384 52.96 43.58 -32.22
CA GLU D 384 53.95 43.55 -31.14
C GLU D 384 53.77 42.71 -29.88
N THR D 385 52.67 42.89 -29.17
CA THR D 385 52.44 42.07 -27.96
C THR D 385 51.01 41.77 -28.24
N PRO D 386 50.75 40.50 -28.52
CA PRO D 386 49.39 40.04 -28.79
C PRO D 386 48.76 39.33 -27.59
N ASN D 387 49.53 39.18 -26.52
CA ASN D 387 48.96 38.71 -25.26
C ASN D 387 48.46 39.91 -24.47
N THR D 388 48.46 41.07 -25.13
CA THR D 388 47.87 42.30 -24.60
C THR D 388 47.25 43.07 -25.76
N PHE D 389 46.41 44.06 -25.44
CA PHE D 389 45.48 44.59 -26.45
C PHE D 389 45.82 45.97 -27.00
N ASN D 390 47.10 46.31 -27.07
CA ASN D 390 47.52 47.64 -27.53
C ASN D 390 46.84 48.05 -28.84
N PRO D 391 46.42 49.32 -28.92
CA PRO D 391 45.77 49.86 -30.12
C PRO D 391 46.79 50.23 -31.19
N GLY D 392 47.98 50.66 -30.79
CA GLY D 392 48.99 51.14 -31.72
C GLY D 392 49.32 50.20 -32.88
N HIS D 393 48.68 49.04 -32.91
CA HIS D 393 48.93 48.06 -33.96
C HIS D 393 48.35 48.39 -35.34
N PHE D 394 47.47 49.40 -35.39
CA PHE D 394 46.84 49.77 -36.65
C PHE D 394 46.95 51.26 -36.91
N LEU D 395 47.89 51.92 -36.26
CA LEU D 395 47.98 53.38 -36.35
C LEU D 395 49.42 53.86 -36.59
N ASP D 396 49.61 54.54 -37.71
CA ASP D 396 50.92 55.06 -38.08
C ASP D 396 51.20 56.38 -37.38
N ALA D 397 52.33 57.00 -37.73
CA ALA D 397 52.74 58.26 -37.14
C ALA D 397 51.67 59.36 -37.17
N ASN D 398 50.94 59.41 -38.27
CA ASN D 398 49.94 60.46 -38.46
C ASN D 398 48.69 60.27 -37.61
N GLY D 399 48.70 59.24 -36.77
CA GLY D 399 47.57 58.96 -35.89
C GLY D 399 46.32 58.59 -36.66
N ALA D 400 46.48 58.40 -37.96
CA ALA D 400 45.37 58.01 -38.82
C ALA D 400 45.35 56.49 -39.01
N LEU D 401 44.45 56.03 -39.87
CA LEU D 401 44.20 54.61 -40.03
C LEU D 401 45.09 53.99 -41.10
N LYS D 402 45.85 52.96 -40.71
CA LYS D 402 46.70 52.24 -41.65
C LYS D 402 46.41 50.75 -41.56
N ARG D 403 45.65 50.24 -42.52
CA ARG D 403 45.21 48.84 -42.53
C ARG D 403 46.35 47.85 -42.33
N ASN D 404 46.17 46.94 -41.38
CA ASN D 404 47.15 45.89 -41.12
C ASN D 404 46.67 44.55 -41.68
N GLU D 405 47.60 43.68 -42.01
CA GLU D 405 47.25 42.35 -42.54
C GLU D 405 47.68 41.21 -41.64
N GLY D 406 47.86 41.51 -40.35
CA GLY D 406 47.94 40.49 -39.33
C GLY D 406 46.55 40.39 -38.74
N PHE D 407 45.59 40.89 -39.53
CA PHE D 407 44.21 41.03 -39.11
C PHE D 407 43.19 40.25 -39.94
N MET D 408 42.81 39.08 -39.47
CA MET D 408 41.88 38.23 -40.21
C MET D 408 40.60 37.74 -39.54
N PRO D 409 40.11 38.44 -38.50
CA PRO D 409 39.00 37.92 -37.69
C PRO D 409 37.86 37.32 -38.51
N PHE D 410 37.56 37.89 -39.68
CA PHE D 410 36.49 37.39 -40.53
C PHE D 410 36.79 36.25 -41.51
N SER D 411 38.06 35.87 -41.58
CA SER D 411 38.57 34.88 -42.54
C SER D 411 39.40 35.75 -43.49
N LEU D 412 39.66 35.24 -44.70
CA LEU D 412 40.46 35.99 -45.68
C LEU D 412 39.78 35.77 -47.04
N GLY D 413 40.58 35.84 -48.10
CA GLY D 413 40.08 35.79 -49.46
C GLY D 413 39.30 34.53 -49.82
N LYS D 414 38.41 34.67 -50.80
CA LYS D 414 37.57 33.57 -51.30
C LYS D 414 36.43 33.26 -50.34
N ARG D 415 36.76 32.90 -49.10
CA ARG D 415 35.74 32.61 -48.09
C ARG D 415 35.67 33.73 -47.05
N ILE D 416 34.61 34.53 -47.10
CA ILE D 416 34.43 35.66 -46.21
C ILE D 416 32.96 35.88 -45.86
N CYS D 417 32.71 36.32 -44.64
CA CYS D 417 31.36 36.42 -44.10
C CYS D 417 30.38 37.20 -44.98
N LEU D 418 29.11 36.78 -44.94
CA LEU D 418 28.01 37.57 -45.48
C LEU D 418 27.76 38.71 -44.50
N GLY D 419 28.45 38.67 -43.36
CA GLY D 419 28.20 39.60 -42.28
C GLY D 419 29.38 40.47 -41.89
N GLU D 420 30.49 40.34 -42.59
CA GLU D 420 31.69 41.13 -42.29
C GLU D 420 31.33 42.61 -42.30
N GLY D 421 30.44 43.01 -43.21
CA GLY D 421 30.02 44.39 -43.30
C GLY D 421 29.06 44.78 -42.18
N ILE D 422 28.00 43.99 -42.02
CA ILE D 422 26.98 44.28 -41.01
C ILE D 422 27.55 44.19 -39.59
N ALA D 423 28.43 43.21 -39.37
CA ALA D 423 29.08 43.07 -38.07
C ALA D 423 29.88 44.32 -37.76
N ARG D 424 30.71 44.74 -38.70
CA ARG D 424 31.46 45.98 -38.56
C ARG D 424 30.53 47.12 -38.16
N THR D 425 29.54 47.38 -39.01
CA THR D 425 28.59 48.46 -38.78
C THR D 425 27.99 48.43 -37.36
N GLU D 426 27.50 47.27 -36.94
CA GLU D 426 26.89 47.15 -35.62
C GLU D 426 27.90 47.42 -34.51
N LEU D 427 29.12 46.92 -34.69
CA LEU D 427 30.17 47.13 -33.70
C LEU D 427 30.45 48.61 -33.49
N PHE D 428 30.53 49.36 -34.59
CA PHE D 428 30.82 50.78 -34.52
C PHE D 428 29.64 51.57 -33.95
N LEU D 429 28.44 51.22 -34.39
CA LEU D 429 27.24 51.95 -33.97
C LEU D 429 26.87 51.77 -32.49
N PHE D 430 27.11 50.58 -31.95
CA PHE D 430 26.78 50.32 -30.56
C PHE D 430 27.90 50.77 -29.61
N PHE D 431 29.15 50.63 -30.04
CA PHE D 431 30.28 51.05 -29.22
C PHE D 431 30.27 52.55 -28.96
N THR D 432 30.11 53.33 -30.03
CA THR D 432 30.09 54.78 -29.94
C THR D 432 28.84 55.28 -29.22
N THR D 433 27.67 54.81 -29.65
CA THR D 433 26.41 55.28 -29.11
C THR D 433 26.29 55.08 -27.59
N ILE D 434 26.86 53.98 -27.10
CA ILE D 434 26.81 53.69 -25.67
C ILE D 434 27.91 54.39 -24.89
N LEU D 435 29.13 54.39 -25.44
CA LEU D 435 30.24 55.07 -24.81
C LEU D 435 30.02 56.57 -24.78
N GLN D 436 29.11 57.04 -25.63
CA GLN D 436 28.76 58.45 -25.71
C GLN D 436 27.82 58.85 -24.57
N ASN D 437 26.85 57.97 -24.29
CA ASN D 437 25.77 58.29 -23.35
C ASN D 437 25.95 57.69 -21.95
N PHE D 438 27.09 57.04 -21.71
CA PHE D 438 27.32 56.42 -20.40
C PHE D 438 28.80 56.33 -20.00
N SER D 439 29.03 55.75 -18.81
CA SER D 439 30.36 55.50 -18.30
C SER D 439 30.36 54.06 -17.80
N ILE D 440 31.51 53.39 -17.90
CA ILE D 440 31.60 51.98 -17.53
C ILE D 440 32.14 51.81 -16.12
N ALA D 441 31.39 51.07 -15.30
CA ALA D 441 31.81 50.78 -13.94
C ALA D 441 31.83 49.28 -13.71
N SER D 442 32.66 48.83 -12.78
CA SER D 442 32.78 47.42 -12.47
C SER D 442 33.38 47.20 -11.08
N PRO D 443 32.92 46.17 -10.36
CA PRO D 443 33.38 45.86 -9.01
C PRO D 443 34.89 45.62 -8.92
N VAL D 444 35.50 45.29 -10.05
CA VAL D 444 36.94 45.02 -10.12
C VAL D 444 37.73 46.17 -10.76
N PRO D 445 38.77 46.65 -10.07
CA PRO D 445 39.69 47.68 -10.60
C PRO D 445 40.39 47.23 -11.87
N PRO D 446 40.79 48.20 -12.72
CA PRO D 446 41.44 48.03 -14.04
C PRO D 446 42.62 47.07 -14.06
N GLU D 447 43.66 47.39 -13.30
CA GLU D 447 44.92 46.65 -13.33
C GLU D 447 44.94 45.12 -13.28
N ASP D 448 43.89 44.52 -12.75
CA ASP D 448 43.85 43.08 -12.56
C ASP D 448 42.55 42.66 -13.23
N ILE D 449 42.56 42.65 -14.56
CA ILE D 449 41.41 42.19 -15.34
C ILE D 449 41.91 41.11 -16.30
N ASP D 450 41.21 39.97 -16.33
CA ASP D 450 41.65 38.86 -17.15
C ASP D 450 40.84 38.71 -18.44
N LEU D 451 41.56 38.60 -19.55
CA LEU D 451 40.94 38.50 -20.87
C LEU D 451 41.21 37.14 -21.52
N THR D 452 41.15 36.08 -20.73
CA THR D 452 41.42 34.73 -21.22
C THR D 452 40.15 33.99 -21.59
N PRO D 453 39.84 33.91 -22.90
CA PRO D 453 38.67 33.22 -23.41
C PRO D 453 38.69 31.72 -23.11
N ARG D 454 37.53 31.07 -23.26
CA ARG D 454 37.36 29.66 -22.94
C ARG D 454 37.45 28.80 -24.20
N GLU D 455 38.30 27.79 -24.17
CA GLU D 455 38.53 26.92 -25.33
C GLU D 455 37.30 26.09 -25.70
N SER D 456 36.46 25.82 -24.71
CA SER D 456 35.34 24.89 -24.87
C SER D 456 34.25 25.38 -25.82
N GLY D 457 33.29 24.51 -26.10
CA GLY D 457 32.21 24.78 -27.05
C GLY D 457 32.73 25.29 -28.38
N VAL D 458 32.40 26.54 -28.67
CA VAL D 458 32.80 27.20 -29.91
C VAL D 458 33.86 28.29 -29.78
N GLY D 459 34.82 28.27 -30.71
CA GLY D 459 35.93 29.20 -30.70
C GLY D 459 36.48 29.34 -29.31
N ASN D 460 36.60 30.58 -28.85
CA ASN D 460 36.90 30.85 -27.45
C ASN D 460 36.00 31.95 -26.85
N VAL D 461 35.07 31.54 -25.99
CA VAL D 461 34.21 32.48 -25.26
C VAL D 461 35.06 33.27 -24.26
N PRO D 462 34.97 34.60 -24.29
CA PRO D 462 35.65 35.48 -23.34
C PRO D 462 35.08 35.26 -21.95
N PRO D 463 35.73 35.81 -20.91
CA PRO D 463 35.28 35.70 -19.52
C PRO D 463 33.88 36.28 -19.31
N SER D 464 33.25 35.94 -18.19
CA SER D 464 31.97 36.53 -17.81
C SER D 464 32.15 37.57 -16.73
N TYR D 465 31.17 38.47 -16.59
CA TYR D 465 31.24 39.51 -15.58
C TYR D 465 29.95 40.32 -15.45
N GLN D 466 29.91 41.18 -14.44
CA GLN D 466 28.80 42.11 -14.26
C GLN D 466 29.31 43.54 -14.42
N ILE D 467 28.41 44.45 -14.77
CA ILE D 467 28.83 45.81 -15.08
C ILE D 467 27.78 46.88 -14.77
N ARG D 468 28.24 48.03 -14.30
CA ARG D 468 27.37 49.18 -14.09
C ARG D 468 27.45 50.11 -15.30
N PHE D 469 26.29 50.52 -15.81
CA PHE D 469 26.24 51.53 -16.85
C PHE D 469 25.75 52.86 -16.27
N LEU D 470 26.60 53.87 -16.33
CA LEU D 470 26.32 55.15 -15.67
C LEU D 470 25.96 56.27 -16.65
N ALA D 471 24.70 56.69 -16.63
CA ALA D 471 24.24 57.77 -17.48
C ALA D 471 25.12 59.01 -17.29
N ARG D 472 25.68 59.52 -18.38
CA ARG D 472 26.55 60.68 -18.32
C ARG D 472 25.76 61.98 -18.22
C1 GLC E . 23.04 -18.33 -3.80
C2 GLC E . 21.58 -18.72 -3.46
C3 GLC E . 21.17 -18.10 -2.11
C4 GLC E . 21.47 -16.59 -2.14
C5 GLC E . 22.96 -16.38 -2.36
C6 GLC E . 23.65 -15.53 -1.33
O2 GLC E . 20.67 -18.60 -4.49
O3 GLC E . 21.56 -18.78 -0.96
O4 GLC E . 20.61 -15.83 -2.91
O5 GLC E . 23.58 -17.63 -2.66
O6 GLC E . 23.65 -15.98 -0.02
C1 FRU E . 25.39 -17.51 -4.09
C2 FRU E . 24.61 -17.54 -5.37
C3 FRU E . 24.99 -18.60 -6.33
C4 FRU E . 24.38 -18.13 -7.64
C5 FRU E . 24.45 -16.59 -7.50
C6 FRU E . 23.43 -15.77 -8.24
O1 FRU E . 25.49 -18.69 -3.39
O2 FRU E . 23.22 -17.78 -5.05
O3 FRU E . 24.76 -19.92 -5.95
O4 FRU E . 24.88 -18.68 -8.79
O5 FRU E . 24.61 -16.33 -6.08
O6 FRU E . 23.77 -14.46 -8.53
C1 GLC F . 10.54 -19.75 29.32
C2 GLC F . 11.44 -20.58 30.26
C3 GLC F . 11.44 -19.95 31.67
C4 GLC F . 10.04 -19.38 31.96
C5 GLC F . 9.78 -18.21 31.02
C6 GLC F . 9.83 -16.84 31.64
O2 GLC F . 11.29 -21.96 30.20
O3 GLC F . 12.52 -19.14 31.99
O4 GLC F . 9.02 -20.29 32.10
O5 GLC F . 10.54 -18.39 29.80
O6 GLC F . 10.96 -16.52 32.36
C1 FRU F . 7.36 -20.30 27.79
C2 FRU F . 8.75 -19.75 27.82
C3 FRU F . 8.91 -18.27 27.95
C4 FRU F . 10.36 -18.05 27.53
C5 FRU F . 10.46 -19.08 26.38
C6 FRU F . 11.84 -19.47 25.91
O1 FRU F . 7.22 -21.61 27.38
O2 FRU F . 9.33 -20.32 29.00
O3 FRU F . 8.47 -17.66 29.12
O4 FRU F . 10.75 -16.76 27.28
O5 FRU F . 9.55 -20.14 26.73
O6 FRU F . 11.93 -20.11 24.69
C1 GLC G . -68.19 -15.43 18.28
C2 GLC G . -67.12 -14.32 18.26
C3 GLC G . -67.78 -12.96 18.60
C4 GLC G . -69.20 -13.23 19.08
C5 GLC G . -69.12 -14.28 20.19
C6 GLC G . -70.21 -14.27 21.21
O2 GLC G . -65.92 -14.60 18.89
O3 GLC G . -67.62 -11.93 17.68
O4 GLC G . -70.00 -12.13 19.32
O5 GLC G . -68.82 -15.54 19.58
O6 GLC G . -69.84 -14.02 22.53
C1 FRU G . -70.14 -16.38 17.41
C2 FRU G . -69.04 -17.39 17.55
C3 FRU G . -68.76 -18.25 16.37
C4 FRU G . -69.82 -19.33 16.57
C5 FRU G . -69.92 -19.43 18.11
C6 FRU G . -69.64 -20.79 18.72
O1 FRU G . -71.31 -16.78 16.79
O2 FRU G . -67.84 -16.64 17.71
O3 FRU G . -67.46 -18.66 16.18
O4 FRU G . -71.00 -19.18 15.88
O5 FRU G . -69.16 -18.30 18.61
O6 FRU G . -70.56 -21.30 19.63
C1 GLC H . 38.70 49.39 -44.70
C2 GLC H . 40.15 49.56 -44.21
C3 GLC H . 40.16 49.71 -42.66
C4 GLC H . 39.31 50.92 -42.25
C5 GLC H . 37.98 50.91 -43.00
C6 GLC H . 37.72 52.10 -43.88
O2 GLC H . 41.09 48.70 -44.75
O3 GLC H . 41.41 49.58 -42.06
O4 GLC H . 39.24 51.17 -40.89
O5 GLC H . 37.79 49.62 -43.61
O6 GLC H . 38.54 52.28 -44.99
C1 FRU H . 38.41 47.42 -43.34
C2 FRU H . 37.83 47.27 -44.73
C3 FRU H . 36.38 47.51 -44.92
C4 FRU H . 36.16 47.04 -46.35
C5 FRU H . 37.36 46.09 -46.62
C6 FRU H . 38.16 46.32 -47.88
O1 FRU H . 39.79 47.51 -43.23
O2 FRU H . 38.45 48.30 -45.51
O3 FRU H . 35.89 48.75 -44.57
O4 FRU H . 34.90 46.60 -46.69
O5 FRU H . 38.10 46.05 -45.37
O6 FRU H . 38.77 45.21 -48.46
CHA HEM I . 27.80 -7.84 -17.16
CHB HEM I . 25.31 -6.03 -13.41
CHC HEM I . 29.40 -5.71 -10.83
CHD HEM I . 31.97 -6.86 -14.80
C1A HEM I . 26.79 -7.36 -16.36
C2A HEM I . 25.40 -7.25 -16.77
C3A HEM I . 24.71 -6.76 -15.74
C4A HEM I . 25.62 -6.53 -14.65
CMA HEM I . 23.19 -6.45 -15.70
CAA HEM I . 24.88 -7.64 -18.16
CBA HEM I . 23.68 -8.57 -18.09
CGA HEM I . 23.48 -9.21 -19.43
O1A HEM I . 24.40 -9.07 -20.29
O2A HEM I . 22.44 -9.87 -19.64
C1B HEM I . 26.19 -5.81 -12.37
C2B HEM I . 25.83 -5.34 -11.06
C3B HEM I . 26.95 -5.24 -10.33
C4B HEM I . 28.06 -5.65 -11.17
CMB HEM I . 24.41 -5.00 -10.57
CAB HEM I . 27.00 -4.77 -8.87
CBB HEM I . 28.14 -4.72 -8.19
C1C HEM I . 30.44 -6.01 -11.67
C2C HEM I . 31.86 -6.05 -11.31
C3C HEM I . 32.56 -6.37 -12.39
C4C HEM I . 31.64 -6.53 -13.50
CMC HEM I . 32.45 -5.80 -9.91
CAC HEM I . 34.09 -6.53 -12.44
CBC HEM I . 34.69 -6.92 -13.57
C1D HEM I . 31.11 -7.31 -15.78
C2D HEM I . 31.52 -7.93 -17.01
C3D HEM I . 30.22 -8.26 -17.76
C4D HEM I . 29.15 -7.78 -16.90
CMD HEM I . 32.95 -8.24 -17.51
CAD HEM I . 30.15 -8.94 -19.15
CBD HEM I . 28.92 -9.82 -19.35
CGD HEM I . 29.24 -10.81 -20.43
O1D HEM I . 30.22 -11.58 -20.25
O2D HEM I . 28.52 -10.85 -21.46
NA HEM I . 26.89 -6.92 -15.06
NB HEM I . 27.55 -5.99 -12.42
NC HEM I . 30.36 -6.30 -13.02
ND HEM I . 29.72 -7.23 -15.75
FE HEM I . 28.66 -6.45 -14.13
C1 TB2 J . 27.37 -1.81 -13.41
O1 TB2 J . 27.44 -3.02 -13.45
C2 TB2 J . 27.06 -1.02 -14.66
C3 TB2 J . 27.47 -1.80 -15.88
C4 TB2 J . 26.76 -2.93 -16.29
C5 TB2 J . 27.14 -3.63 -17.42
C6 TB2 J . 28.25 -3.22 -18.15
C7 TB2 J . 28.96 -2.10 -17.75
C8 TB2 J . 28.57 -1.39 -16.62
C9 TB2 J . 28.70 -3.97 -19.38
C10 TB2 J . 27.73 -5.11 -19.64
C11 TB2 J . 28.71 -3.01 -20.56
C12 TB2 J . 30.10 -4.50 -19.13
C7 CM5 K . 43.17 -7.86 -20.24
C8 CM5 K . 44.29 -6.99 -19.68
C9 CM5 K . 44.63 -7.39 -18.25
C10 CM5 K . 43.82 -8.61 -17.82
C11 CM5 K . 43.99 -9.74 -18.84
C6 CM5 K . 43.57 -9.32 -20.23
C5 CM5 K . 42.39 -10.18 -20.68
C4 CM5 K . 42.52 -10.58 -22.15
C3 CM5 K . 41.39 -11.52 -22.56
C2 CM5 K . 41.92 -12.85 -23.05
C1 CM5 K . 42.42 -12.74 -24.48
O12 CM5 K . 43.18 -13.92 -24.78
C13 CM5 K . 43.58 -14.00 -26.15
C18 CM5 K . 44.87 -13.17 -26.32
O22 CM5 K . 44.51 -11.79 -26.41
C17 CM5 K . 45.71 -13.52 -27.55
O21 CM5 K . 47.04 -13.03 -27.34
O14 CM5 K . 43.82 -15.37 -26.42
C15 CM5 K . 44.34 -15.61 -27.73
C19 CM5 K . 44.34 -17.10 -28.00
O20 CM5 K . 44.60 -17.80 -26.76
C16 CM5 K . 45.75 -15.03 -27.83
O23 CM5 K . 46.23 -15.26 -29.15
C24 CM5 K . 47.65 -15.14 -29.25
C7 CM5 L . 37.93 -11.43 -10.79
C8 CM5 L . 38.59 -10.05 -10.75
C9 CM5 L . 38.60 -9.39 -12.13
C10 CM5 L . 37.19 -9.34 -12.70
C11 CM5 L . 36.56 -10.72 -12.74
C6 CM5 L . 36.51 -11.31 -11.33
C5 CM5 L . 35.83 -12.68 -11.35
C4 CM5 L . 36.52 -13.61 -12.34
C3 CM5 L . 35.49 -14.49 -13.05
C2 CM5 L . 35.52 -15.93 -12.57
C1 CM5 L . 35.37 -16.05 -11.06
O12 CM5 L . 35.20 -17.43 -10.73
C13 CM5 L . 35.98 -17.82 -9.61
C18 CM5 L . 35.07 -18.12 -8.42
O22 CM5 L . 35.80 -18.01 -7.18
C17 CM5 L . 34.41 -19.49 -8.50
O21 CM5 L . 33.39 -19.48 -9.52
O14 CM5 L . 36.77 -18.95 -9.99
C15 CM5 L . 36.80 -20.03 -9.07
C19 CM5 L . 37.71 -21.10 -9.66
O20 CM5 L . 37.30 -21.34 -11.01
C16 CM5 L . 35.41 -20.59 -8.82
O23 CM5 L . 35.45 -21.49 -7.71
C24 CM5 L . 34.39 -22.45 -7.74
O25 CM5 L . 34.75 -23.48 -8.67
C26 CM5 L . 34.97 -24.84 -8.24
C30 CM5 L . 33.75 -25.70 -8.56
O31 CM5 L . 34.02 -26.46 -9.73
C27 CM5 L . 35.41 -25.05 -6.78
O32 CM5 L . 36.74 -25.59 -6.77
C28 CM5 L . 35.38 -23.78 -5.94
O33 CM5 L . 35.34 -24.12 -4.55
C29 CM5 L . 34.17 -22.98 -6.33
O34 CM5 L . 33.98 -21.89 -5.42
CHA HEM M . -4.68 -19.46 20.57
CHB HEM M . -4.74 -18.81 25.39
CHC HEM M . -3.36 -14.18 24.76
CHD HEM M . -4.32 -14.62 20.03
C1A HEM M . -4.81 -19.68 21.92
C2A HEM M . -5.20 -20.92 22.54
C3A HEM M . -5.21 -20.75 23.86
C4A HEM M . -4.84 -19.39 24.14
CMA HEM M . -5.56 -21.82 24.92
CAA HEM M . -5.52 -22.22 21.75
CBA HEM M . -4.44 -23.26 22.01
CGA HEM M . -4.75 -24.49 21.22
O1A HEM M . -5.39 -24.38 20.15
O2A HEM M . -4.33 -25.60 21.66
C1B HEM M . -4.31 -17.52 25.64
C2B HEM M . -4.02 -16.96 26.95
C3B HEM M . -3.65 -15.70 26.79
C4B HEM M . -3.68 -15.39 25.37
CMB HEM M . -4.13 -17.71 28.29
CAB HEM M . -3.26 -14.76 27.96
CBB HEM M . -2.95 -13.48 27.75
C1C HEM M . -3.46 -13.90 23.42
C2C HEM M . -3.08 -12.67 22.75
C3C HEM M . -3.34 -12.80 21.44
C4C HEM M . -3.91 -14.10 21.23
CMC HEM M . -2.46 -11.43 23.45
CAC HEM M . -3.12 -11.78 20.31
CBC HEM M . -2.73 -10.52 20.56
C1D HEM M . -4.42 -15.95 19.70
C2D HEM M . -4.46 -16.47 18.36
C3D HEM M . -4.56 -17.99 18.51
C4D HEM M . -4.58 -18.23 19.94
CMD HEM M . -4.40 -15.66 17.04
CAD HEM M . -4.64 -19.00 17.34
CBD HEM M . -3.92 -20.30 17.64
CGD HEM M . -3.35 -20.81 16.33
O1D HEM M . -2.58 -20.07 15.69
O2D HEM M . -3.67 -21.97 15.96
NA HEM M . -4.60 -18.75 22.93
NB HEM M . -4.10 -16.52 24.70
NC HEM M . -3.97 -14.76 22.46
ND HEM M . -4.50 -17.00 20.60
FE HEM M . -4.35 -16.75 22.67
C1 TB2 N . -8.46 -15.65 25.54
O1 TB2 N . -7.40 -15.91 24.97
C2 TB2 N . -9.78 -16.08 24.93
C3 TB2 N . -9.60 -16.67 23.54
C4 TB2 N . -10.49 -16.36 22.53
C5 TB2 N . -10.33 -16.89 21.26
C6 TB2 N . -9.29 -17.78 21.00
C7 TB2 N . -8.40 -18.11 22.01
C8 TB2 N . -8.56 -17.57 23.28
C9 TB2 N . -9.11 -18.37 19.63
C10 TB2 N . -10.48 -18.53 18.99
C11 TB2 N . -8.25 -17.41 18.82
C12 TB2 N . -8.43 -19.72 19.75
C7 CM5 O . -4.65 -9.13 9.45
C8 CM5 O . -4.65 -8.04 10.52
C9 CM5 O . -4.91 -6.67 9.91
C10 CM5 O . -3.80 -6.32 8.94
C11 CM5 O . -2.92 -7.52 8.65
C6 CM5 O . -3.76 -8.74 8.28
C5 CM5 O . -2.84 -9.92 7.94
C4 CM5 O . -3.65 -11.18 7.72
C3 CM5 O . -3.55 -11.68 6.28
C2 CM5 O . -2.31 -12.53 6.07
C1 CM5 O . -2.41 -13.33 4.77
O12 CM5 O . -1.72 -12.67 3.72
C13 CM5 O . -1.76 -13.41 2.51
C18 CM5 O . -2.92 -12.91 1.67
O22 CM5 O . -4.15 -13.31 2.28
C17 CM5 O . -2.92 -13.40 0.21
O21 CM5 O . -3.47 -12.37 -0.62
O14 CM5 O . -0.55 -13.19 1.78
C15 CM5 O . -0.47 -14.10 0.69
C19 CM5 O . 0.91 -14.05 0.06
O20 CM5 O . 0.97 -12.95 -0.85
C16 CM5 O . -1.55 -13.82 -0.35
O23 CM5 O . -1.71 -15.01 -1.12
C24 CM5 O . -2.66 -14.87 -2.19
O25 CM5 O . -2.15 -13.93 -3.13
C26 CM5 O . -0.99 -14.35 -3.86
C30 CM5 O . -0.65 -13.29 -4.91
O31 CM5 O . 0.60 -13.59 -5.52
C27 CM5 O . -1.16 -15.72 -4.50
O32 CM5 O . 0.11 -16.16 -5.00
C28 CM5 O . -1.67 -16.76 -3.51
O33 CM5 O . -1.99 -17.96 -4.21
C29 CM5 O . -2.92 -16.23 -2.82
O34 CM5 O . -3.32 -17.16 -1.80
C7 CM5 P . 2.12 -9.28 17.23
C8 CM5 P . 0.85 -8.75 16.56
C9 CM5 P . -0.28 -8.64 17.57
C10 CM5 P . -0.54 -9.99 18.22
C11 CM5 P . 0.43 -11.03 17.67
C6 CM5 P . 1.87 -10.62 17.92
C5 CM5 P . 2.81 -11.66 17.34
C4 CM5 P . 4.21 -11.48 17.92
C3 CM5 P . 5.19 -12.49 17.34
C2 CM5 P . 6.35 -12.76 18.30
C1 CM5 P . 7.02 -11.46 18.74
O12 CM5 P . 8.34 -11.76 19.23
C13 CM5 P . 9.24 -10.72 18.84
C18 CM5 P . 10.19 -10.38 20.00
O22 CM5 P . 10.16 -8.97 20.23
C17 CM5 P . 11.63 -10.83 19.74
O21 CM5 P . 11.71 -12.26 19.83
O14 CM5 P . 9.99 -11.21 17.73
C15 CM5 P . 11.03 -10.31 17.35
C19 CM5 P . 11.51 -10.73 15.96
O20 CM5 P . 10.38 -11.24 15.24
C16 CM5 P . 12.16 -10.38 18.38
O23 CM5 P . 12.74 -9.09 18.48
C24 CM5 P . 13.92 -9.04 19.30
O25 CM5 P . 15.06 -9.27 18.47
C26 CM5 P . 16.33 -9.21 19.13
C30 CM5 P . 16.92 -10.61 19.21
O31 CM5 P . 16.84 -11.25 17.93
C27 CM5 P . 16.20 -8.60 20.53
O32 CM5 P . 17.50 -8.28 21.02
C28 CM5 P . 15.36 -7.35 20.50
O33 CM5 P . 15.24 -6.81 21.82
C29 CM5 P . 13.97 -7.66 19.93
O34 CM5 P . 13.63 -6.66 18.95
CHA HEM Q . -53.12 -20.65 16.38
CHB HEM Q . -53.81 -16.72 19.12
CHC HEM Q . -55.11 -19.59 22.80
CHD HEM Q . -53.46 -23.46 20.36
C1A HEM Q . -53.15 -19.34 16.81
C2A HEM Q . -52.71 -18.19 16.06
C3A HEM Q . -52.90 -17.10 16.81
C4A HEM Q . -53.46 -17.52 18.07
CMA HEM Q . -52.57 -15.65 16.40
CAA HEM Q . -52.12 -18.24 14.63
CBA HEM Q . -53.20 -17.81 13.63
CGA HEM Q . -52.90 -18.46 12.31
O1A HEM Q . -52.05 -19.40 12.29
O2A HEM Q . -53.50 -18.05 11.30
C1B HEM Q . -54.28 -17.14 20.34
C2B HEM Q . -54.79 -16.29 21.38
C3B HEM Q . -55.14 -17.07 22.41
C4B HEM Q . -54.88 -18.46 22.05
CMB HEM Q . -54.89 -14.75 21.33
CAB HEM Q . -55.74 -16.52 23.72
CBB HEM Q . -56.03 -17.32 24.74
C1C HEM Q . -54.82 -20.88 22.45
C2C HEM Q . -55.17 -22.09 23.20
C3C HEM Q . -54.71 -23.15 22.54
C4C HEM Q . -54.06 -22.68 21.33
CMC HEM Q . -55.91 -22.13 24.56
CAC HEM Q . -54.87 -24.61 23.01
CBC HEM Q . -54.30 -25.62 22.33
C1D HEM Q . -53.24 -23.10 19.05
C2D HEM Q . -52.80 -23.97 17.98
C3D HEM Q . -52.68 -23.08 16.74
C4D HEM Q . -53.07 -21.76 17.18
CMD HEM Q . -52.50 -25.48 18.07
CAD HEM Q . -52.25 -23.48 15.31
CBD HEM Q . -53.45 -24.05 14.55
CGD HEM Q . -53.19 -23.91 13.08
O1D HEM Q . -53.92 -24.54 12.27
O2D HEM Q . -52.23 -23.18 12.71
NA HEM Q . -53.61 -18.90 18.04
NB HEM Q . -54.34 -18.45 20.76
NC HEM Q . -54.15 -21.30 21.31
ND HEM Q . -53.38 -21.81 18.53
FE HEM Q . -53.73 -20.12 19.70
C1 TB2 R . -50.26 -17.71 22.36
O1 TB2 R . -51.15 -18.33 21.81
C2 TB2 R . -48.86 -17.70 21.77
C3 TB2 R . -48.77 -18.62 20.57
C4 TB2 R . -47.84 -19.66 20.57
C5 TB2 R . -47.74 -20.50 19.48
C6 TB2 R . -48.57 -20.32 18.38
C7 TB2 R . -49.50 -19.28 18.37
C8 TB2 R . -49.60 -18.43 19.47
C9 TB2 R . -48.46 -21.24 17.21
C10 TB2 R . -47.03 -21.73 17.10
C11 TB2 R . -49.39 -22.43 17.43
C12 TB2 R . -48.86 -20.49 15.94
CHA HEM S . 31.60 33.01 -42.60
CHB HEM S . 33.30 35.08 -38.56
CHC HEM S . 29.31 37.80 -38.15
CHD HEM S . 27.25 34.91 -41.47
C1A HEM S . 32.46 33.43 -41.62
C2A HEM S . 33.89 33.20 -41.54
C3A HEM S . 34.35 33.78 -40.43
C4A HEM S . 33.24 34.38 -39.75
CMA HEM S . 35.82 33.79 -39.96
CAA HEM S . 34.75 32.45 -42.58
CBA HEM S . 34.33 30.98 -42.64
CGA HEM S . 35.12 30.30 -43.72
O1A HEM S . 35.98 30.97 -44.35
O2A HEM S . 34.89 29.09 -43.96
C1B HEM S . 32.42 36.07 -38.16
C2B HEM S . 32.72 37.15 -37.25
C3B HEM S . 31.62 37.91 -37.13
C4B HEM S . 30.59 37.32 -37.98
CMB HEM S . 34.08 37.37 -36.55
CAB HEM S . 31.43 39.19 -36.27
CBB HEM S . 32.41 39.67 -35.50
C1C HEM S . 28.42 37.28 -39.07
C2C HEM S . 27.16 37.87 -39.47
C3C HEM S . 26.61 37.08 -40.39
C4C HEM S . 27.48 35.96 -40.60
CMC HEM S . 26.56 39.20 -38.95
CAC HEM S . 25.25 37.31 -41.10
CBC HEM S . 24.95 36.58 -42.18
C1D HEM S . 28.20 34.12 -42.08
C2D HEM S . 27.92 33.13 -43.09
C3D HEM S . 29.28 32.54 -43.46
C4D HEM S . 30.24 33.23 -42.62
CMD HEM S . 26.54 32.76 -43.69
CAD HEM S . 29.56 31.41 -44.49
CBD HEM S . 29.96 32.05 -45.82
CGD HEM S . 31.19 31.38 -46.33
O1D HEM S . 31.60 31.68 -47.49
O2D HEM S . 31.81 30.59 -45.58
NA HEM S . 32.10 34.16 -40.50
NB HEM S . 31.13 36.21 -38.59
NC HEM S . 28.59 36.11 -39.78
ND HEM S . 29.56 34.15 -41.83
FE HEM S . 30.37 35.24 -40.26
C1 TB2 T . 30.32 33.79 -35.23
O1 TB2 T . 30.71 33.94 -36.44
C2 TB2 T . 30.16 32.29 -35.06
C3 TB2 T . 29.62 31.69 -36.34
C4 TB2 T . 30.33 31.75 -37.52
C5 TB2 T . 29.82 31.19 -38.68
C6 TB2 T . 28.58 30.57 -38.66
C7 TB2 T . 27.85 30.50 -37.48
C8 TB2 T . 28.38 31.06 -36.32
C9 TB2 T . 28.02 29.96 -39.92
C10 TB2 T . 28.89 30.37 -41.10
C11 TB2 T . 28.02 28.45 -39.78
C12 TB2 T . 26.59 30.46 -40.11
C7 CM5 U . 21.38 41.64 -43.09
C8 CM5 U . 21.55 40.53 -42.06
C9 CM5 U . 20.19 40.06 -41.56
C10 CM5 U . 19.34 39.57 -42.72
C11 CM5 U . 19.18 40.67 -43.76
C6 CM5 U . 20.53 41.17 -44.27
C5 CM5 U . 20.30 42.33 -45.22
C4 CM5 U . 21.63 42.87 -45.76
C3 CM5 U . 21.41 43.91 -46.84
C2 CM5 U . 22.72 44.29 -47.50
C1 CM5 U . 23.19 45.69 -47.08
O12 CM5 U . 22.43 46.66 -47.78
C13 CM5 U . 23.06 47.93 -47.85
C18 CM5 U . 24.10 47.92 -48.96
O22 CM5 U . 25.12 46.95 -48.69
C17 CM5 U . 24.74 49.28 -49.12
O21 CM5 U . 25.66 49.25 -50.23
O14 CM5 U . 22.06 48.89 -48.19
C15 CM5 U . 22.50 50.24 -48.40
C19 CM5 U . 21.31 51.03 -48.93
O20 CM5 U . 21.68 52.39 -49.19
C16 CM5 U . 23.69 50.36 -49.36
O23 CM5 U . 24.30 51.63 -49.14
C24 CM5 U . 24.66 52.31 -50.34
O25 CM5 U . 23.48 52.45 -51.14
C26 CM5 U . 23.63 53.20 -52.35
C30 CM5 U . 23.38 52.28 -53.54
O31 CM5 U . 23.05 53.06 -54.70
C27 CM5 U . 25.01 53.83 -52.45
O32 CM5 U . 25.04 54.74 -53.55
C28 CM5 U . 25.34 54.60 -51.17
O33 CM5 U . 26.66 55.12 -51.25
C29 CM5 U . 25.22 53.67 -49.96
O34 CM5 U . 24.37 54.27 -48.97
#